data_7OFN
#
_entry.id   7OFN
#
_entity_poly.entity_id   1
_entity_poly.type   'polypeptide(L)'
_entity_poly.pdbx_seq_one_letter_code
;GSATNASKRQAIDASVDATLSRLYSTVRGSRELVAKSRGVLVFPDVIQAGLIIGGQTGNGALRVGGATVGYYNTSSLSVG
LQAGAQSKAIVFLFMTQDALDKFRNSDGWAAGADASVALVKMGANGAIDTTTATAPVEVIVLTNAGLMGDVSISGTKVTK
LKI
;
_entity_poly.pdbx_strand_id   A
#
# COMPACT_ATOMS: atom_id res chain seq x y z
N GLY A 1 12.91 20.28 -14.10
CA GLY A 1 13.13 19.50 -12.87
C GLY A 1 11.96 18.59 -12.56
N SER A 2 12.19 17.57 -11.73
CA SER A 2 11.15 16.64 -11.32
C SER A 2 10.52 15.93 -12.52
N ALA A 3 11.35 15.61 -13.51
CA ALA A 3 10.86 14.97 -14.72
C ALA A 3 11.83 13.90 -15.21
N THR A 4 12.58 13.31 -14.28
CA THR A 4 13.53 12.26 -14.62
C THR A 4 13.28 11.03 -13.76
N ASN A 5 13.97 9.92 -14.06
CA ASN A 5 13.76 8.68 -13.34
C ASN A 5 14.08 8.86 -11.85
N ALA A 6 15.17 9.57 -11.57
CA ALA A 6 15.63 9.77 -10.20
C ALA A 6 14.68 10.64 -9.40
N SER A 7 14.14 11.69 -10.03
CA SER A 7 13.23 12.60 -9.33
C SER A 7 11.89 11.92 -9.04
N LYS A 8 11.46 11.04 -9.94
CA LYS A 8 10.21 10.33 -9.74
C LYS A 8 10.37 9.34 -8.59
N ARG A 9 11.51 8.66 -8.59
CA ARG A 9 11.87 7.75 -7.51
C ARG A 9 11.91 8.47 -6.17
N GLN A 10 12.52 9.65 -6.16
CA GLN A 10 12.68 10.42 -4.94
C GLN A 10 11.32 10.79 -4.36
N ALA A 11 10.42 11.23 -5.23
CA ALA A 11 9.09 11.66 -4.82
C ALA A 11 8.31 10.48 -4.21
N ILE A 12 8.39 9.33 -4.86
CA ILE A 12 7.65 8.16 -4.42
C ILE A 12 8.21 7.61 -3.11
N ASP A 13 9.54 7.42 -3.08
CA ASP A 13 10.20 6.72 -1.98
C ASP A 13 10.09 7.51 -0.67
N ALA A 14 10.28 8.82 -0.78
CA ALA A 14 10.21 9.69 0.39
C ALA A 14 8.79 9.79 0.92
N SER A 15 7.82 9.82 0.00
CA SER A 15 6.42 9.91 0.37
C SER A 15 5.99 8.62 1.08
N VAL A 16 6.59 7.50 0.68
CA VAL A 16 6.31 6.21 1.31
C VAL A 16 6.72 6.24 2.78
N ASP A 17 7.94 6.69 3.04
CA ASP A 17 8.45 6.79 4.40
C ASP A 17 7.55 7.70 5.24
N ALA A 18 7.21 8.84 4.68
CA ALA A 18 6.37 9.82 5.38
C ALA A 18 4.99 9.25 5.68
N THR A 19 4.41 8.59 4.69
CA THR A 19 3.08 8.00 4.83
C THR A 19 3.09 6.86 5.85
N LEU A 20 4.14 6.06 5.81
CA LEU A 20 4.25 4.90 6.67
C LEU A 20 4.44 5.34 8.12
N SER A 21 5.19 6.43 8.30
CA SER A 21 5.43 6.99 9.62
C SER A 21 4.12 7.49 10.23
N ARG A 22 3.25 8.03 9.40
CA ARG A 22 1.95 8.50 9.88
C ARG A 22 1.09 7.33 10.32
N LEU A 23 1.24 6.19 9.63
CA LEU A 23 0.49 5.00 9.96
C LEU A 23 0.85 4.49 11.35
N TYR A 24 2.15 4.44 11.64
CA TYR A 24 2.63 3.92 12.91
C TYR A 24 2.23 4.81 14.07
N SER A 25 2.24 6.11 13.85
CA SER A 25 1.92 7.08 14.89
C SER A 25 0.41 7.20 15.07
N THR A 26 -0.35 6.87 14.04
CA THR A 26 -1.80 6.92 14.10
C THR A 26 -2.40 5.60 14.60
N VAL A 27 -1.89 4.49 14.08
CA VAL A 27 -2.46 3.18 14.38
C VAL A 27 -1.46 2.30 15.12
N ARG A 28 -1.81 1.91 16.33
CA ARG A 28 -0.98 1.01 17.13
C ARG A 28 -1.01 -0.42 16.60
N GLY A 29 0.14 -1.08 16.62
CA GLY A 29 0.20 -2.49 16.24
C GLY A 29 0.60 -2.69 14.80
N SER A 30 0.47 -1.64 14.01
CA SER A 30 0.80 -1.69 12.59
C SER A 30 2.26 -2.09 12.38
N ARG A 31 3.15 -1.53 13.20
CA ARG A 31 4.58 -1.74 13.04
C ARG A 31 4.94 -3.21 13.19
N GLU A 32 4.35 -3.87 14.19
CA GLU A 32 4.65 -5.26 14.47
C GLU A 32 4.19 -6.16 13.33
N LEU A 33 3.01 -5.85 12.78
CA LEU A 33 2.47 -6.61 11.67
C LEU A 33 3.35 -6.45 10.43
N VAL A 34 3.87 -5.24 10.25
CA VAL A 34 4.78 -4.96 9.14
C VAL A 34 6.08 -5.76 9.29
N ALA A 35 6.55 -5.88 10.52
CA ALA A 35 7.74 -6.67 10.82
C ALA A 35 7.49 -8.15 10.51
N LYS A 36 6.24 -8.57 10.71
CA LYS A 36 5.80 -9.93 10.38
C LYS A 36 5.75 -10.13 8.86
N SER A 37 5.69 -9.02 8.14
CA SER A 37 5.65 -9.07 6.69
C SER A 37 7.06 -9.15 6.11
N ARG A 38 7.19 -9.84 4.99
CA ARG A 38 8.46 -9.95 4.29
C ARG A 38 8.71 -8.69 3.48
N GLY A 39 7.62 -8.12 2.99
CA GLY A 39 7.71 -6.88 2.25
C GLY A 39 6.47 -6.05 2.42
N VAL A 40 6.61 -4.74 2.32
CA VAL A 40 5.48 -3.83 2.50
C VAL A 40 5.40 -2.83 1.36
N LEU A 41 4.22 -2.74 0.76
CA LEU A 41 3.97 -1.78 -0.30
C LEU A 41 3.00 -0.71 0.18
N VAL A 42 3.44 0.54 0.12
CA VAL A 42 2.59 1.65 0.56
C VAL A 42 2.19 2.51 -0.63
N PHE A 43 0.90 2.81 -0.72
CA PHE A 43 0.36 3.68 -1.76
C PHE A 43 -0.05 5.04 -1.19
N PRO A 44 0.82 6.05 -1.28
CA PRO A 44 0.50 7.42 -0.90
C PRO A 44 -0.26 8.13 -2.01
N ASP A 45 -1.51 7.76 -2.21
CA ASP A 45 -2.36 8.41 -3.21
C ASP A 45 -2.76 9.79 -2.73
N VAL A 46 -1.98 10.78 -3.11
CA VAL A 46 -2.26 12.16 -2.73
C VAL A 46 -2.90 12.91 -3.89
N ILE A 47 -4.15 13.30 -3.70
CA ILE A 47 -4.90 13.95 -4.76
C ILE A 47 -5.42 15.30 -4.31
N GLN A 48 -5.63 16.18 -5.27
CA GLN A 48 -6.21 17.49 -5.01
C GLN A 48 -7.57 17.57 -5.70
N ALA A 49 -8.42 18.48 -5.25
CA ALA A 49 -9.77 18.58 -5.78
C ALA A 49 -9.80 19.36 -7.08
N GLY A 50 -9.22 18.77 -8.12
CA GLY A 50 -9.19 19.42 -9.42
C GLY A 50 -7.80 19.37 -10.03
N LEU A 51 -6.79 19.60 -9.22
CA LEU A 51 -5.41 19.58 -9.69
C LEU A 51 -4.82 18.17 -9.58
N ILE A 52 -4.34 17.66 -10.70
CA ILE A 52 -3.76 16.33 -10.73
C ILE A 52 -2.25 16.42 -10.55
N ILE A 53 -1.75 15.78 -9.51
CA ILE A 53 -0.33 15.81 -9.20
C ILE A 53 0.45 14.87 -10.13
N GLY A 54 1.14 15.46 -11.10
CA GLY A 54 1.96 14.69 -12.02
C GLY A 54 1.16 14.00 -13.10
N GLY A 55 0.20 13.18 -12.70
CA GLY A 55 -0.62 12.46 -13.64
C GLY A 55 -1.15 11.19 -13.01
N GLN A 56 -0.25 10.42 -12.42
CA GLN A 56 -0.62 9.24 -11.66
C GLN A 56 -0.28 9.47 -10.20
N THR A 57 -1.27 9.39 -9.34
CA THR A 57 -1.06 9.62 -7.92
C THR A 57 -0.96 8.30 -7.17
N GLY A 58 -1.38 7.23 -7.84
CA GLY A 58 -1.33 5.91 -7.26
C GLY A 58 0.04 5.28 -7.45
N ASN A 59 1.05 5.93 -6.89
CA ASN A 59 2.43 5.45 -6.98
C ASN A 59 2.91 4.99 -5.62
N GLY A 60 3.60 3.86 -5.58
CA GLY A 60 4.07 3.32 -4.32
C GLY A 60 5.40 2.60 -4.46
N ALA A 61 5.95 2.19 -3.34
CA ALA A 61 7.24 1.51 -3.33
C ALA A 61 7.20 0.26 -2.46
N LEU A 62 7.85 -0.79 -2.92
CA LEU A 62 7.93 -2.02 -2.14
C LEU A 62 9.20 -2.00 -1.29
N ARG A 63 9.01 -2.01 0.01
CA ARG A 63 10.12 -1.99 0.94
C ARG A 63 10.37 -3.39 1.48
N VAL A 64 11.50 -3.98 1.11
CA VAL A 64 11.85 -5.31 1.56
C VAL A 64 13.16 -5.27 2.33
N GLY A 65 13.12 -5.66 3.60
CA GLY A 65 14.31 -5.68 4.42
C GLY A 65 14.91 -4.29 4.61
N GLY A 66 14.04 -3.28 4.61
CA GLY A 66 14.49 -1.91 4.82
C GLY A 66 14.88 -1.22 3.54
N ALA A 67 14.99 -1.97 2.45
CA ALA A 67 15.43 -1.41 1.17
C ALA A 67 14.34 -1.57 0.13
N THR A 68 14.11 -0.52 -0.64
CA THR A 68 13.14 -0.56 -1.72
C THR A 68 13.68 -1.43 -2.86
N VAL A 69 12.93 -2.46 -3.23
CA VAL A 69 13.38 -3.40 -4.24
C VAL A 69 12.68 -3.13 -5.57
N GLY A 70 11.61 -2.35 -5.53
CA GLY A 70 10.90 -2.02 -6.74
C GLY A 70 9.82 -0.99 -6.48
N TYR A 71 9.29 -0.40 -7.54
CA TYR A 71 8.25 0.61 -7.41
C TYR A 71 7.03 0.19 -8.22
N TYR A 72 5.85 0.60 -7.78
CA TYR A 72 4.62 0.11 -8.37
C TYR A 72 3.61 1.24 -8.57
N ASN A 73 2.67 1.01 -9.49
CA ASN A 73 1.65 2.00 -9.82
C ASN A 73 0.33 1.27 -10.07
N THR A 74 -0.79 1.88 -9.68
CA THR A 74 -2.08 1.28 -9.92
C THR A 74 -2.65 1.77 -11.24
N SER A 75 -2.73 0.88 -12.21
CA SER A 75 -3.25 1.22 -13.52
C SER A 75 -4.77 1.34 -13.47
N SER A 76 -5.37 0.63 -12.53
CA SER A 76 -6.81 0.65 -12.36
C SER A 76 -7.15 0.52 -10.88
N LEU A 77 -7.76 1.56 -10.33
CA LEU A 77 -8.12 1.57 -8.92
C LEU A 77 -9.63 1.42 -8.78
N SER A 78 -10.06 0.80 -7.68
CA SER A 78 -11.48 0.68 -7.39
C SER A 78 -12.10 2.07 -7.19
N VAL A 79 -13.23 2.31 -7.85
CA VAL A 79 -13.84 3.64 -7.92
C VAL A 79 -14.39 4.06 -6.57
N GLY A 80 -14.89 3.10 -5.80
CA GLY A 80 -15.42 3.39 -4.49
C GLY A 80 -14.39 4.02 -3.57
N LEU A 81 -13.12 3.70 -3.80
CA LEU A 81 -12.03 4.26 -3.00
C LEU A 81 -11.55 5.56 -3.62
N GLN A 82 -11.61 5.63 -4.94
CA GLN A 82 -11.09 6.78 -5.67
C GLN A 82 -12.02 7.99 -5.52
N ALA A 83 -13.31 7.74 -5.43
CA ALA A 83 -14.30 8.79 -5.31
C ALA A 83 -14.07 9.61 -4.04
N GLY A 84 -14.05 10.93 -4.19
CA GLY A 84 -13.86 11.80 -3.04
C GLY A 84 -12.66 12.71 -3.21
N ALA A 85 -12.69 13.86 -2.54
CA ALA A 85 -11.60 14.81 -2.60
C ALA A 85 -10.64 14.61 -1.43
N GLN A 86 -10.38 13.35 -1.13
CA GLN A 86 -9.53 12.99 0.00
C GLN A 86 -8.38 12.11 -0.47
N SER A 87 -7.20 12.31 0.09
CA SER A 87 -6.05 11.47 -0.22
C SER A 87 -6.09 10.21 0.63
N LYS A 88 -5.74 9.07 0.02
CA LYS A 88 -5.82 7.79 0.70
C LYS A 88 -4.46 7.12 0.79
N ALA A 89 -4.29 6.24 1.75
CA ALA A 89 -3.09 5.45 1.87
C ALA A 89 -3.44 3.98 1.99
N ILE A 90 -2.87 3.15 1.14
CA ILE A 90 -3.16 1.73 1.15
C ILE A 90 -1.88 0.93 1.32
N VAL A 91 -1.87 0.05 2.31
CA VAL A 91 -0.70 -0.74 2.61
C VAL A 91 -0.95 -2.22 2.36
N PHE A 92 -0.08 -2.83 1.57
CA PHE A 92 -0.18 -4.25 1.28
C PHE A 92 0.96 -5.00 1.96
N LEU A 93 0.62 -5.93 2.83
CA LEU A 93 1.61 -6.69 3.57
C LEU A 93 1.67 -8.12 3.09
N PHE A 94 2.87 -8.58 2.74
CA PHE A 94 3.08 -9.95 2.30
C PHE A 94 3.82 -10.73 3.38
N MET A 95 3.12 -11.62 4.06
CA MET A 95 3.73 -12.35 5.19
C MET A 95 4.46 -13.61 4.73
N THR A 96 4.31 -13.95 3.46
CA THR A 96 4.93 -15.15 2.93
C THR A 96 5.89 -14.80 1.79
N GLN A 97 6.99 -15.53 1.72
CA GLN A 97 8.01 -15.31 0.70
C GLN A 97 7.45 -15.66 -0.68
N ASP A 98 6.61 -16.69 -0.72
CA ASP A 98 5.92 -17.08 -1.94
C ASP A 98 5.12 -15.92 -2.51
N ALA A 99 4.43 -15.20 -1.64
CA ALA A 99 3.58 -14.09 -2.07
C ALA A 99 4.43 -12.90 -2.50
N LEU A 100 5.58 -12.73 -1.86
CA LEU A 100 6.47 -11.62 -2.16
C LEU A 100 7.08 -11.83 -3.54
N ASP A 101 7.58 -13.04 -3.78
CA ASP A 101 8.21 -13.39 -5.05
C ASP A 101 7.19 -13.38 -6.18
N LYS A 102 6.01 -13.93 -5.93
CA LYS A 102 4.97 -13.99 -6.95
C LYS A 102 4.56 -12.59 -7.36
N PHE A 103 4.45 -11.71 -6.37
CA PHE A 103 4.10 -10.32 -6.60
C PHE A 103 5.21 -9.61 -7.38
N ARG A 104 6.45 -9.84 -6.96
CA ARG A 104 7.61 -9.19 -7.57
C ARG A 104 7.79 -9.62 -9.03
N ASN A 105 7.52 -10.89 -9.32
CA ASN A 105 7.72 -11.41 -10.67
C ASN A 105 6.52 -11.12 -11.57
N SER A 106 5.45 -10.60 -11.00
CA SER A 106 4.23 -10.38 -11.76
C SER A 106 4.30 -9.06 -12.54
N ASP A 107 3.60 -9.02 -13.66
CA ASP A 107 3.51 -7.81 -14.48
C ASP A 107 2.07 -7.36 -14.58
N GLY A 108 1.34 -7.53 -13.48
CA GLY A 108 -0.07 -7.23 -13.45
C GLY A 108 -0.78 -7.98 -12.34
N TRP A 109 -0.71 -7.43 -11.14
CA TRP A 109 -1.27 -8.09 -9.97
C TRP A 109 -2.60 -7.46 -9.59
N ALA A 110 -3.64 -8.29 -9.49
CA ALA A 110 -4.96 -7.80 -9.13
C ALA A 110 -5.39 -8.31 -7.77
N ALA A 111 -5.95 -7.42 -6.95
CA ALA A 111 -6.34 -7.74 -5.59
C ALA A 111 -7.54 -8.67 -5.58
N GLY A 112 -7.42 -9.81 -4.90
CA GLY A 112 -8.50 -10.75 -4.81
C GLY A 112 -8.50 -11.72 -5.97
N ALA A 113 -7.89 -11.33 -7.07
CA ALA A 113 -7.85 -12.16 -8.26
C ALA A 113 -6.67 -13.12 -8.20
N ASP A 114 -5.47 -12.58 -8.04
CA ASP A 114 -4.28 -13.42 -7.99
C ASP A 114 -4.02 -13.93 -6.58
N ALA A 115 -4.04 -13.02 -5.62
CA ALA A 115 -3.85 -13.37 -4.23
C ALA A 115 -5.10 -13.14 -3.42
N SER A 116 -5.31 -13.96 -2.40
CA SER A 116 -6.37 -13.74 -1.44
C SER A 116 -5.93 -12.63 -0.50
N VAL A 117 -6.84 -11.76 -0.11
CA VAL A 117 -6.47 -10.57 0.64
C VAL A 117 -7.41 -10.33 1.80
N ALA A 118 -6.86 -10.06 2.97
CA ALA A 118 -7.66 -9.79 4.15
C ALA A 118 -7.57 -8.32 4.53
N LEU A 119 -8.72 -7.71 4.77
CA LEU A 119 -8.75 -6.33 5.20
C LEU A 119 -8.64 -6.28 6.72
N VAL A 120 -7.48 -5.87 7.21
CA VAL A 120 -7.19 -5.93 8.63
C VAL A 120 -7.89 -4.81 9.40
N LYS A 121 -8.60 -5.20 10.44
CA LYS A 121 -9.28 -4.25 11.31
C LYS A 121 -8.57 -4.23 12.66
N MET A 122 -8.45 -3.04 13.25
CA MET A 122 -7.82 -2.92 14.56
C MET A 122 -8.66 -3.62 15.62
N GLY A 123 -8.00 -4.18 16.61
CA GLY A 123 -8.69 -4.93 17.65
C GLY A 123 -9.54 -4.05 18.54
N ALA A 124 -10.16 -4.67 19.54
CA ALA A 124 -11.07 -3.96 20.44
C ALA A 124 -10.30 -3.02 21.37
N ASN A 125 -8.99 -3.23 21.46
CA ASN A 125 -8.14 -2.36 22.27
C ASN A 125 -7.70 -1.13 21.47
N GLY A 126 -8.09 -1.10 20.20
CA GLY A 126 -7.74 0.04 19.35
C GLY A 126 -6.41 -0.13 18.65
N ALA A 127 -5.88 -1.36 18.68
CA ALA A 127 -4.60 -1.65 18.07
C ALA A 127 -4.71 -2.89 17.19
N ILE A 128 -3.93 -2.92 16.12
CA ILE A 128 -3.95 -4.06 15.21
C ILE A 128 -3.42 -5.30 15.90
N ASP A 129 -4.23 -6.34 15.94
CA ASP A 129 -3.88 -7.58 16.61
C ASP A 129 -3.16 -8.52 15.66
N THR A 130 -1.89 -8.81 15.96
CA THR A 130 -1.06 -9.62 15.10
C THR A 130 -1.50 -11.09 15.09
N THR A 131 -2.12 -11.52 16.18
CA THR A 131 -2.57 -12.90 16.30
C THR A 131 -3.82 -13.15 15.44
N THR A 132 -4.50 -12.07 15.07
CA THR A 132 -5.69 -12.17 14.23
C THR A 132 -5.30 -12.35 12.76
N ALA A 133 -4.03 -12.08 12.46
CA ALA A 133 -3.51 -12.25 11.11
C ALA A 133 -3.62 -13.70 10.65
N THR A 134 -3.91 -13.90 9.38
CA THR A 134 -4.08 -15.25 8.84
C THR A 134 -3.78 -15.30 7.33
N ALA A 135 -4.22 -14.27 6.60
CA ALA A 135 -4.05 -14.25 5.16
C ALA A 135 -2.59 -14.02 4.77
N PRO A 136 -2.15 -14.56 3.61
CA PRO A 136 -0.77 -14.37 3.14
C PRO A 136 -0.53 -12.92 2.71
N VAL A 137 -1.60 -12.26 2.32
CA VAL A 137 -1.57 -10.85 2.00
C VAL A 137 -2.54 -10.10 2.91
N GLU A 138 -2.03 -9.15 3.66
CA GLU A 138 -2.84 -8.41 4.60
C GLU A 138 -2.93 -6.96 4.19
N VAL A 139 -4.15 -6.46 4.08
CA VAL A 139 -4.39 -5.13 3.57
C VAL A 139 -4.83 -4.16 4.66
N ILE A 140 -4.03 -3.13 4.87
CA ILE A 140 -4.36 -2.08 5.80
C ILE A 140 -4.65 -0.79 5.03
N VAL A 141 -5.87 -0.30 5.14
CA VAL A 141 -6.25 0.93 4.44
C VAL A 141 -6.37 2.09 5.42
N LEU A 142 -5.52 3.08 5.23
CA LEU A 142 -5.50 4.25 6.08
C LEU A 142 -6.18 5.42 5.37
N THR A 143 -7.30 5.83 5.91
CA THR A 143 -8.05 6.95 5.36
C THR A 143 -7.90 8.16 6.29
N ASN A 144 -8.49 9.29 5.92
CA ASN A 144 -8.45 10.47 6.78
C ASN A 144 -9.26 10.26 8.06
N ALA A 145 -10.03 9.18 8.08
CA ALA A 145 -10.79 8.80 9.27
C ALA A 145 -10.11 7.62 9.97
N GLY A 146 -8.86 7.35 9.60
CA GLY A 146 -8.15 6.23 10.17
C GLY A 146 -8.36 4.96 9.36
N LEU A 147 -8.39 3.81 10.03
CA LEU A 147 -8.61 2.56 9.33
C LEU A 147 -10.09 2.39 9.01
N MET A 148 -10.37 1.97 7.79
CA MET A 148 -11.74 1.72 7.38
C MET A 148 -11.93 0.24 7.07
N GLY A 149 -12.79 -0.42 7.82
CA GLY A 149 -12.99 -1.83 7.64
C GLY A 149 -14.10 -2.15 6.65
N ASP A 150 -14.64 -1.11 6.05
CA ASP A 150 -15.74 -1.24 5.10
C ASP A 150 -15.26 -0.99 3.68
N VAL A 151 -14.01 -1.36 3.41
CA VAL A 151 -13.39 -1.10 2.12
C VAL A 151 -13.28 -2.37 1.28
N SER A 152 -13.66 -2.28 0.02
CA SER A 152 -13.47 -3.37 -0.92
C SER A 152 -12.43 -2.97 -1.96
N ILE A 153 -11.30 -3.66 -1.96
CA ILE A 153 -10.20 -3.32 -2.85
C ILE A 153 -10.26 -4.11 -4.15
N SER A 154 -11.30 -4.90 -4.34
CA SER A 154 -11.49 -5.65 -5.57
C SER A 154 -11.54 -4.69 -6.76
N GLY A 155 -10.82 -5.03 -7.81
CA GLY A 155 -10.73 -4.15 -8.96
C GLY A 155 -9.42 -3.38 -9.00
N THR A 156 -8.67 -3.41 -7.90
CA THR A 156 -7.38 -2.76 -7.85
C THR A 156 -6.31 -3.60 -8.52
N LYS A 157 -5.66 -3.03 -9.54
CA LYS A 157 -4.62 -3.72 -10.27
C LYS A 157 -3.32 -2.90 -10.24
N VAL A 158 -2.22 -3.54 -9.90
CA VAL A 158 -0.94 -2.88 -9.78
C VAL A 158 0.04 -3.39 -10.83
N THR A 159 0.80 -2.47 -11.42
CA THR A 159 1.83 -2.81 -12.38
C THR A 159 3.19 -2.32 -11.88
N LYS A 160 4.26 -2.94 -12.35
CA LYS A 160 5.60 -2.58 -11.90
C LYS A 160 6.14 -1.41 -12.73
N LEU A 161 6.73 -0.45 -12.03
CA LEU A 161 7.36 0.68 -12.68
C LEU A 161 8.84 0.38 -12.90
N LYS A 162 9.34 0.69 -14.08
CA LYS A 162 10.72 0.41 -14.41
C LYS A 162 11.60 1.64 -14.17
N ILE A 163 11.75 2.00 -12.91
CA ILE A 163 12.60 3.13 -12.55
C ILE A 163 13.71 2.69 -11.61
N GLY A 1 13.41 11.74 -20.03
CA GLY A 1 14.72 11.06 -20.14
C GLY A 1 14.96 10.09 -19.00
N SER A 2 16.23 9.85 -18.68
CA SER A 2 16.58 8.91 -17.63
C SER A 2 16.82 9.62 -16.31
N ALA A 3 17.15 10.90 -16.38
CA ALA A 3 17.47 11.68 -15.18
C ALA A 3 16.24 11.89 -14.31
N THR A 4 15.07 11.87 -14.92
CA THR A 4 13.82 12.06 -14.20
C THR A 4 13.54 10.84 -13.32
N ASN A 5 14.22 9.72 -13.60
CA ASN A 5 14.04 8.50 -12.83
C ASN A 5 14.52 8.69 -11.40
N ALA A 6 15.55 9.52 -11.23
CA ALA A 6 16.08 9.81 -9.91
C ALA A 6 15.14 10.73 -9.13
N SER A 7 14.66 11.77 -9.82
CA SER A 7 13.74 12.73 -9.20
C SER A 7 12.43 12.06 -8.79
N LYS A 8 11.90 11.22 -9.68
CA LYS A 8 10.64 10.55 -9.43
C LYS A 8 10.79 9.54 -8.30
N ARG A 9 11.90 8.81 -8.31
CA ARG A 9 12.18 7.84 -7.26
C ARG A 9 12.20 8.51 -5.89
N GLN A 10 12.90 9.63 -5.81
CA GLN A 10 13.07 10.35 -4.56
C GLN A 10 11.72 10.83 -4.04
N ALA A 11 10.87 11.29 -4.96
CA ALA A 11 9.55 11.79 -4.60
C ALA A 11 8.67 10.67 -4.05
N ILE A 12 8.68 9.52 -4.72
CA ILE A 12 7.87 8.39 -4.30
C ILE A 12 8.37 7.78 -3.00
N ASP A 13 9.68 7.52 -2.95
CA ASP A 13 10.28 6.79 -1.84
C ASP A 13 10.15 7.56 -0.53
N ALA A 14 10.33 8.87 -0.61
CA ALA A 14 10.25 9.73 0.56
C ALA A 14 8.80 9.84 1.04
N SER A 15 7.88 9.88 0.08
CA SER A 15 6.46 9.97 0.38
C SER A 15 6.00 8.69 1.09
N VAL A 16 6.61 7.57 0.72
CA VAL A 16 6.34 6.30 1.36
C VAL A 16 6.76 6.32 2.83
N ASP A 17 7.99 6.77 3.06
CA ASP A 17 8.52 6.86 4.43
C ASP A 17 7.62 7.72 5.31
N ALA A 18 7.21 8.88 4.78
CA ALA A 18 6.35 9.79 5.52
C ALA A 18 5.01 9.14 5.85
N THR A 19 4.46 8.44 4.88
CA THR A 19 3.17 7.78 5.06
C THR A 19 3.26 6.65 6.08
N LEU A 20 4.39 5.95 6.07
CA LEU A 20 4.60 4.82 6.96
C LEU A 20 4.74 5.31 8.40
N SER A 21 5.41 6.44 8.56
CA SER A 21 5.60 7.06 9.88
C SER A 21 4.27 7.55 10.45
N ARG A 22 3.39 8.03 9.57
CA ARG A 22 2.07 8.47 10.01
C ARG A 22 1.22 7.27 10.43
N LEU A 23 1.43 6.15 9.74
CA LEU A 23 0.69 4.93 10.04
C LEU A 23 1.04 4.41 11.43
N TYR A 24 2.33 4.41 11.75
CA TYR A 24 2.80 3.86 13.02
C TYR A 24 2.33 4.70 14.21
N SER A 25 2.23 6.01 14.01
CA SER A 25 1.87 6.91 15.09
C SER A 25 0.36 6.95 15.30
N THR A 26 -0.39 6.70 14.22
CA THR A 26 -1.84 6.77 14.27
C THR A 26 -2.47 5.39 14.51
N VAL A 27 -1.84 4.37 13.97
CA VAL A 27 -2.38 3.02 14.03
C VAL A 27 -1.48 2.11 14.86
N ARG A 28 -1.96 1.74 16.03
CA ARG A 28 -1.20 0.87 16.93
C ARG A 28 -1.19 -0.56 16.41
N GLY A 29 -0.03 -1.20 16.48
CA GLY A 29 0.08 -2.59 16.07
C GLY A 29 0.55 -2.74 14.63
N SER A 30 0.41 -1.68 13.85
CA SER A 30 0.79 -1.70 12.44
C SER A 30 2.29 -1.93 12.28
N ARG A 31 3.07 -1.30 13.14
CA ARG A 31 4.53 -1.35 13.05
C ARG A 31 5.03 -2.78 13.22
N GLU A 32 4.41 -3.50 14.14
CA GLU A 32 4.78 -4.87 14.42
C GLU A 32 4.47 -5.76 13.21
N LEU A 33 3.27 -5.59 12.66
CA LEU A 33 2.83 -6.38 11.53
C LEU A 33 3.73 -6.15 10.32
N VAL A 34 4.15 -4.90 10.13
CA VAL A 34 5.03 -4.56 9.02
C VAL A 34 6.40 -5.24 9.17
N ALA A 35 6.91 -5.27 10.39
CA ALA A 35 8.20 -5.89 10.66
C ALA A 35 8.13 -7.40 10.46
N LYS A 36 6.99 -8.00 10.80
CA LYS A 36 6.79 -9.43 10.64
C LYS A 36 6.49 -9.84 9.20
N SER A 37 6.00 -8.89 8.42
CA SER A 37 5.74 -9.17 7.02
C SER A 37 7.02 -8.99 6.21
N ARG A 38 7.11 -9.69 5.10
CA ARG A 38 8.34 -9.80 4.32
C ARG A 38 8.50 -8.59 3.41
N GLY A 39 7.39 -8.05 2.97
CA GLY A 39 7.42 -6.89 2.10
C GLY A 39 6.22 -5.99 2.31
N VAL A 40 6.43 -4.70 2.13
CA VAL A 40 5.36 -3.73 2.32
C VAL A 40 5.29 -2.77 1.14
N LEU A 41 4.10 -2.66 0.55
CA LEU A 41 3.87 -1.72 -0.53
C LEU A 41 2.91 -0.64 -0.05
N VAL A 42 3.38 0.60 -0.05
CA VAL A 42 2.57 1.72 0.42
C VAL A 42 2.16 2.62 -0.74
N PHE A 43 0.86 2.90 -0.82
CA PHE A 43 0.35 3.87 -1.78
C PHE A 43 0.02 5.18 -1.07
N PRO A 44 0.91 6.18 -1.15
CA PRO A 44 0.79 7.45 -0.43
C PRO A 44 0.02 8.50 -1.21
N ASP A 45 -0.83 8.08 -2.12
CA ASP A 45 -1.57 9.01 -2.97
C ASP A 45 -2.79 9.56 -2.25
N VAL A 46 -2.54 10.31 -1.18
CA VAL A 46 -3.60 10.91 -0.40
C VAL A 46 -3.71 12.40 -0.69
N ILE A 47 -4.83 12.80 -1.28
CA ILE A 47 -5.07 14.19 -1.63
C ILE A 47 -5.42 14.99 -0.39
N GLN A 48 -4.43 15.23 0.44
CA GLN A 48 -4.59 15.96 1.70
C GLN A 48 -3.24 16.06 2.41
N ALA A 49 -2.39 15.06 2.20
CA ALA A 49 -1.07 15.03 2.83
C ALA A 49 -0.04 14.45 1.88
N GLY A 50 -0.28 14.62 0.59
CA GLY A 50 0.61 14.05 -0.41
C GLY A 50 0.44 14.72 -1.76
N LEU A 51 1.41 15.55 -2.13
CA LEU A 51 1.39 16.21 -3.42
C LEU A 51 1.65 15.21 -4.54
N ILE A 52 0.79 15.19 -5.54
CA ILE A 52 0.93 14.29 -6.67
C ILE A 52 1.86 14.89 -7.72
N ILE A 53 2.59 14.04 -8.42
CA ILE A 53 3.55 14.49 -9.41
C ILE A 53 2.87 14.74 -10.76
N GLY A 54 2.66 16.02 -11.07
CA GLY A 54 2.05 16.40 -12.33
C GLY A 54 0.65 15.83 -12.48
N GLY A 55 0.49 14.90 -13.41
CA GLY A 55 -0.80 14.28 -13.63
C GLY A 55 -0.76 12.80 -13.28
N GLN A 56 0.26 12.43 -12.51
CA GLN A 56 0.42 11.04 -12.09
C GLN A 56 -0.22 10.83 -10.72
N THR A 57 -0.95 9.75 -10.59
CA THR A 57 -1.61 9.42 -9.33
C THR A 57 -1.77 7.90 -9.21
N GLY A 58 -1.28 7.36 -8.11
CA GLY A 58 -1.31 5.93 -7.91
C GLY A 58 0.06 5.31 -8.05
N ASN A 59 0.96 5.67 -7.15
CA ASN A 59 2.34 5.21 -7.21
C ASN A 59 2.92 4.98 -5.82
N GLY A 60 3.51 3.80 -5.63
CA GLY A 60 4.07 3.46 -4.35
C GLY A 60 5.38 2.71 -4.47
N ALA A 61 5.94 2.29 -3.36
CA ALA A 61 7.22 1.61 -3.34
C ALA A 61 7.17 0.34 -2.51
N LEU A 62 7.84 -0.71 -2.97
CA LEU A 62 7.93 -1.95 -2.22
C LEU A 62 9.20 -1.95 -1.37
N ARG A 63 9.02 -1.98 -0.06
CA ARG A 63 10.14 -1.98 0.86
C ARG A 63 10.36 -3.40 1.38
N VAL A 64 11.52 -3.96 1.08
CA VAL A 64 11.87 -5.30 1.54
C VAL A 64 13.20 -5.27 2.30
N GLY A 65 13.16 -5.65 3.58
CA GLY A 65 14.37 -5.67 4.39
C GLY A 65 15.05 -4.32 4.48
N GLY A 66 14.25 -3.26 4.56
CA GLY A 66 14.80 -1.91 4.67
C GLY A 66 15.27 -1.33 3.36
N ALA A 67 15.13 -2.08 2.27
CA ALA A 67 15.56 -1.62 0.97
C ALA A 67 14.42 -1.69 -0.05
N THR A 68 14.30 -0.66 -0.86
CA THR A 68 13.29 -0.64 -1.90
C THR A 68 13.76 -1.46 -3.10
N VAL A 69 12.95 -2.41 -3.52
CA VAL A 69 13.35 -3.29 -4.62
C VAL A 69 12.65 -2.87 -5.92
N GLY A 70 11.58 -2.11 -5.80
CA GLY A 70 10.88 -1.65 -6.98
C GLY A 70 9.77 -0.67 -6.64
N TYR A 71 9.23 -0.03 -7.66
CA TYR A 71 8.18 0.95 -7.49
C TYR A 71 6.99 0.56 -8.36
N TYR A 72 5.79 0.88 -7.93
CA TYR A 72 4.59 0.34 -8.56
C TYR A 72 3.54 1.41 -8.84
N ASN A 73 2.65 1.10 -9.78
CA ASN A 73 1.58 2.00 -10.20
C ASN A 73 0.29 1.21 -10.39
N THR A 74 -0.84 1.82 -10.04
CA THR A 74 -2.12 1.14 -10.16
C THR A 74 -2.77 1.44 -11.51
N SER A 75 -2.93 0.39 -12.31
CA SER A 75 -3.59 0.49 -13.61
C SER A 75 -5.06 0.84 -13.41
N SER A 76 -5.60 0.43 -12.27
CA SER A 76 -6.98 0.70 -11.94
C SER A 76 -7.06 1.38 -10.57
N LEU A 77 -7.01 2.70 -10.58
CA LEU A 77 -7.07 3.47 -9.35
C LEU A 77 -8.52 3.61 -8.90
N SER A 78 -8.81 3.11 -7.71
CA SER A 78 -10.14 3.17 -7.15
C SER A 78 -10.61 4.62 -7.01
N VAL A 79 -11.82 4.89 -7.48
CA VAL A 79 -12.37 6.24 -7.56
C VAL A 79 -12.50 6.88 -6.18
N GLY A 80 -12.72 6.04 -5.18
CA GLY A 80 -12.89 6.52 -3.81
C GLY A 80 -11.68 7.24 -3.27
N LEU A 81 -10.50 6.90 -3.77
CA LEU A 81 -9.26 7.51 -3.27
C LEU A 81 -9.03 8.87 -3.90
N GLN A 82 -9.59 9.05 -5.09
CA GLN A 82 -9.44 10.30 -5.83
C GLN A 82 -10.33 11.40 -5.24
N ALA A 83 -11.28 10.98 -4.41
CA ALA A 83 -12.17 11.91 -3.74
C ALA A 83 -11.44 12.65 -2.63
N GLY A 84 -11.50 13.98 -2.67
CA GLY A 84 -10.77 14.78 -1.69
C GLY A 84 -11.33 14.66 -0.29
N ALA A 85 -12.59 14.28 -0.19
CA ALA A 85 -13.24 14.13 1.11
C ALA A 85 -13.09 12.72 1.65
N GLN A 86 -12.54 11.83 0.84
CA GLN A 86 -12.37 10.44 1.21
C GLN A 86 -11.04 9.89 0.72
N SER A 87 -10.02 10.73 0.73
CA SER A 87 -8.68 10.32 0.32
C SER A 87 -8.14 9.26 1.29
N LYS A 88 -7.65 8.16 0.75
CA LYS A 88 -7.23 7.03 1.56
C LYS A 88 -5.88 6.53 1.13
N ALA A 89 -5.14 5.94 2.06
CA ALA A 89 -3.86 5.33 1.76
C ALA A 89 -3.97 3.83 1.95
N ILE A 90 -3.29 3.07 1.10
CA ILE A 90 -3.41 1.62 1.14
C ILE A 90 -2.06 0.97 1.33
N VAL A 91 -1.99 0.06 2.28
CA VAL A 91 -0.76 -0.66 2.58
C VAL A 91 -0.94 -2.15 2.34
N PHE A 92 -0.08 -2.71 1.52
CA PHE A 92 -0.12 -4.14 1.21
C PHE A 92 1.03 -4.84 1.91
N LEU A 93 0.70 -5.78 2.79
CA LEU A 93 1.70 -6.54 3.51
C LEU A 93 1.72 -7.98 3.01
N PHE A 94 2.90 -8.48 2.73
CA PHE A 94 3.07 -9.87 2.36
C PHE A 94 3.75 -10.63 3.50
N MET A 95 2.96 -11.36 4.29
CA MET A 95 3.50 -12.08 5.45
C MET A 95 4.26 -13.33 5.03
N THR A 96 4.12 -13.74 3.78
CA THR A 96 4.79 -14.94 3.30
C THR A 96 5.72 -14.62 2.13
N GLN A 97 6.83 -15.34 2.07
CA GLN A 97 7.80 -15.17 0.99
C GLN A 97 7.22 -15.65 -0.34
N ASP A 98 6.38 -16.68 -0.26
CA ASP A 98 5.64 -17.18 -1.42
C ASP A 98 4.85 -16.05 -2.07
N ALA A 99 4.19 -15.24 -1.25
CA ALA A 99 3.39 -14.14 -1.74
C ALA A 99 4.26 -13.05 -2.34
N LEU A 100 5.45 -12.86 -1.78
CA LEU A 100 6.36 -11.81 -2.26
C LEU A 100 6.91 -12.20 -3.62
N ASP A 101 7.38 -13.43 -3.73
CA ASP A 101 7.97 -13.94 -4.96
C ASP A 101 6.93 -14.00 -6.07
N LYS A 102 5.75 -14.52 -5.74
CA LYS A 102 4.65 -14.59 -6.69
C LYS A 102 4.29 -13.21 -7.20
N PHE A 103 4.21 -12.26 -6.29
CA PHE A 103 3.88 -10.88 -6.63
C PHE A 103 4.91 -10.31 -7.58
N ARG A 104 6.18 -10.53 -7.26
CA ARG A 104 7.29 -10.00 -8.05
C ARG A 104 7.32 -10.59 -9.46
N ASN A 105 6.97 -11.86 -9.59
CA ASN A 105 7.03 -12.54 -10.87
C ASN A 105 5.77 -12.33 -11.70
N SER A 106 4.77 -11.71 -11.09
CA SER A 106 3.50 -11.47 -11.78
C SER A 106 3.50 -10.14 -12.52
N ASP A 107 3.32 -10.18 -13.83
CA ASP A 107 3.19 -8.96 -14.61
C ASP A 107 1.73 -8.58 -14.72
N GLY A 108 1.24 -7.86 -13.71
CA GLY A 108 -0.16 -7.48 -13.66
C GLY A 108 -0.88 -8.18 -12.53
N TRP A 109 -0.82 -7.58 -11.35
CA TRP A 109 -1.38 -8.19 -10.16
C TRP A 109 -2.66 -7.49 -9.74
N ALA A 110 -3.73 -8.24 -9.52
CA ALA A 110 -4.99 -7.67 -9.09
C ALA A 110 -5.40 -8.23 -7.72
N ALA A 111 -5.81 -7.34 -6.83
CA ALA A 111 -6.17 -7.73 -5.48
C ALA A 111 -7.49 -8.48 -5.46
N GLY A 112 -7.51 -9.64 -4.83
CA GLY A 112 -8.72 -10.43 -4.75
C GLY A 112 -8.83 -11.41 -5.90
N ALA A 113 -8.18 -11.08 -7.01
CA ALA A 113 -8.21 -11.92 -8.19
C ALA A 113 -7.10 -12.96 -8.14
N ASP A 114 -5.85 -12.50 -8.07
CA ASP A 114 -4.71 -13.41 -8.07
C ASP A 114 -4.45 -13.94 -6.67
N ALA A 115 -4.39 -13.03 -5.71
CA ALA A 115 -4.14 -13.41 -4.32
C ALA A 115 -5.37 -13.17 -3.45
N SER A 116 -5.59 -14.06 -2.49
CA SER A 116 -6.64 -13.87 -1.51
C SER A 116 -6.13 -12.96 -0.39
N VAL A 117 -6.62 -11.73 -0.37
CA VAL A 117 -6.12 -10.74 0.58
C VAL A 117 -7.13 -10.48 1.69
N ALA A 118 -6.62 -10.16 2.87
CA ALA A 118 -7.47 -9.92 4.02
C ALA A 118 -7.40 -8.44 4.41
N LEU A 119 -8.56 -7.85 4.66
CA LEU A 119 -8.63 -6.48 5.11
C LEU A 119 -8.53 -6.44 6.62
N VAL A 120 -7.48 -5.83 7.13
CA VAL A 120 -7.21 -5.86 8.56
C VAL A 120 -8.00 -4.80 9.30
N LYS A 121 -8.81 -5.25 10.24
CA LYS A 121 -9.56 -4.36 11.12
C LYS A 121 -8.90 -4.37 12.49
N MET A 122 -8.74 -3.19 13.07
CA MET A 122 -8.13 -3.08 14.40
C MET A 122 -9.05 -3.71 15.44
N GLY A 123 -8.45 -4.25 16.49
CA GLY A 123 -9.21 -4.92 17.53
C GLY A 123 -9.98 -3.96 18.42
N ALA A 124 -10.69 -4.49 19.40
CA ALA A 124 -11.52 -3.69 20.28
C ALA A 124 -10.67 -2.76 21.14
N ASN A 125 -9.40 -3.10 21.27
CA ASN A 125 -8.46 -2.30 22.06
C ASN A 125 -7.90 -1.14 21.24
N GLY A 126 -8.33 -1.05 19.98
CA GLY A 126 -7.90 0.05 19.14
C GLY A 126 -6.53 -0.17 18.53
N ALA A 127 -6.09 -1.42 18.54
CA ALA A 127 -4.81 -1.79 17.97
C ALA A 127 -4.95 -2.99 17.06
N ILE A 128 -4.09 -3.09 16.08
CA ILE A 128 -4.12 -4.21 15.16
C ILE A 128 -3.56 -5.47 15.82
N ASP A 129 -4.37 -6.50 15.85
CA ASP A 129 -3.94 -7.80 16.36
C ASP A 129 -3.15 -8.52 15.28
N THR A 130 -1.90 -8.80 15.57
CA THR A 130 -1.01 -9.39 14.59
C THR A 130 -1.12 -10.90 14.55
N THR A 131 -1.46 -11.49 15.69
CA THR A 131 -1.55 -12.93 15.82
C THR A 131 -2.72 -13.51 15.02
N THR A 132 -3.61 -12.65 14.58
CA THR A 132 -4.77 -13.09 13.81
C THR A 132 -4.51 -12.99 12.30
N ALA A 133 -3.28 -12.68 11.92
CA ALA A 133 -2.91 -12.66 10.51
C ALA A 133 -3.04 -14.06 9.93
N THR A 134 -3.81 -14.19 8.87
CA THR A 134 -4.12 -15.50 8.30
C THR A 134 -3.83 -15.54 6.80
N ALA A 135 -4.40 -14.58 6.07
CA ALA A 135 -4.18 -14.50 4.65
C ALA A 135 -2.74 -14.09 4.38
N PRO A 136 -2.15 -14.58 3.27
CA PRO A 136 -0.74 -14.32 2.95
C PRO A 136 -0.48 -12.87 2.60
N VAL A 137 -1.56 -12.12 2.42
CA VAL A 137 -1.50 -10.71 2.17
C VAL A 137 -2.42 -9.97 3.13
N GLU A 138 -1.84 -9.05 3.90
CA GLU A 138 -2.61 -8.28 4.86
C GLU A 138 -2.76 -6.85 4.35
N VAL A 139 -3.99 -6.39 4.24
CA VAL A 139 -4.25 -5.07 3.68
C VAL A 139 -4.74 -4.10 4.75
N ILE A 140 -3.97 -3.04 4.96
CA ILE A 140 -4.34 -1.98 5.89
C ILE A 140 -4.67 -0.71 5.12
N VAL A 141 -5.87 -0.19 5.30
CA VAL A 141 -6.27 1.04 4.67
C VAL A 141 -6.42 2.16 5.68
N LEU A 142 -5.65 3.22 5.51
CA LEU A 142 -5.70 4.35 6.42
C LEU A 142 -6.53 5.48 5.82
N THR A 143 -7.67 5.75 6.45
CA THR A 143 -8.57 6.80 6.00
C THR A 143 -8.34 8.07 6.81
N ASN A 144 -9.08 9.12 6.49
CA ASN A 144 -9.02 10.36 7.27
C ASN A 144 -9.50 10.11 8.70
N ALA A 145 -10.32 9.08 8.90
CA ALA A 145 -10.83 8.75 10.22
C ALA A 145 -10.01 7.66 10.90
N GLY A 146 -9.18 6.97 10.14
CA GLY A 146 -8.32 5.94 10.70
C GLY A 146 -8.46 4.62 9.96
N LEU A 147 -9.02 3.62 10.64
CA LEU A 147 -9.16 2.30 10.05
C LEU A 147 -10.53 2.13 9.41
N MET A 148 -10.53 1.63 8.18
CA MET A 148 -11.77 1.29 7.52
C MET A 148 -11.80 -0.21 7.26
N GLY A 149 -12.75 -0.89 7.87
CA GLY A 149 -12.84 -2.33 7.72
C GLY A 149 -13.98 -2.74 6.83
N ASP A 150 -14.55 -1.79 6.12
CA ASP A 150 -15.71 -2.06 5.26
C ASP A 150 -15.48 -1.50 3.87
N VAL A 151 -14.34 -1.86 3.29
CA VAL A 151 -14.00 -1.42 1.94
C VAL A 151 -13.48 -2.60 1.13
N SER A 152 -13.78 -2.61 -0.16
CA SER A 152 -13.34 -3.69 -1.03
C SER A 152 -12.31 -3.17 -2.03
N ILE A 153 -11.13 -3.78 -2.03
CA ILE A 153 -10.08 -3.40 -2.95
C ILE A 153 -10.01 -4.37 -4.13
N SER A 154 -11.02 -5.22 -4.25
CA SER A 154 -11.10 -6.16 -5.36
C SER A 154 -11.16 -5.40 -6.67
N GLY A 155 -10.28 -5.76 -7.59
CA GLY A 155 -10.21 -5.08 -8.88
C GLY A 155 -9.08 -4.08 -8.96
N THR A 156 -8.39 -3.86 -7.85
CA THR A 156 -7.21 -2.99 -7.84
C THR A 156 -6.05 -3.73 -8.51
N LYS A 157 -5.52 -3.16 -9.58
CA LYS A 157 -4.47 -3.79 -10.36
C LYS A 157 -3.19 -2.95 -10.30
N VAL A 158 -2.06 -3.60 -10.05
CA VAL A 158 -0.79 -2.93 -9.91
C VAL A 158 0.19 -3.42 -10.96
N THR A 159 0.91 -2.49 -11.57
CA THR A 159 1.97 -2.80 -12.52
C THR A 159 3.28 -2.17 -12.06
N LYS A 160 4.40 -2.73 -12.50
CA LYS A 160 5.71 -2.24 -12.09
C LYS A 160 6.13 -1.03 -12.93
N LEU A 161 6.70 -0.04 -12.26
CA LEU A 161 7.27 1.12 -12.92
C LEU A 161 8.73 0.87 -13.21
N LYS A 162 9.18 1.25 -14.40
CA LYS A 162 10.57 1.06 -14.76
C LYS A 162 11.42 2.25 -14.29
N ILE A 163 11.65 2.33 -12.99
CA ILE A 163 12.55 3.31 -12.43
C ILE A 163 13.50 2.66 -11.45
N GLY A 1 18.70 12.28 -19.96
CA GLY A 1 19.41 11.78 -18.76
C GLY A 1 18.48 11.10 -17.79
N SER A 2 18.90 10.97 -16.55
CA SER A 2 18.09 10.30 -15.53
C SER A 2 17.59 11.31 -14.49
N ALA A 3 17.68 12.60 -14.82
CA ALA A 3 17.34 13.66 -13.87
C ALA A 3 15.87 13.59 -13.46
N THR A 4 14.98 13.45 -14.44
CA THR A 4 13.56 13.40 -14.18
C THR A 4 13.19 12.12 -13.44
N ASN A 5 13.82 11.01 -13.84
CA ASN A 5 13.54 9.71 -13.25
C ASN A 5 14.05 9.64 -11.81
N ALA A 6 15.13 10.34 -11.53
CA ALA A 6 15.69 10.37 -10.18
C ALA A 6 14.78 11.16 -9.24
N SER A 7 14.24 12.27 -9.75
CA SER A 7 13.37 13.12 -8.95
C SER A 7 12.06 12.39 -8.61
N LYS A 8 11.59 11.56 -9.54
CA LYS A 8 10.37 10.81 -9.32
C LYS A 8 10.61 9.74 -8.26
N ARG A 9 11.76 9.08 -8.38
CA ARG A 9 12.19 8.06 -7.44
C ARG A 9 12.19 8.60 -6.01
N GLN A 10 12.75 9.78 -5.83
CA GLN A 10 12.87 10.39 -4.51
C GLN A 10 11.49 10.81 -4.00
N ALA A 11 10.64 11.25 -4.91
CA ALA A 11 9.30 11.69 -4.57
C ALA A 11 8.48 10.53 -4.02
N ILE A 12 8.60 9.38 -4.68
CA ILE A 12 7.90 8.18 -4.26
C ILE A 12 8.46 7.67 -2.94
N ASP A 13 9.79 7.55 -2.89
CA ASP A 13 10.48 6.96 -1.74
C ASP A 13 10.18 7.72 -0.44
N ALA A 14 10.24 9.04 -0.52
CA ALA A 14 10.00 9.87 0.65
C ALA A 14 8.54 9.81 1.07
N SER A 15 7.66 9.79 0.08
CA SER A 15 6.21 9.74 0.35
C SER A 15 5.85 8.40 1.00
N VAL A 16 6.56 7.34 0.63
CA VAL A 16 6.31 6.02 1.18
C VAL A 16 6.65 5.97 2.65
N ASP A 17 7.86 6.43 3.00
CA ASP A 17 8.31 6.40 4.38
C ASP A 17 7.46 7.31 5.25
N ALA A 18 7.16 8.50 4.73
CA ALA A 18 6.35 9.48 5.45
C ALA A 18 4.94 8.94 5.73
N THR A 19 4.36 8.31 4.72
CA THR A 19 3.02 7.76 4.84
C THR A 19 3.00 6.60 5.82
N LEU A 20 3.98 5.71 5.73
CA LEU A 20 4.06 4.55 6.62
C LEU A 20 4.30 5.02 8.06
N SER A 21 5.08 6.08 8.20
CA SER A 21 5.35 6.67 9.50
C SER A 21 4.05 7.15 10.15
N ARG A 22 3.16 7.74 9.35
CA ARG A 22 1.89 8.22 9.87
C ARG A 22 1.02 7.06 10.32
N LEU A 23 1.12 5.95 9.62
CA LEU A 23 0.38 4.74 9.99
C LEU A 23 0.78 4.27 11.39
N TYR A 24 2.08 4.30 11.67
CA TYR A 24 2.61 3.83 12.94
C TYR A 24 2.09 4.69 14.09
N SER A 25 2.03 5.99 13.86
CA SER A 25 1.63 6.92 14.91
C SER A 25 0.12 6.98 15.05
N THR A 26 -0.60 6.65 13.99
CA THR A 26 -2.05 6.66 14.02
C THR A 26 -2.61 5.36 14.57
N VAL A 27 -2.12 4.24 14.08
CA VAL A 27 -2.66 2.94 14.46
C VAL A 27 -1.59 2.11 15.16
N ARG A 28 -1.86 1.74 16.41
CA ARG A 28 -0.92 0.94 17.19
C ARG A 28 -0.89 -0.50 16.69
N GLY A 29 0.29 -1.09 16.67
CA GLY A 29 0.42 -2.49 16.31
C GLY A 29 0.79 -2.69 14.84
N SER A 30 0.58 -1.64 14.05
CA SER A 30 0.87 -1.70 12.62
C SER A 30 2.35 -1.95 12.37
N ARG A 31 3.19 -1.31 13.17
CA ARG A 31 4.63 -1.40 13.02
C ARG A 31 5.11 -2.84 13.19
N GLU A 32 4.56 -3.54 14.16
CA GLU A 32 4.92 -4.93 14.41
C GLU A 32 4.59 -5.78 13.20
N LEU A 33 3.37 -5.60 12.69
CA LEU A 33 2.90 -6.38 11.56
C LEU A 33 3.77 -6.15 10.33
N VAL A 34 4.19 -4.90 10.14
CA VAL A 34 5.04 -4.55 9.01
C VAL A 34 6.43 -5.17 9.15
N ALA A 35 6.96 -5.14 10.37
CA ALA A 35 8.28 -5.70 10.65
C ALA A 35 8.31 -7.20 10.40
N LYS A 36 7.20 -7.87 10.69
CA LYS A 36 7.09 -9.31 10.46
C LYS A 36 6.82 -9.61 8.99
N SER A 37 6.25 -8.64 8.29
CA SER A 37 5.97 -8.78 6.87
C SER A 37 7.28 -8.88 6.09
N ARG A 38 7.23 -9.62 4.99
CA ARG A 38 8.40 -9.87 4.17
C ARG A 38 8.59 -8.71 3.21
N GLY A 39 7.48 -8.11 2.83
CA GLY A 39 7.50 -6.96 1.96
C GLY A 39 6.32 -6.06 2.23
N VAL A 40 6.52 -4.76 2.07
CA VAL A 40 5.46 -3.80 2.30
C VAL A 40 5.39 -2.81 1.15
N LEU A 41 4.21 -2.70 0.56
CA LEU A 41 3.98 -1.75 -0.52
C LEU A 41 3.01 -0.67 -0.06
N VAL A 42 3.47 0.57 -0.04
CA VAL A 42 2.64 1.66 0.42
C VAL A 42 2.21 2.54 -0.75
N PHE A 43 0.91 2.81 -0.83
CA PHE A 43 0.36 3.69 -1.85
C PHE A 43 -0.12 5.00 -1.23
N PRO A 44 0.69 6.06 -1.33
CA PRO A 44 0.31 7.40 -0.93
C PRO A 44 -0.31 8.14 -2.11
N ASP A 45 -1.44 7.64 -2.58
CA ASP A 45 -2.09 8.19 -3.76
C ASP A 45 -2.68 9.55 -3.45
N VAL A 46 -2.72 10.41 -4.46
CA VAL A 46 -3.27 11.73 -4.28
C VAL A 46 -4.73 11.78 -4.71
N ILE A 47 -5.58 12.12 -3.75
CA ILE A 47 -7.01 12.24 -4.01
C ILE A 47 -7.27 13.41 -4.96
N GLN A 48 -8.11 13.18 -5.95
CA GLN A 48 -8.41 14.18 -6.96
C GLN A 48 -9.50 15.15 -6.49
N ALA A 49 -9.39 15.57 -5.24
CA ALA A 49 -10.34 16.48 -4.64
C ALA A 49 -9.83 17.91 -4.74
N GLY A 50 -9.09 18.18 -5.80
CA GLY A 50 -8.48 19.48 -6.00
C GLY A 50 -7.44 19.43 -7.08
N LEU A 51 -6.55 18.44 -7.00
CA LEU A 51 -5.58 18.20 -8.04
C LEU A 51 -6.12 17.16 -9.02
N ILE A 52 -6.24 17.53 -10.29
CA ILE A 52 -6.74 16.62 -11.29
C ILE A 52 -5.64 15.72 -11.82
N ILE A 53 -5.77 14.43 -11.56
CA ILE A 53 -4.80 13.45 -12.05
C ILE A 53 -5.32 12.80 -13.33
N GLY A 54 -4.67 13.10 -14.45
CA GLY A 54 -5.09 12.56 -15.71
C GLY A 54 -4.48 11.20 -15.99
N GLY A 55 -5.07 10.14 -15.44
CA GLY A 55 -4.59 8.81 -15.70
C GLY A 55 -4.56 7.95 -14.45
N GLN A 56 -3.56 7.08 -14.38
CA GLN A 56 -3.44 6.15 -13.26
C GLN A 56 -3.05 6.88 -12.00
N THR A 57 -3.81 6.66 -10.93
CA THR A 57 -3.55 7.34 -9.67
C THR A 57 -3.02 6.37 -8.64
N GLY A 58 -1.86 6.69 -8.09
CA GLY A 58 -1.25 5.85 -7.08
C GLY A 58 0.14 5.39 -7.46
N ASN A 59 1.14 5.97 -6.81
CA ASN A 59 2.52 5.56 -7.01
C ASN A 59 3.16 5.17 -5.68
N GLY A 60 3.73 3.97 -5.63
CA GLY A 60 4.32 3.49 -4.40
C GLY A 60 5.58 2.71 -4.63
N ALA A 61 6.16 2.21 -3.54
CA ALA A 61 7.41 1.48 -3.62
C ALA A 61 7.36 0.25 -2.74
N LEU A 62 8.01 -0.83 -3.18
CA LEU A 62 8.05 -2.05 -2.42
C LEU A 62 9.29 -2.08 -1.53
N ARG A 63 9.06 -2.09 -0.24
CA ARG A 63 10.16 -2.13 0.73
C ARG A 63 10.33 -3.55 1.24
N VAL A 64 11.45 -4.16 0.91
CA VAL A 64 11.73 -5.52 1.34
C VAL A 64 12.91 -5.53 2.30
N GLY A 65 12.65 -5.92 3.55
CA GLY A 65 13.69 -5.96 4.56
C GLY A 65 14.31 -4.60 4.82
N GLY A 66 13.58 -3.54 4.47
CA GLY A 66 14.10 -2.19 4.63
C GLY A 66 14.79 -1.66 3.37
N ALA A 67 14.86 -2.48 2.33
CA ALA A 67 15.45 -2.06 1.08
C ALA A 67 14.41 -2.04 -0.03
N THR A 68 14.38 -0.96 -0.79
CA THR A 68 13.43 -0.83 -1.88
C THR A 68 13.86 -1.67 -3.07
N VAL A 69 12.99 -2.57 -3.52
CA VAL A 69 13.35 -3.46 -4.61
C VAL A 69 12.73 -3.01 -5.93
N GLY A 70 11.69 -2.19 -5.87
CA GLY A 70 11.05 -1.72 -7.08
C GLY A 70 9.97 -0.70 -6.81
N TYR A 71 9.45 -0.09 -7.86
CA TYR A 71 8.42 0.93 -7.75
C TYR A 71 7.19 0.53 -8.56
N TYR A 72 6.00 0.86 -8.05
CA TYR A 72 4.77 0.35 -8.61
C TYR A 72 3.71 1.45 -8.75
N ASN A 73 2.77 1.22 -9.66
CA ASN A 73 1.68 2.16 -9.92
C ASN A 73 0.36 1.40 -10.09
N THR A 74 -0.72 1.96 -9.58
CA THR A 74 -2.03 1.33 -9.68
C THR A 74 -2.76 1.77 -10.94
N SER A 75 -2.96 0.84 -11.86
CA SER A 75 -3.56 1.15 -13.14
C SER A 75 -5.09 1.14 -13.04
N SER A 76 -5.60 0.65 -11.93
CA SER A 76 -7.04 0.56 -11.74
C SER A 76 -7.42 0.72 -10.27
N LEU A 77 -7.28 1.93 -9.75
CA LEU A 77 -7.71 2.22 -8.39
C LEU A 77 -9.22 2.40 -8.39
N SER A 78 -9.91 1.56 -7.62
CA SER A 78 -11.36 1.56 -7.58
C SER A 78 -11.90 2.93 -7.18
N VAL A 79 -12.88 3.42 -7.95
CA VAL A 79 -13.37 4.78 -7.83
C VAL A 79 -14.10 5.00 -6.50
N GLY A 80 -14.75 3.96 -6.00
CA GLY A 80 -15.42 4.03 -4.71
C GLY A 80 -14.44 4.23 -3.56
N LEU A 81 -13.18 3.89 -3.79
CA LEU A 81 -12.15 4.05 -2.78
C LEU A 81 -11.52 5.43 -2.87
N GLN A 82 -11.72 6.09 -4.00
CA GLN A 82 -11.14 7.40 -4.24
C GLN A 82 -12.11 8.50 -3.78
N ALA A 83 -13.31 8.08 -3.41
CA ALA A 83 -14.33 9.00 -2.91
C ALA A 83 -13.98 9.44 -1.49
N GLY A 84 -13.99 10.75 -1.26
CA GLY A 84 -13.64 11.28 0.03
C GLY A 84 -12.46 12.23 -0.04
N ALA A 85 -12.70 13.49 0.32
CA ALA A 85 -11.67 14.51 0.25
C ALA A 85 -10.84 14.54 1.53
N GLN A 86 -10.42 13.38 1.97
CA GLN A 86 -9.64 13.25 3.21
C GLN A 86 -8.40 12.41 2.96
N SER A 87 -7.43 12.49 3.86
CA SER A 87 -6.17 11.76 3.72
C SER A 87 -6.44 10.25 3.63
N LYS A 88 -5.75 9.60 2.71
CA LYS A 88 -5.97 8.17 2.48
C LYS A 88 -4.69 7.51 1.99
N ALA A 89 -4.41 6.32 2.51
CA ALA A 89 -3.28 5.53 2.08
C ALA A 89 -3.66 4.06 2.02
N ILE A 90 -3.08 3.34 1.07
CA ILE A 90 -3.36 1.91 0.94
C ILE A 90 -2.07 1.12 1.12
N VAL A 91 -2.05 0.25 2.12
CA VAL A 91 -0.85 -0.51 2.43
C VAL A 91 -1.08 -2.00 2.22
N PHE A 92 -0.18 -2.63 1.48
CA PHE A 92 -0.26 -4.07 1.23
C PHE A 92 0.89 -4.77 1.95
N LEU A 93 0.55 -5.67 2.85
CA LEU A 93 1.57 -6.41 3.59
C LEU A 93 1.60 -7.87 3.15
N PHE A 94 2.80 -8.34 2.85
CA PHE A 94 3.00 -9.73 2.48
C PHE A 94 3.63 -10.47 3.64
N MET A 95 2.83 -11.22 4.38
CA MET A 95 3.30 -11.87 5.60
C MET A 95 3.97 -13.22 5.29
N THR A 96 3.82 -13.68 4.07
CA THR A 96 4.42 -14.94 3.66
C THR A 96 5.38 -14.72 2.49
N GLN A 97 6.47 -15.49 2.48
CA GLN A 97 7.46 -15.37 1.42
C GLN A 97 6.90 -15.91 0.11
N ASP A 98 6.04 -16.92 0.22
CA ASP A 98 5.36 -17.48 -0.95
C ASP A 98 4.61 -16.39 -1.70
N ALA A 99 3.99 -15.49 -0.94
CA ALA A 99 3.25 -14.37 -1.50
C ALA A 99 4.19 -13.37 -2.18
N LEU A 100 5.38 -13.20 -1.61
CA LEU A 100 6.34 -12.24 -2.14
C LEU A 100 6.86 -12.73 -3.50
N ASP A 101 7.19 -14.03 -3.55
CA ASP A 101 7.66 -14.63 -4.79
C ASP A 101 6.60 -14.55 -5.87
N LYS A 102 5.36 -14.86 -5.50
CA LYS A 102 4.24 -14.80 -6.42
C LYS A 102 4.07 -13.39 -6.99
N PHE A 103 4.11 -12.40 -6.12
CA PHE A 103 3.95 -11.01 -6.51
C PHE A 103 5.05 -10.60 -7.49
N ARG A 104 6.27 -10.99 -7.19
CA ARG A 104 7.42 -10.64 -8.01
C ARG A 104 7.33 -11.31 -9.39
N ASN A 105 6.78 -12.51 -9.42
CA ASN A 105 6.71 -13.28 -10.67
C ASN A 105 5.49 -12.89 -11.50
N SER A 106 4.52 -12.23 -10.88
CA SER A 106 3.29 -11.87 -11.57
C SER A 106 3.43 -10.53 -12.29
N ASP A 107 2.88 -10.45 -13.49
CA ASP A 107 2.87 -9.22 -14.25
C ASP A 107 1.46 -8.65 -14.28
N GLY A 108 1.28 -7.52 -13.62
CA GLY A 108 -0.06 -6.96 -13.49
C GLY A 108 -0.84 -7.65 -12.38
N TRP A 109 -0.51 -7.31 -11.15
CA TRP A 109 -1.04 -8.00 -9.98
C TRP A 109 -2.37 -7.39 -9.55
N ALA A 110 -3.42 -8.21 -9.46
CA ALA A 110 -4.72 -7.74 -9.05
C ALA A 110 -5.11 -8.27 -7.68
N ALA A 111 -5.66 -7.41 -6.84
CA ALA A 111 -6.00 -7.76 -5.47
C ALA A 111 -7.27 -8.59 -5.41
N GLY A 112 -7.18 -9.76 -4.80
CA GLY A 112 -8.34 -10.62 -4.68
C GLY A 112 -8.42 -11.60 -5.84
N ALA A 113 -7.87 -11.21 -6.97
CA ALA A 113 -7.90 -12.03 -8.16
C ALA A 113 -6.75 -13.04 -8.16
N ASP A 114 -5.53 -12.54 -8.05
CA ASP A 114 -4.35 -13.41 -8.07
C ASP A 114 -4.01 -13.88 -6.66
N ALA A 115 -3.93 -12.94 -5.74
CA ALA A 115 -3.66 -13.27 -4.35
C ALA A 115 -4.86 -12.97 -3.48
N SER A 116 -5.18 -13.88 -2.58
CA SER A 116 -6.23 -13.65 -1.60
C SER A 116 -5.77 -12.60 -0.60
N VAL A 117 -6.68 -11.74 -0.17
CA VAL A 117 -6.33 -10.60 0.66
C VAL A 117 -7.30 -10.45 1.81
N ALA A 118 -6.80 -10.03 2.96
CA ALA A 118 -7.64 -9.79 4.11
C ALA A 118 -7.56 -8.33 4.53
N LEU A 119 -8.71 -7.73 4.77
CA LEU A 119 -8.76 -6.35 5.21
C LEU A 119 -8.56 -6.30 6.72
N VAL A 120 -7.47 -5.72 7.16
CA VAL A 120 -7.12 -5.71 8.58
C VAL A 120 -7.95 -4.68 9.34
N LYS A 121 -8.60 -5.14 10.39
CA LYS A 121 -9.36 -4.26 11.26
C LYS A 121 -8.69 -4.18 12.62
N MET A 122 -8.44 -2.97 13.10
CA MET A 122 -7.79 -2.80 14.39
C MET A 122 -8.78 -3.14 15.51
N GLY A 123 -8.25 -3.67 16.60
CA GLY A 123 -9.09 -4.11 17.69
C GLY A 123 -9.73 -2.95 18.44
N ALA A 124 -10.55 -3.27 19.44
CA ALA A 124 -11.27 -2.24 20.21
C ALA A 124 -10.30 -1.34 20.97
N ASN A 125 -9.07 -1.81 21.14
CA ASN A 125 -8.04 -1.05 21.84
C ASN A 125 -7.35 -0.06 20.88
N GLY A 126 -7.85 0.00 19.64
CA GLY A 126 -7.27 0.90 18.67
C GLY A 126 -5.92 0.41 18.17
N ALA A 127 -5.69 -0.89 18.32
CA ALA A 127 -4.44 -1.51 17.93
C ALA A 127 -4.68 -2.73 17.07
N ILE A 128 -3.83 -2.95 16.09
CA ILE A 128 -3.95 -4.09 15.21
C ILE A 128 -3.48 -5.36 15.92
N ASP A 129 -4.37 -6.33 16.00
CA ASP A 129 -4.00 -7.64 16.50
C ASP A 129 -3.27 -8.40 15.39
N THR A 130 -2.04 -8.81 15.68
CA THR A 130 -1.20 -9.43 14.67
C THR A 130 -1.33 -10.94 14.67
N THR A 131 -2.05 -11.47 15.65
CA THR A 131 -2.23 -12.91 15.76
C THR A 131 -3.37 -13.38 14.84
N THR A 132 -4.33 -12.51 14.59
CA THR A 132 -5.46 -12.84 13.75
C THR A 132 -5.14 -12.77 12.27
N ALA A 133 -3.88 -12.48 11.94
CA ALA A 133 -3.43 -12.49 10.56
C ALA A 133 -3.64 -13.88 9.98
N THR A 134 -4.31 -13.95 8.83
CA THR A 134 -4.72 -15.24 8.30
C THR A 134 -4.38 -15.39 6.82
N ALA A 135 -4.52 -14.31 6.07
CA ALA A 135 -4.29 -14.35 4.63
C ALA A 135 -2.81 -14.15 4.34
N PRO A 136 -2.32 -14.59 3.17
CA PRO A 136 -0.93 -14.37 2.77
C PRO A 136 -0.67 -12.88 2.55
N VAL A 137 -1.72 -12.16 2.22
CA VAL A 137 -1.67 -10.72 2.07
C VAL A 137 -2.65 -10.06 3.03
N GLU A 138 -2.14 -9.16 3.85
CA GLU A 138 -2.95 -8.46 4.82
C GLU A 138 -2.97 -6.98 4.44
N VAL A 139 -4.16 -6.43 4.28
CA VAL A 139 -4.32 -5.11 3.71
C VAL A 139 -4.78 -4.09 4.75
N ILE A 140 -4.00 -3.02 4.88
CA ILE A 140 -4.35 -1.94 5.78
C ILE A 140 -4.74 -0.70 4.98
N VAL A 141 -5.99 -0.28 5.12
CA VAL A 141 -6.46 0.92 4.47
C VAL A 141 -6.59 2.06 5.47
N LEU A 142 -5.75 3.07 5.34
CA LEU A 142 -5.73 4.16 6.28
C LEU A 142 -6.46 5.37 5.71
N THR A 143 -7.53 5.76 6.36
CA THR A 143 -8.28 6.94 5.99
C THR A 143 -8.21 7.96 7.12
N ASN A 144 -8.78 9.14 6.95
CA ASN A 144 -8.80 10.12 8.02
C ASN A 144 -9.59 9.59 9.23
N ALA A 145 -10.56 8.73 8.96
CA ALA A 145 -11.36 8.13 10.03
C ALA A 145 -10.67 6.88 10.59
N GLY A 146 -9.46 6.60 10.11
CA GLY A 146 -8.73 5.45 10.56
C GLY A 146 -8.82 4.30 9.58
N LEU A 147 -8.88 3.08 10.07
CA LEU A 147 -8.95 1.92 9.20
C LEU A 147 -10.40 1.65 8.82
N MET A 148 -10.70 1.77 7.53
CA MET A 148 -12.05 1.52 7.03
C MET A 148 -12.27 0.03 6.87
N GLY A 149 -13.22 -0.50 7.61
CA GLY A 149 -13.43 -1.95 7.63
C GLY A 149 -14.41 -2.43 6.60
N ASP A 150 -15.06 -1.51 5.91
CA ASP A 150 -16.08 -1.86 4.92
C ASP A 150 -15.68 -1.37 3.54
N VAL A 151 -14.49 -1.76 3.10
CA VAL A 151 -14.01 -1.36 1.79
C VAL A 151 -13.35 -2.54 1.08
N SER A 152 -13.68 -2.71 -0.19
CA SER A 152 -13.12 -3.79 -0.99
C SER A 152 -12.13 -3.22 -2.00
N ILE A 153 -10.97 -3.84 -2.08
CA ILE A 153 -9.92 -3.41 -3.00
C ILE A 153 -9.91 -4.27 -4.26
N SER A 154 -10.96 -5.07 -4.44
CA SER A 154 -11.05 -5.97 -5.57
C SER A 154 -11.07 -5.17 -6.88
N GLY A 155 -10.23 -5.59 -7.82
CA GLY A 155 -10.13 -4.88 -9.08
C GLY A 155 -8.90 -3.98 -9.14
N THR A 156 -8.30 -3.73 -7.99
CA THR A 156 -7.07 -2.95 -7.95
C THR A 156 -5.93 -3.73 -8.57
N LYS A 157 -5.34 -3.16 -9.62
CA LYS A 157 -4.27 -3.83 -10.36
C LYS A 157 -3.02 -2.96 -10.36
N VAL A 158 -1.89 -3.56 -10.00
CA VAL A 158 -0.64 -2.83 -9.87
C VAL A 158 0.32 -3.20 -11.00
N THR A 159 0.95 -2.19 -11.57
CA THR A 159 1.91 -2.38 -12.65
C THR A 159 3.29 -1.87 -12.22
N LYS A 160 4.33 -2.40 -12.85
CA LYS A 160 5.70 -2.02 -12.50
C LYS A 160 6.14 -0.79 -13.26
N LEU A 161 6.68 0.19 -12.53
CA LEU A 161 7.20 1.40 -13.14
C LEU A 161 8.66 1.20 -13.54
N LYS A 162 9.01 1.65 -14.74
CA LYS A 162 10.38 1.53 -15.20
C LYS A 162 11.14 2.84 -14.96
N ILE A 163 11.70 2.98 -13.77
CA ILE A 163 12.50 4.14 -13.44
C ILE A 163 13.81 3.72 -12.77
N GLY A 1 22.28 11.75 -14.08
CA GLY A 1 21.70 11.04 -15.25
C GLY A 1 20.30 10.53 -14.97
N SER A 2 19.45 10.56 -15.98
CA SER A 2 18.07 10.10 -15.86
C SER A 2 17.31 10.93 -14.82
N ALA A 3 17.20 12.23 -15.10
CA ALA A 3 16.51 13.16 -14.20
C ALA A 3 15.09 12.70 -13.92
N THR A 4 14.39 12.26 -14.94
CA THR A 4 13.00 11.81 -14.82
C THR A 4 12.90 10.65 -13.84
N ASN A 5 13.85 9.73 -13.92
CA ASN A 5 13.85 8.55 -13.08
C ASN A 5 14.20 8.92 -11.64
N ALA A 6 15.14 9.84 -11.49
CA ALA A 6 15.60 10.27 -10.18
C ALA A 6 14.52 11.07 -9.46
N SER A 7 13.88 11.99 -10.18
CA SER A 7 12.83 12.82 -9.61
C SER A 7 11.63 11.97 -9.21
N LYS A 8 11.28 10.99 -10.04
CA LYS A 8 10.14 10.13 -9.78
C LYS A 8 10.44 9.22 -8.59
N ARG A 9 11.63 8.64 -8.61
CA ARG A 9 12.10 7.78 -7.53
C ARG A 9 12.03 8.49 -6.18
N GLN A 10 12.49 9.74 -6.17
CA GLN A 10 12.54 10.51 -4.94
C GLN A 10 11.13 10.81 -4.44
N ALA A 11 10.23 11.12 -5.37
CA ALA A 11 8.85 11.42 -5.02
C ALA A 11 8.15 10.20 -4.45
N ILE A 12 8.35 9.05 -5.09
CA ILE A 12 7.69 7.82 -4.68
C ILE A 12 8.22 7.33 -3.34
N ASP A 13 9.54 7.25 -3.23
CA ASP A 13 10.18 6.66 -2.05
C ASP A 13 9.87 7.49 -0.80
N ALA A 14 9.88 8.81 -0.97
CA ALA A 14 9.66 9.72 0.16
C ALA A 14 8.21 9.68 0.62
N SER A 15 7.28 9.68 -0.33
CA SER A 15 5.86 9.63 0.00
C SER A 15 5.50 8.32 0.68
N VAL A 16 6.19 7.25 0.29
CA VAL A 16 5.97 5.95 0.91
C VAL A 16 6.41 5.97 2.37
N ASP A 17 7.62 6.48 2.61
CA ASP A 17 8.15 6.58 3.97
C ASP A 17 7.28 7.46 4.84
N ALA A 18 6.89 8.61 4.30
CA ALA A 18 6.04 9.55 5.02
C ALA A 18 4.70 8.93 5.38
N THR A 19 4.12 8.23 4.42
CA THR A 19 2.83 7.58 4.62
C THR A 19 2.92 6.47 5.68
N LEU A 20 3.99 5.67 5.62
CA LEU A 20 4.15 4.55 6.54
C LEU A 20 4.39 5.05 7.96
N SER A 21 5.16 6.11 8.08
CA SER A 21 5.45 6.71 9.37
C SER A 21 4.18 7.26 10.01
N ARG A 22 3.28 7.78 9.17
CA ARG A 22 2.00 8.28 9.64
C ARG A 22 1.14 7.14 10.17
N LEU A 23 1.14 6.02 9.45
CA LEU A 23 0.38 4.84 9.85
C LEU A 23 0.77 4.38 11.25
N TYR A 24 2.07 4.38 11.51
CA TYR A 24 2.58 3.93 12.81
C TYR A 24 2.13 4.87 13.92
N SER A 25 2.01 6.15 13.61
CA SER A 25 1.60 7.14 14.59
C SER A 25 0.09 7.12 14.80
N THR A 26 -0.65 6.87 13.72
CA THR A 26 -2.10 6.92 13.78
C THR A 26 -2.66 5.62 14.36
N VAL A 27 -2.10 4.49 13.97
CA VAL A 27 -2.61 3.20 14.38
C VAL A 27 -1.58 2.45 15.24
N ARG A 28 -1.98 2.12 16.46
CA ARG A 28 -1.14 1.37 17.38
C ARG A 28 -1.05 -0.10 16.96
N GLY A 29 0.14 -0.68 17.11
CA GLY A 29 0.33 -2.10 16.82
C GLY A 29 0.78 -2.34 15.39
N SER A 30 0.73 -1.31 14.57
CA SER A 30 1.11 -1.40 13.17
C SER A 30 2.56 -1.85 12.99
N ARG A 31 3.42 -1.43 13.91
CA ARG A 31 4.84 -1.75 13.84
C ARG A 31 5.07 -3.25 13.75
N GLU A 32 4.42 -3.99 14.64
CA GLU A 32 4.63 -5.42 14.76
C GLU A 32 4.16 -6.16 13.51
N LEU A 33 2.94 -5.85 13.07
CA LEU A 33 2.34 -6.55 11.95
C LEU A 33 3.11 -6.29 10.66
N VAL A 34 3.52 -5.05 10.44
CA VAL A 34 4.26 -4.71 9.25
C VAL A 34 5.66 -5.32 9.27
N ALA A 35 6.27 -5.34 10.46
CA ALA A 35 7.58 -5.95 10.63
C ALA A 35 7.52 -7.45 10.37
N LYS A 36 6.37 -8.04 10.63
CA LYS A 36 6.13 -9.47 10.40
C LYS A 36 6.10 -9.79 8.92
N SER A 37 5.82 -8.79 8.11
CA SER A 37 5.75 -8.96 6.67
C SER A 37 7.15 -9.08 6.08
N ARG A 38 7.27 -9.89 5.02
CA ARG A 38 8.54 -10.06 4.32
C ARG A 38 8.84 -8.80 3.51
N GLY A 39 7.78 -8.23 2.96
CA GLY A 39 7.89 -6.99 2.23
C GLY A 39 6.63 -6.18 2.36
N VAL A 40 6.76 -4.86 2.28
CA VAL A 40 5.61 -3.99 2.44
C VAL A 40 5.51 -2.99 1.29
N LEU A 41 4.32 -2.90 0.71
CA LEU A 41 4.04 -1.94 -0.35
C LEU A 41 3.04 -0.91 0.13
N VAL A 42 3.40 0.35 0.05
CA VAL A 42 2.52 1.42 0.52
C VAL A 42 2.06 2.31 -0.63
N PHE A 43 0.76 2.61 -0.64
CA PHE A 43 0.19 3.53 -1.61
C PHE A 43 -0.40 4.76 -0.92
N PRO A 44 0.23 5.93 -1.10
CA PRO A 44 -0.31 7.21 -0.65
C PRO A 44 -1.48 7.65 -1.52
N ASP A 45 -2.66 7.12 -1.25
CA ASP A 45 -3.87 7.43 -2.02
C ASP A 45 -4.39 8.82 -1.64
N VAL A 46 -3.71 9.83 -2.13
CA VAL A 46 -4.08 11.21 -1.86
C VAL A 46 -4.62 11.87 -3.13
N ILE A 47 -5.73 12.55 -3.00
CA ILE A 47 -6.39 13.16 -4.16
C ILE A 47 -6.00 14.64 -4.28
N GLN A 48 -5.82 15.31 -3.15
CA GLN A 48 -5.45 16.72 -3.15
C GLN A 48 -4.42 17.04 -2.05
N ALA A 49 -4.51 16.34 -0.93
CA ALA A 49 -3.64 16.62 0.21
C ALA A 49 -2.26 15.98 0.03
N GLY A 50 -1.26 16.81 -0.22
CA GLY A 50 0.10 16.31 -0.34
C GLY A 50 0.35 15.65 -1.68
N LEU A 51 0.16 16.39 -2.76
CA LEU A 51 0.39 15.87 -4.09
C LEU A 51 1.86 15.98 -4.46
N ILE A 52 2.45 14.88 -4.90
CA ILE A 52 3.86 14.84 -5.23
C ILE A 52 4.08 14.88 -6.73
N ILE A 53 5.15 15.52 -7.15
CA ILE A 53 5.50 15.61 -8.56
C ILE A 53 6.25 14.35 -8.98
N GLY A 54 5.55 13.48 -9.70
CA GLY A 54 6.15 12.22 -10.10
C GLY A 54 5.28 11.04 -9.70
N GLY A 55 4.18 11.33 -9.01
CA GLY A 55 3.26 10.30 -8.59
C GLY A 55 1.87 10.54 -9.13
N GLN A 56 1.42 9.70 -10.05
CA GLN A 56 0.13 9.89 -10.68
C GLN A 56 -0.89 8.89 -10.15
N THR A 57 -1.89 9.40 -9.45
CA THR A 57 -2.99 8.59 -8.91
C THR A 57 -2.55 7.74 -7.73
N GLY A 58 -1.64 6.79 -7.98
CA GLY A 58 -1.20 5.90 -6.94
C GLY A 58 0.17 5.35 -7.21
N ASN A 59 1.17 5.95 -6.58
CA ASN A 59 2.55 5.47 -6.68
C ASN A 59 2.92 4.73 -5.41
N GLY A 60 3.71 3.67 -5.54
CA GLY A 60 4.11 2.93 -4.36
C GLY A 60 5.49 2.32 -4.53
N ALA A 61 6.07 1.93 -3.42
CA ALA A 61 7.39 1.33 -3.42
C ALA A 61 7.43 0.12 -2.50
N LEU A 62 8.11 -0.93 -2.92
CA LEU A 62 8.22 -2.14 -2.11
C LEU A 62 9.46 -2.04 -1.24
N ARG A 63 9.24 -2.03 0.07
CA ARG A 63 10.33 -1.90 1.02
C ARG A 63 10.62 -3.25 1.66
N VAL A 64 11.79 -3.81 1.35
CA VAL A 64 12.19 -5.09 1.90
C VAL A 64 13.48 -4.94 2.69
N GLY A 65 13.42 -5.24 3.99
CA GLY A 65 14.60 -5.12 4.83
C GLY A 65 15.11 -3.70 4.91
N GLY A 66 14.21 -2.73 4.72
CA GLY A 66 14.60 -1.33 4.75
C GLY A 66 15.05 -0.82 3.38
N ALA A 67 15.23 -1.73 2.43
CA ALA A 67 15.69 -1.35 1.11
C ALA A 67 14.56 -1.45 0.09
N THR A 68 14.40 -0.41 -0.70
CA THR A 68 13.42 -0.42 -1.77
C THR A 68 13.90 -1.29 -2.92
N VAL A 69 13.14 -2.34 -3.23
CA VAL A 69 13.57 -3.30 -4.25
C VAL A 69 12.83 -3.08 -5.58
N GLY A 70 11.72 -2.36 -5.52
CA GLY A 70 10.96 -2.11 -6.73
C GLY A 70 9.90 -1.05 -6.53
N TYR A 71 9.42 -0.48 -7.62
CA TYR A 71 8.43 0.58 -7.56
C TYR A 71 7.19 0.17 -8.35
N TYR A 72 6.03 0.59 -7.89
CA TYR A 72 4.76 0.13 -8.45
C TYR A 72 3.78 1.30 -8.62
N ASN A 73 2.78 1.09 -9.47
CA ASN A 73 1.75 2.10 -9.72
C ASN A 73 0.42 1.42 -9.93
N THR A 74 -0.67 2.07 -9.51
CA THR A 74 -1.99 1.50 -9.70
C THR A 74 -2.59 1.99 -11.01
N SER A 75 -2.74 1.08 -11.96
CA SER A 75 -3.26 1.44 -13.28
C SER A 75 -4.77 1.67 -13.22
N SER A 76 -5.39 1.17 -12.15
CA SER A 76 -6.81 1.36 -11.95
C SER A 76 -7.15 1.24 -10.47
N LEU A 77 -7.78 2.26 -9.93
CA LEU A 77 -8.20 2.25 -8.54
C LEU A 77 -9.71 2.08 -8.50
N SER A 78 -10.19 1.29 -7.55
CA SER A 78 -11.62 1.05 -7.39
C SER A 78 -12.35 2.36 -7.11
N VAL A 79 -13.44 2.56 -7.85
CA VAL A 79 -14.15 3.85 -7.91
C VAL A 79 -14.57 4.34 -6.54
N GLY A 80 -14.99 3.43 -5.66
CA GLY A 80 -15.41 3.81 -4.32
C GLY A 80 -14.32 4.51 -3.54
N LEU A 81 -13.07 4.17 -3.85
CA LEU A 81 -11.93 4.76 -3.18
C LEU A 81 -11.43 5.99 -3.94
N GLN A 82 -11.49 5.89 -5.26
CA GLN A 82 -10.97 6.93 -6.14
C GLN A 82 -11.87 8.16 -6.16
N ALA A 83 -13.17 7.96 -6.04
CA ALA A 83 -14.13 9.06 -6.06
C ALA A 83 -14.02 9.87 -4.76
N GLY A 84 -14.13 11.18 -4.90
CA GLY A 84 -14.03 12.06 -3.74
C GLY A 84 -12.63 12.57 -3.52
N ALA A 85 -12.39 13.19 -2.38
CA ALA A 85 -11.08 13.73 -2.04
C ALA A 85 -10.71 13.38 -0.61
N GLN A 86 -10.86 12.11 -0.26
CA GLN A 86 -10.51 11.65 1.06
C GLN A 86 -9.13 11.01 1.04
N SER A 87 -8.17 11.67 1.68
CA SER A 87 -6.80 11.14 1.75
C SER A 87 -6.79 9.76 2.42
N LYS A 88 -6.26 8.78 1.71
CA LYS A 88 -6.21 7.42 2.21
C LYS A 88 -4.81 6.84 2.02
N ALA A 89 -4.54 5.76 2.72
CA ALA A 89 -3.31 5.02 2.53
C ALA A 89 -3.60 3.54 2.46
N ILE A 90 -3.04 2.87 1.46
CA ILE A 90 -3.28 1.46 1.28
C ILE A 90 -1.97 0.70 1.39
N VAL A 91 -1.90 -0.20 2.36
CA VAL A 91 -0.69 -0.95 2.61
C VAL A 91 -0.89 -2.43 2.36
N PHE A 92 -0.05 -3.00 1.53
CA PHE A 92 -0.11 -4.42 1.23
C PHE A 92 1.03 -5.15 1.92
N LEU A 93 0.68 -5.99 2.87
CA LEU A 93 1.66 -6.74 3.64
C LEU A 93 1.75 -8.17 3.13
N PHE A 94 2.95 -8.58 2.74
CA PHE A 94 3.17 -9.94 2.28
C PHE A 94 3.84 -10.75 3.39
N MET A 95 3.06 -11.61 4.03
CA MET A 95 3.53 -12.35 5.20
C MET A 95 4.31 -13.60 4.80
N THR A 96 4.17 -14.00 3.55
CA THR A 96 4.81 -15.21 3.08
C THR A 96 5.76 -14.89 1.92
N GLN A 97 6.88 -15.60 1.88
CA GLN A 97 7.88 -15.39 0.83
C GLN A 97 7.32 -15.82 -0.52
N ASP A 98 6.48 -16.84 -0.48
CA ASP A 98 5.74 -17.30 -1.66
C ASP A 98 4.97 -16.16 -2.31
N ALA A 99 4.33 -15.34 -1.47
CA ALA A 99 3.57 -14.21 -1.95
C ALA A 99 4.48 -13.10 -2.45
N LEU A 100 5.68 -12.99 -1.87
CA LEU A 100 6.62 -11.93 -2.22
C LEU A 100 7.19 -12.20 -3.62
N ASP A 101 7.64 -13.44 -3.83
CA ASP A 101 8.25 -13.82 -5.10
C ASP A 101 7.22 -13.79 -6.23
N LYS A 102 6.02 -14.25 -5.92
CA LYS A 102 4.94 -14.28 -6.92
C LYS A 102 4.58 -12.86 -7.33
N PHE A 103 4.53 -11.97 -6.36
CA PHE A 103 4.20 -10.57 -6.61
C PHE A 103 5.33 -9.88 -7.37
N ARG A 104 6.55 -10.15 -6.96
CA ARG A 104 7.74 -9.53 -7.55
C ARG A 104 7.88 -9.92 -9.02
N ASN A 105 7.50 -11.13 -9.36
CA ASN A 105 7.63 -11.61 -10.72
C ASN A 105 6.34 -11.41 -11.52
N SER A 106 5.36 -10.78 -10.88
CA SER A 106 4.07 -10.57 -11.52
C SER A 106 4.03 -9.24 -12.25
N ASP A 107 3.86 -9.30 -13.57
CA ASP A 107 3.67 -8.10 -14.36
C ASP A 107 2.18 -7.83 -14.50
N GLY A 108 1.62 -7.14 -13.52
CA GLY A 108 0.20 -6.89 -13.50
C GLY A 108 -0.49 -7.72 -12.44
N TRP A 109 -0.70 -7.13 -11.27
CA TRP A 109 -1.25 -7.84 -10.12
C TRP A 109 -2.53 -7.16 -9.66
N ALA A 110 -3.61 -7.93 -9.55
CA ALA A 110 -4.89 -7.37 -9.12
C ALA A 110 -5.34 -7.97 -7.79
N ALA A 111 -5.86 -7.12 -6.91
CA ALA A 111 -6.28 -7.55 -5.58
C ALA A 111 -7.56 -8.38 -5.67
N GLY A 112 -7.53 -9.57 -5.09
CA GLY A 112 -8.70 -10.43 -5.11
C GLY A 112 -8.68 -11.37 -6.29
N ALA A 113 -7.99 -10.95 -7.35
CA ALA A 113 -7.91 -11.75 -8.56
C ALA A 113 -6.75 -12.73 -8.50
N ASP A 114 -5.55 -12.22 -8.27
CA ASP A 114 -4.37 -13.09 -8.19
C ASP A 114 -4.19 -13.63 -6.78
N ALA A 115 -4.24 -12.73 -5.81
CA ALA A 115 -4.08 -13.13 -4.41
C ALA A 115 -5.36 -12.94 -3.63
N SER A 116 -5.61 -13.83 -2.69
CA SER A 116 -6.72 -13.68 -1.76
C SER A 116 -6.26 -12.83 -0.59
N VAL A 117 -6.75 -11.60 -0.52
CA VAL A 117 -6.26 -10.64 0.45
C VAL A 117 -7.26 -10.41 1.59
N ALA A 118 -6.71 -10.14 2.76
CA ALA A 118 -7.52 -9.92 3.95
C ALA A 118 -7.41 -8.48 4.41
N LEU A 119 -8.53 -7.87 4.74
CA LEU A 119 -8.55 -6.49 5.20
C LEU A 119 -8.39 -6.44 6.72
N VAL A 120 -7.34 -5.79 7.18
CA VAL A 120 -7.04 -5.73 8.60
C VAL A 120 -7.78 -4.59 9.28
N LYS A 121 -8.44 -4.90 10.38
CA LYS A 121 -9.17 -3.90 11.15
C LYS A 121 -8.50 -3.70 12.51
N MET A 122 -8.41 -2.45 12.94
CA MET A 122 -7.91 -2.14 14.28
C MET A 122 -8.96 -2.52 15.32
N GLY A 123 -8.52 -3.02 16.44
CA GLY A 123 -9.44 -3.48 17.48
C GLY A 123 -10.07 -2.32 18.21
N ALA A 124 -10.98 -2.63 19.13
CA ALA A 124 -11.73 -1.61 19.86
C ALA A 124 -10.81 -0.80 20.77
N ASN A 125 -9.64 -1.34 21.05
CA ASN A 125 -8.65 -0.66 21.88
C ASN A 125 -7.85 0.36 21.06
N GLY A 126 -8.09 0.38 19.76
CA GLY A 126 -7.41 1.31 18.89
C GLY A 126 -6.08 0.79 18.39
N ALA A 127 -5.87 -0.51 18.54
CA ALA A 127 -4.64 -1.13 18.11
C ALA A 127 -4.93 -2.35 17.25
N ILE A 128 -4.05 -2.64 16.31
CA ILE A 128 -4.23 -3.78 15.43
C ILE A 128 -4.06 -5.08 16.19
N ASP A 129 -5.09 -5.91 16.13
CA ASP A 129 -4.99 -7.25 16.68
C ASP A 129 -4.34 -8.18 15.66
N THR A 130 -3.12 -8.59 15.96
CA THR A 130 -2.32 -9.38 15.04
C THR A 130 -2.85 -10.80 14.91
N THR A 131 -3.82 -11.14 15.75
CA THR A 131 -4.40 -12.47 15.75
C THR A 131 -5.30 -12.68 14.53
N THR A 132 -5.63 -11.59 13.85
CA THR A 132 -6.46 -11.65 12.65
C THR A 132 -5.64 -12.08 11.44
N ALA A 133 -4.32 -11.97 11.54
CA ALA A 133 -3.43 -12.33 10.45
C ALA A 133 -3.57 -13.80 10.11
N THR A 134 -3.87 -14.09 8.85
CA THR A 134 -4.12 -15.45 8.41
C THR A 134 -3.82 -15.60 6.91
N ALA A 135 -4.11 -14.55 6.15
CA ALA A 135 -3.94 -14.58 4.70
C ALA A 135 -2.47 -14.37 4.34
N PRO A 136 -2.05 -14.80 3.13
CA PRO A 136 -0.67 -14.56 2.69
C PRO A 136 -0.43 -13.07 2.45
N VAL A 137 -1.52 -12.36 2.16
CA VAL A 137 -1.48 -10.93 1.98
C VAL A 137 -2.45 -10.26 2.95
N GLU A 138 -1.94 -9.33 3.73
CA GLU A 138 -2.73 -8.62 4.71
C GLU A 138 -2.80 -7.15 4.31
N VAL A 139 -4.00 -6.60 4.22
CA VAL A 139 -4.19 -5.26 3.71
C VAL A 139 -4.63 -4.29 4.79
N ILE A 140 -3.83 -3.24 4.97
CA ILE A 140 -4.15 -2.19 5.91
C ILE A 140 -4.58 -0.93 5.17
N VAL A 141 -5.82 -0.52 5.36
CA VAL A 141 -6.30 0.71 4.75
C VAL A 141 -6.50 1.79 5.81
N LEU A 142 -5.71 2.85 5.73
CA LEU A 142 -5.78 3.93 6.68
C LEU A 142 -6.57 5.09 6.12
N THR A 143 -7.63 5.44 6.80
CA THR A 143 -8.45 6.57 6.43
C THR A 143 -8.35 7.67 7.48
N ASN A 144 -9.02 8.79 7.27
CA ASN A 144 -9.02 9.86 8.26
C ASN A 144 -9.59 9.39 9.60
N ALA A 145 -10.44 8.38 9.56
CA ALA A 145 -11.06 7.83 10.76
C ALA A 145 -10.30 6.60 11.27
N GLY A 146 -9.10 6.38 10.74
CA GLY A 146 -8.31 5.23 11.14
C GLY A 146 -8.47 4.07 10.19
N LEU A 147 -8.31 2.85 10.67
CA LEU A 147 -8.46 1.68 9.83
C LEU A 147 -9.93 1.41 9.54
N MET A 148 -10.27 1.37 8.27
CA MET A 148 -11.65 1.25 7.86
C MET A 148 -11.92 -0.17 7.35
N GLY A 149 -12.82 -0.88 8.01
CA GLY A 149 -12.99 -2.30 7.75
C GLY A 149 -14.15 -2.61 6.81
N ASP A 150 -14.55 -1.63 6.02
CA ASP A 150 -15.61 -1.83 5.04
C ASP A 150 -15.16 -1.34 3.67
N VAL A 151 -13.86 -1.37 3.44
CA VAL A 151 -13.30 -0.93 2.17
C VAL A 151 -12.95 -2.13 1.30
N SER A 152 -13.47 -2.13 0.08
CA SER A 152 -13.17 -3.19 -0.86
C SER A 152 -12.15 -2.68 -1.87
N ILE A 153 -10.97 -3.27 -1.84
CA ILE A 153 -9.90 -2.90 -2.77
C ILE A 153 -9.96 -3.79 -4.01
N SER A 154 -11.01 -4.59 -4.11
CA SER A 154 -11.17 -5.48 -5.25
C SER A 154 -11.22 -4.67 -6.53
N GLY A 155 -10.39 -5.07 -7.49
CA GLY A 155 -10.30 -4.34 -8.74
C GLY A 155 -9.09 -3.46 -8.82
N THR A 156 -8.40 -3.27 -7.70
CA THR A 156 -7.15 -2.52 -7.69
C THR A 156 -6.06 -3.30 -8.44
N LYS A 157 -5.51 -2.67 -9.48
CA LYS A 157 -4.53 -3.33 -10.33
C LYS A 157 -3.21 -2.58 -10.28
N VAL A 158 -2.14 -3.28 -9.90
CA VAL A 158 -0.84 -2.66 -9.77
C VAL A 158 0.10 -3.16 -10.87
N THR A 159 0.82 -2.23 -11.47
CA THR A 159 1.80 -2.55 -12.49
C THR A 159 3.20 -2.15 -12.05
N LYS A 160 4.20 -2.80 -12.59
CA LYS A 160 5.58 -2.57 -12.20
C LYS A 160 6.18 -1.40 -12.97
N LEU A 161 6.74 -0.43 -12.26
CA LEU A 161 7.36 0.71 -12.91
C LEU A 161 8.82 0.40 -13.22
N LYS A 162 9.25 0.74 -14.42
CA LYS A 162 10.60 0.47 -14.84
C LYS A 162 11.48 1.71 -14.65
N ILE A 163 11.82 2.00 -13.40
CA ILE A 163 12.71 3.10 -13.08
C ILE A 163 13.92 2.59 -12.32
N GLY A 1 20.38 11.03 -18.98
CA GLY A 1 19.40 10.33 -18.12
C GLY A 1 19.61 10.62 -16.66
N SER A 2 18.93 9.86 -15.80
CA SER A 2 19.06 10.00 -14.35
C SER A 2 18.73 11.43 -13.90
N ALA A 3 17.65 11.97 -14.45
CA ALA A 3 17.18 13.29 -14.05
C ALA A 3 15.69 13.24 -13.77
N THR A 4 14.90 13.01 -14.80
CA THR A 4 13.45 12.89 -14.63
C THR A 4 13.13 11.61 -13.87
N ASN A 5 13.79 10.52 -14.24
CA ASN A 5 13.61 9.24 -13.55
C ASN A 5 14.09 9.33 -12.12
N ALA A 6 15.13 10.13 -11.89
CA ALA A 6 15.68 10.31 -10.55
C ALA A 6 14.77 11.16 -9.70
N SER A 7 14.21 12.21 -10.31
CA SER A 7 13.29 13.11 -9.61
C SER A 7 12.02 12.37 -9.21
N LYS A 8 11.55 11.50 -10.09
CA LYS A 8 10.33 10.74 -9.83
C LYS A 8 10.57 9.73 -8.72
N ARG A 9 11.71 9.03 -8.81
CA ARG A 9 12.09 8.07 -7.78
C ARG A 9 12.14 8.73 -6.41
N GLN A 10 12.76 9.90 -6.34
CA GLN A 10 12.90 10.62 -5.09
C GLN A 10 11.54 10.99 -4.53
N ALA A 11 10.63 11.41 -5.41
CA ALA A 11 9.30 11.79 -5.01
C ALA A 11 8.52 10.61 -4.46
N ILE A 12 8.62 9.47 -5.14
CA ILE A 12 7.88 8.28 -4.74
C ILE A 12 8.43 7.70 -3.44
N ASP A 13 9.74 7.50 -3.39
CA ASP A 13 10.38 6.80 -2.27
C ASP A 13 10.21 7.59 -0.98
N ALA A 14 10.35 8.91 -1.07
CA ALA A 14 10.23 9.77 0.09
C ALA A 14 8.79 9.84 0.58
N SER A 15 7.86 9.84 -0.37
CA SER A 15 6.43 9.86 -0.03
C SER A 15 6.04 8.57 0.67
N VAL A 16 6.69 7.47 0.29
CA VAL A 16 6.45 6.19 0.92
C VAL A 16 6.87 6.22 2.39
N ASP A 17 8.09 6.70 2.63
CA ASP A 17 8.60 6.84 3.99
C ASP A 17 7.69 7.71 4.84
N ALA A 18 7.27 8.85 4.28
CA ALA A 18 6.39 9.78 4.97
C ALA A 18 5.03 9.13 5.28
N THR A 19 4.50 8.42 4.29
CA THR A 19 3.21 7.76 4.44
C THR A 19 3.28 6.62 5.46
N LEU A 20 4.40 5.89 5.45
CA LEU A 20 4.60 4.78 6.36
C LEU A 20 4.75 5.31 7.78
N SER A 21 5.42 6.45 7.91
CA SER A 21 5.60 7.11 9.20
C SER A 21 4.24 7.49 9.79
N ARG A 22 3.34 7.93 8.93
CA ARG A 22 2.00 8.31 9.37
C ARG A 22 1.23 7.08 9.83
N LEU A 23 1.49 5.95 9.18
CA LEU A 23 0.83 4.69 9.55
C LEU A 23 1.21 4.28 10.96
N TYR A 24 2.51 4.32 11.26
CA TYR A 24 3.00 3.93 12.58
C TYR A 24 2.43 4.82 13.68
N SER A 25 2.27 6.10 13.37
CA SER A 25 1.80 7.05 14.36
C SER A 25 0.28 7.00 14.52
N THR A 26 -0.42 6.69 13.44
CA THR A 26 -1.87 6.70 13.45
C THR A 26 -2.45 5.35 13.88
N VAL A 27 -1.86 4.27 13.42
CA VAL A 27 -2.42 2.94 13.65
C VAL A 27 -1.61 2.15 14.66
N ARG A 28 -2.25 1.85 15.79
CA ARG A 28 -1.61 1.07 16.84
C ARG A 28 -1.51 -0.41 16.45
N GLY A 29 -0.34 -0.98 16.62
CA GLY A 29 -0.13 -2.38 16.33
C GLY A 29 0.31 -2.64 14.90
N SER A 30 0.26 -1.59 14.08
CA SER A 30 0.65 -1.70 12.68
C SER A 30 2.12 -2.10 12.56
N ARG A 31 2.95 -1.56 13.46
CA ARG A 31 4.39 -1.79 13.42
C ARG A 31 4.70 -3.28 13.54
N GLU A 32 4.02 -3.96 14.44
CA GLU A 32 4.24 -5.38 14.66
C GLU A 32 3.86 -6.18 13.43
N LEU A 33 2.71 -5.86 12.84
CA LEU A 33 2.22 -6.57 11.67
C LEU A 33 3.15 -6.34 10.48
N VAL A 34 3.69 -5.13 10.38
CA VAL A 34 4.65 -4.81 9.32
C VAL A 34 5.94 -5.60 9.51
N ALA A 35 6.33 -5.79 10.77
CA ALA A 35 7.49 -6.61 11.10
C ALA A 35 7.24 -8.07 10.72
N LYS A 36 5.98 -8.49 10.83
CA LYS A 36 5.55 -9.82 10.41
C LYS A 36 5.56 -9.93 8.88
N SER A 37 5.52 -8.80 8.21
CA SER A 37 5.53 -8.77 6.76
C SER A 37 6.96 -8.90 6.24
N ARG A 38 7.14 -9.77 5.25
CA ARG A 38 8.43 -9.96 4.63
C ARG A 38 8.67 -8.84 3.63
N GLY A 39 7.58 -8.38 3.05
CA GLY A 39 7.63 -7.24 2.15
C GLY A 39 6.42 -6.36 2.32
N VAL A 40 6.61 -5.05 2.26
CA VAL A 40 5.52 -4.12 2.45
C VAL A 40 5.45 -3.10 1.32
N LEU A 41 4.27 -2.96 0.74
CA LEU A 41 4.04 -2.01 -0.33
C LEU A 41 3.11 -0.90 0.15
N VAL A 42 3.57 0.33 0.09
CA VAL A 42 2.79 1.47 0.56
C VAL A 42 2.29 2.31 -0.61
N PHE A 43 0.99 2.61 -0.60
CA PHE A 43 0.40 3.45 -1.64
C PHE A 43 -0.16 4.74 -1.07
N PRO A 44 0.53 5.87 -1.31
CA PRO A 44 0.06 7.20 -0.96
C PRO A 44 -0.85 7.78 -2.04
N ASP A 45 -1.83 6.98 -2.49
CA ASP A 45 -2.75 7.42 -3.55
C ASP A 45 -3.70 8.47 -3.00
N VAL A 46 -3.62 9.68 -3.53
CA VAL A 46 -4.41 10.78 -3.02
C VAL A 46 -5.75 10.89 -3.76
N ILE A 47 -6.82 10.63 -3.04
CA ILE A 47 -8.16 10.72 -3.60
C ILE A 47 -8.62 12.17 -3.60
N GLN A 48 -8.23 12.88 -4.64
CA GLN A 48 -8.60 14.27 -4.82
C GLN A 48 -8.98 14.50 -6.28
N ALA A 49 -9.89 15.42 -6.52
CA ALA A 49 -10.33 15.74 -7.88
C ALA A 49 -9.29 16.62 -8.58
N GLY A 50 -8.14 16.04 -8.84
CA GLY A 50 -7.08 16.75 -9.52
C GLY A 50 -6.00 15.80 -9.97
N LEU A 51 -6.29 15.04 -11.02
CA LEU A 51 -5.34 14.06 -11.54
C LEU A 51 -4.22 14.74 -12.28
N ILE A 52 -3.05 14.11 -12.28
CA ILE A 52 -1.89 14.62 -13.00
C ILE A 52 -2.02 14.25 -14.46
N ILE A 53 -1.74 15.20 -15.34
CA ILE A 53 -1.84 14.96 -16.78
C ILE A 53 -0.81 13.94 -17.21
N GLY A 54 -1.28 12.72 -17.47
CA GLY A 54 -0.38 11.64 -17.83
C GLY A 54 0.25 10.99 -16.61
N GLY A 55 -0.35 11.22 -15.45
CA GLY A 55 0.19 10.66 -14.22
C GLY A 55 -0.90 10.28 -13.23
N GLN A 56 -0.75 9.12 -12.62
CA GLN A 56 -1.70 8.65 -11.62
C GLN A 56 -1.37 9.25 -10.26
N THR A 57 -2.35 9.21 -9.36
CA THR A 57 -2.17 9.74 -8.02
C THR A 57 -1.59 8.69 -7.08
N GLY A 58 -1.50 7.46 -7.58
CA GLY A 58 -1.01 6.36 -6.77
C GLY A 58 0.36 5.88 -7.22
N ASN A 59 1.37 6.25 -6.46
CA ASN A 59 2.73 5.80 -6.71
C ASN A 59 3.35 5.29 -5.43
N GLY A 60 3.74 4.02 -5.41
CA GLY A 60 4.25 3.43 -4.19
C GLY A 60 5.55 2.70 -4.42
N ALA A 61 6.09 2.12 -3.37
CA ALA A 61 7.36 1.43 -3.44
C ALA A 61 7.35 0.19 -2.55
N LEU A 62 8.02 -0.85 -2.99
CA LEU A 62 8.09 -2.08 -2.23
C LEU A 62 9.33 -2.07 -1.34
N ARG A 63 9.10 -2.11 -0.04
CA ARG A 63 10.17 -2.10 0.93
C ARG A 63 10.38 -3.51 1.47
N VAL A 64 11.52 -4.10 1.14
CA VAL A 64 11.88 -5.41 1.65
C VAL A 64 13.16 -5.29 2.47
N GLY A 65 13.08 -5.57 3.75
CA GLY A 65 14.21 -5.41 4.63
C GLY A 65 14.59 -3.95 4.79
N GLY A 66 13.60 -3.07 4.67
CA GLY A 66 13.84 -1.65 4.79
C GLY A 66 14.32 -1.01 3.51
N ALA A 67 14.63 -1.82 2.50
CA ALA A 67 15.17 -1.32 1.24
C ALA A 67 14.14 -1.40 0.13
N THR A 68 14.09 -0.38 -0.71
CA THR A 68 13.17 -0.37 -1.84
C THR A 68 13.75 -1.19 -2.98
N VAL A 69 13.04 -2.23 -3.40
CA VAL A 69 13.51 -3.07 -4.48
C VAL A 69 12.79 -2.75 -5.79
N GLY A 70 11.65 -2.06 -5.69
CA GLY A 70 10.91 -1.70 -6.87
C GLY A 70 9.84 -0.67 -6.58
N TYR A 71 9.34 -0.04 -7.63
CA TYR A 71 8.33 1.00 -7.49
C TYR A 71 7.08 0.60 -8.28
N TYR A 72 5.92 0.94 -7.75
CA TYR A 72 4.66 0.45 -8.30
C TYR A 72 3.64 1.58 -8.49
N ASN A 73 2.68 1.32 -9.36
CA ASN A 73 1.64 2.27 -9.71
C ASN A 73 0.28 1.60 -9.73
N THR A 74 -0.74 2.31 -9.29
CA THR A 74 -2.10 1.80 -9.37
C THR A 74 -2.74 2.25 -10.68
N SER A 75 -2.97 1.30 -11.58
CA SER A 75 -3.50 1.62 -12.89
C SER A 75 -5.01 1.41 -12.92
N SER A 76 -5.53 0.81 -11.85
CA SER A 76 -6.97 0.58 -11.72
C SER A 76 -7.34 0.52 -10.24
N LEU A 77 -7.76 1.65 -9.70
CA LEU A 77 -8.19 1.72 -8.31
C LEU A 77 -9.70 1.61 -8.25
N SER A 78 -10.19 0.82 -7.31
CA SER A 78 -11.63 0.66 -7.12
C SER A 78 -12.30 2.02 -6.88
N VAL A 79 -13.37 2.26 -7.62
CA VAL A 79 -14.02 3.57 -7.65
C VAL A 79 -14.57 3.95 -6.28
N GLY A 80 -14.92 2.95 -5.48
CA GLY A 80 -15.42 3.19 -4.15
C GLY A 80 -14.44 3.95 -3.27
N LEU A 81 -13.15 3.81 -3.59
CA LEU A 81 -12.12 4.53 -2.86
C LEU A 81 -11.81 5.87 -3.52
N GLN A 82 -11.73 5.85 -4.85
CA GLN A 82 -11.33 7.01 -5.62
C GLN A 82 -12.43 8.08 -5.62
N ALA A 83 -13.66 7.67 -5.33
CA ALA A 83 -14.74 8.61 -5.14
C ALA A 83 -14.65 9.28 -3.78
N GLY A 84 -14.50 10.60 -3.76
CA GLY A 84 -14.39 11.32 -2.51
C GLY A 84 -13.49 12.52 -2.63
N ALA A 85 -13.00 13.01 -1.50
CA ALA A 85 -12.11 14.17 -1.49
C ALA A 85 -11.09 14.04 -0.36
N GLN A 86 -10.82 12.83 0.06
CA GLN A 86 -9.92 12.57 1.17
C GLN A 86 -8.79 11.64 0.75
N SER A 87 -7.56 12.04 1.06
CA SER A 87 -6.38 11.27 0.72
C SER A 87 -6.34 9.98 1.54
N LYS A 88 -6.05 8.86 0.89
CA LYS A 88 -6.01 7.59 1.58
C LYS A 88 -4.64 6.95 1.42
N ALA A 89 -4.35 5.97 2.23
CA ALA A 89 -3.13 5.19 2.09
C ALA A 89 -3.46 3.71 2.17
N ILE A 90 -2.92 2.95 1.24
CA ILE A 90 -3.20 1.52 1.19
C ILE A 90 -1.92 0.74 1.36
N VAL A 91 -1.87 -0.10 2.38
CA VAL A 91 -0.68 -0.87 2.67
C VAL A 91 -0.91 -2.35 2.39
N PHE A 92 -0.08 -2.91 1.53
CA PHE A 92 -0.17 -4.32 1.20
C PHE A 92 0.97 -5.08 1.88
N LEU A 93 0.62 -5.96 2.81
CA LEU A 93 1.61 -6.70 3.57
C LEU A 93 1.70 -8.14 3.07
N PHE A 94 2.90 -8.57 2.74
CA PHE A 94 3.14 -9.95 2.36
C PHE A 94 3.80 -10.69 3.52
N MET A 95 3.02 -11.45 4.27
CA MET A 95 3.54 -12.11 5.48
C MET A 95 4.34 -13.37 5.12
N THR A 96 4.20 -13.84 3.90
CA THR A 96 4.89 -15.04 3.47
C THR A 96 5.80 -14.75 2.29
N GLN A 97 6.95 -15.41 2.27
CA GLN A 97 7.93 -15.20 1.22
C GLN A 97 7.44 -15.79 -0.10
N ASP A 98 6.70 -16.89 -0.01
CA ASP A 98 6.08 -17.49 -1.19
C ASP A 98 5.19 -16.47 -1.91
N ALA A 99 4.48 -15.66 -1.13
CA ALA A 99 3.64 -14.62 -1.68
C ALA A 99 4.48 -13.50 -2.29
N LEU A 100 5.66 -13.26 -1.73
CA LEU A 100 6.55 -12.21 -2.22
C LEU A 100 7.13 -12.60 -3.56
N ASP A 101 7.62 -13.83 -3.65
CA ASP A 101 8.22 -14.34 -4.89
C ASP A 101 7.19 -14.36 -6.02
N LYS A 102 5.99 -14.85 -5.71
CA LYS A 102 4.94 -14.94 -6.71
C LYS A 102 4.55 -13.55 -7.22
N PHE A 103 4.49 -12.60 -6.30
CA PHE A 103 4.18 -11.21 -6.62
C PHE A 103 5.27 -10.62 -7.52
N ARG A 104 6.52 -10.89 -7.16
CA ARG A 104 7.68 -10.35 -7.87
C ARG A 104 7.75 -10.88 -9.30
N ASN A 105 7.36 -12.15 -9.48
CA ASN A 105 7.43 -12.78 -10.79
C ASN A 105 6.22 -12.42 -11.65
N SER A 106 5.22 -11.81 -11.03
CA SER A 106 4.01 -11.43 -11.73
C SER A 106 4.14 -10.01 -12.29
N ASP A 107 3.97 -9.86 -13.60
CA ASP A 107 3.91 -8.53 -14.21
C ASP A 107 2.47 -8.06 -14.26
N GLY A 108 2.06 -7.36 -13.23
CA GLY A 108 0.67 -6.97 -13.10
C GLY A 108 -0.03 -7.82 -12.07
N TRP A 109 -0.53 -7.19 -11.02
CA TRP A 109 -1.16 -7.91 -9.91
C TRP A 109 -2.43 -7.20 -9.48
N ALA A 110 -3.51 -7.95 -9.30
CA ALA A 110 -4.78 -7.37 -8.88
C ALA A 110 -5.26 -8.00 -7.57
N ALA A 111 -5.72 -7.16 -6.66
CA ALA A 111 -6.18 -7.61 -5.35
C ALA A 111 -7.51 -8.34 -5.46
N GLY A 112 -7.56 -9.55 -4.93
CA GLY A 112 -8.78 -10.34 -5.01
C GLY A 112 -8.80 -11.21 -6.24
N ALA A 113 -8.10 -10.77 -7.28
CA ALA A 113 -8.03 -11.51 -8.53
C ALA A 113 -7.03 -12.63 -8.44
N ASP A 114 -5.77 -12.28 -8.18
CA ASP A 114 -4.71 -13.28 -8.12
C ASP A 114 -4.51 -13.77 -6.70
N ALA A 115 -4.41 -12.84 -5.76
CA ALA A 115 -4.20 -13.20 -4.37
C ALA A 115 -5.43 -12.88 -3.53
N SER A 116 -5.79 -13.81 -2.66
CA SER A 116 -6.86 -13.58 -1.70
C SER A 116 -6.33 -12.74 -0.54
N VAL A 117 -6.82 -11.52 -0.43
CA VAL A 117 -6.31 -10.59 0.56
C VAL A 117 -7.30 -10.40 1.70
N ALA A 118 -6.78 -10.15 2.89
CA ALA A 118 -7.61 -9.93 4.06
C ALA A 118 -7.52 -8.47 4.51
N LEU A 119 -8.65 -7.90 4.83
CA LEU A 119 -8.69 -6.55 5.33
C LEU A 119 -8.49 -6.57 6.84
N VAL A 120 -7.39 -5.98 7.30
CA VAL A 120 -7.04 -6.04 8.71
C VAL A 120 -7.98 -5.17 9.53
N LYS A 121 -8.56 -5.76 10.56
CA LYS A 121 -9.50 -5.07 11.41
C LYS A 121 -8.90 -4.89 12.80
N MET A 122 -9.06 -3.70 13.35
CA MET A 122 -8.60 -3.42 14.70
C MET A 122 -9.52 -4.07 15.72
N GLY A 123 -8.95 -4.46 16.84
CA GLY A 123 -9.70 -5.12 17.89
C GLY A 123 -10.45 -4.13 18.76
N ALA A 124 -11.06 -4.62 19.83
CA ALA A 124 -11.85 -3.79 20.73
C ALA A 124 -10.99 -2.77 21.46
N ASN A 125 -9.68 -3.02 21.49
CA ASN A 125 -8.75 -2.12 22.17
C ASN A 125 -8.37 -0.95 21.26
N GLY A 126 -8.89 -0.94 20.04
CA GLY A 126 -8.57 0.13 19.10
C GLY A 126 -7.22 -0.05 18.46
N ALA A 127 -6.69 -1.26 18.52
CA ALA A 127 -5.39 -1.58 17.95
C ALA A 127 -5.50 -2.83 17.09
N ILE A 128 -4.59 -2.99 16.15
CA ILE A 128 -4.60 -4.14 15.27
C ILE A 128 -4.35 -5.42 16.03
N ASP A 129 -5.29 -6.35 15.91
CA ASP A 129 -5.16 -7.66 16.50
C ASP A 129 -4.39 -8.57 15.54
N THR A 130 -3.12 -8.75 15.80
CA THR A 130 -2.26 -9.50 14.89
C THR A 130 -2.50 -11.00 15.02
N THR A 131 -3.20 -11.41 16.07
CA THR A 131 -3.51 -12.81 16.28
C THR A 131 -4.56 -13.32 15.30
N THR A 132 -5.44 -12.43 14.86
CA THR A 132 -6.46 -12.80 13.89
C THR A 132 -5.96 -12.66 12.45
N ALA A 133 -4.93 -11.84 12.28
CA ALA A 133 -4.34 -11.65 10.96
C ALA A 133 -3.39 -12.79 10.63
N THR A 134 -3.64 -13.46 9.51
CA THR A 134 -2.81 -14.58 9.10
C THR A 134 -3.03 -14.95 7.63
N ALA A 135 -3.55 -14.01 6.85
CA ALA A 135 -3.70 -14.22 5.41
C ALA A 135 -2.37 -13.99 4.71
N PRO A 136 -2.13 -14.61 3.53
CA PRO A 136 -0.85 -14.43 2.84
C PRO A 136 -0.59 -12.96 2.53
N VAL A 137 -1.67 -12.25 2.20
CA VAL A 137 -1.61 -10.81 1.98
C VAL A 137 -2.54 -10.11 2.96
N GLU A 138 -1.97 -9.22 3.76
CA GLU A 138 -2.72 -8.51 4.78
C GLU A 138 -2.81 -7.04 4.40
N VAL A 139 -4.03 -6.53 4.32
CA VAL A 139 -4.25 -5.19 3.82
C VAL A 139 -4.67 -4.23 4.91
N ILE A 140 -3.87 -3.19 5.10
CA ILE A 140 -4.19 -2.12 6.02
C ILE A 140 -4.61 -0.87 5.26
N VAL A 141 -5.85 -0.45 5.44
CA VAL A 141 -6.33 0.77 4.81
C VAL A 141 -6.33 1.92 5.81
N LEU A 142 -5.51 2.93 5.52
CA LEU A 142 -5.40 4.09 6.39
C LEU A 142 -6.18 5.25 5.81
N THR A 143 -7.22 5.65 6.51
CA THR A 143 -8.05 6.76 6.08
C THR A 143 -7.89 7.94 7.03
N ASN A 144 -8.58 9.04 6.76
CA ASN A 144 -8.57 10.18 7.68
C ASN A 144 -9.22 9.81 9.02
N ALA A 145 -10.03 8.76 9.00
CA ALA A 145 -10.67 8.26 10.21
C ALA A 145 -9.90 7.06 10.77
N GLY A 146 -8.68 6.88 10.29
CA GLY A 146 -7.86 5.77 10.74
C GLY A 146 -8.19 4.49 10.01
N LEU A 147 -8.44 3.43 10.76
CA LEU A 147 -8.75 2.14 10.16
C LEU A 147 -10.23 2.04 9.83
N MET A 148 -10.51 1.79 8.56
CA MET A 148 -11.89 1.61 8.11
C MET A 148 -12.09 0.15 7.71
N GLY A 149 -13.00 -0.53 8.41
CA GLY A 149 -13.20 -1.96 8.18
C GLY A 149 -14.22 -2.23 7.11
N ASP A 150 -14.54 -1.21 6.33
CA ASP A 150 -15.52 -1.33 5.26
C ASP A 150 -14.93 -0.78 3.97
N VAL A 151 -13.82 -1.35 3.55
CA VAL A 151 -13.17 -0.95 2.32
C VAL A 151 -12.98 -2.16 1.40
N SER A 152 -13.44 -2.04 0.17
CA SER A 152 -13.30 -3.11 -0.80
C SER A 152 -12.30 -2.72 -1.88
N ILE A 153 -11.20 -3.46 -1.96
CA ILE A 153 -10.15 -3.16 -2.93
C ILE A 153 -10.11 -4.19 -4.05
N SER A 154 -11.14 -5.02 -4.14
CA SER A 154 -11.20 -6.02 -5.19
C SER A 154 -11.25 -5.34 -6.56
N GLY A 155 -10.35 -5.74 -7.43
CA GLY A 155 -10.28 -5.12 -8.74
C GLY A 155 -9.15 -4.11 -8.85
N THR A 156 -8.51 -3.80 -7.73
CA THR A 156 -7.37 -2.88 -7.74
C THR A 156 -6.16 -3.56 -8.39
N LYS A 157 -5.65 -2.93 -9.46
CA LYS A 157 -4.56 -3.50 -10.25
C LYS A 157 -3.31 -2.64 -10.13
N VAL A 158 -2.19 -3.27 -9.80
CA VAL A 158 -0.92 -2.56 -9.64
C VAL A 158 0.07 -3.00 -10.73
N THR A 159 0.78 -2.04 -11.29
CA THR A 159 1.81 -2.30 -12.28
C THR A 159 3.16 -1.79 -11.79
N LYS A 160 4.24 -2.36 -12.33
CA LYS A 160 5.59 -1.97 -11.92
C LYS A 160 6.08 -0.80 -12.78
N LEU A 161 6.60 0.23 -12.14
CA LEU A 161 7.11 1.38 -12.85
C LEU A 161 8.56 1.13 -13.27
N LYS A 162 8.87 1.49 -14.50
CA LYS A 162 10.21 1.25 -15.03
C LYS A 162 11.11 2.46 -14.81
N ILE A 163 11.48 2.70 -13.56
CA ILE A 163 12.39 3.78 -13.22
C ILE A 163 13.60 3.24 -12.48
N GLY A 1 17.33 7.28 -15.96
CA GLY A 1 17.79 8.29 -16.94
C GLY A 1 17.19 9.65 -16.68
N SER A 2 17.89 10.69 -17.15
CA SER A 2 17.47 12.09 -16.97
C SER A 2 17.20 12.43 -15.50
N ALA A 3 16.59 13.56 -15.24
CA ALA A 3 16.25 13.94 -13.88
C ALA A 3 14.90 13.36 -13.47
N THR A 4 14.07 13.09 -14.47
CA THR A 4 12.70 12.63 -14.23
C THR A 4 12.67 11.33 -13.43
N ASN A 5 13.50 10.36 -13.80
CA ASN A 5 13.49 9.06 -13.12
C ASN A 5 14.07 9.19 -11.71
N ALA A 6 15.10 9.99 -11.58
CA ALA A 6 15.77 10.17 -10.29
C ALA A 6 14.90 10.98 -9.34
N SER A 7 14.32 12.05 -9.85
CA SER A 7 13.45 12.91 -9.05
C SER A 7 12.19 12.16 -8.61
N LYS A 8 11.69 11.27 -9.47
CA LYS A 8 10.49 10.51 -9.15
C LYS A 8 10.81 9.50 -8.05
N ARG A 9 11.98 8.87 -8.15
CA ARG A 9 12.45 7.96 -7.11
C ARG A 9 12.48 8.67 -5.75
N GLN A 10 12.97 9.90 -5.75
CA GLN A 10 13.08 10.67 -4.51
C GLN A 10 11.69 11.01 -3.95
N ALA A 11 10.77 11.33 -4.85
CA ALA A 11 9.42 11.67 -4.47
C ALA A 11 8.68 10.47 -3.89
N ILE A 12 8.83 9.31 -4.54
CA ILE A 12 8.15 8.11 -4.12
C ILE A 12 8.71 7.61 -2.79
N ASP A 13 10.03 7.53 -2.72
CA ASP A 13 10.72 6.98 -1.55
C ASP A 13 10.37 7.76 -0.30
N ALA A 14 10.33 9.08 -0.42
CA ALA A 14 10.02 9.95 0.70
C ALA A 14 8.55 9.84 1.08
N SER A 15 7.70 9.76 0.06
CA SER A 15 6.25 9.69 0.25
C SER A 15 5.88 8.39 0.96
N VAL A 16 6.60 7.32 0.64
CA VAL A 16 6.37 6.02 1.26
C VAL A 16 6.73 6.08 2.75
N ASP A 17 7.92 6.60 3.04
CA ASP A 17 8.38 6.73 4.41
C ASP A 17 7.44 7.60 5.24
N ALA A 18 7.03 8.72 4.66
CA ALA A 18 6.13 9.65 5.35
C ALA A 18 4.79 9.01 5.66
N THR A 19 4.26 8.27 4.70
CA THR A 19 2.97 7.63 4.85
C THR A 19 3.03 6.50 5.88
N LEU A 20 4.14 5.75 5.86
CA LEU A 20 4.30 4.63 6.77
C LEU A 20 4.48 5.14 8.20
N SER A 21 5.18 6.25 8.33
CA SER A 21 5.39 6.89 9.62
C SER A 21 4.08 7.35 10.24
N ARG A 22 3.19 7.86 9.39
CA ARG A 22 1.90 8.34 9.85
C ARG A 22 1.03 7.16 10.29
N LEU A 23 1.19 6.03 9.61
CA LEU A 23 0.46 4.82 9.98
C LEU A 23 0.84 4.36 11.37
N TYR A 24 2.13 4.39 11.66
CA TYR A 24 2.63 3.97 12.98
C TYR A 24 2.16 4.92 14.06
N SER A 25 2.03 6.19 13.71
CA SER A 25 1.58 7.21 14.65
C SER A 25 0.07 7.10 14.88
N THR A 26 -0.67 6.79 13.83
CA THR A 26 -2.12 6.80 13.88
C THR A 26 -2.70 5.47 14.36
N VAL A 27 -2.15 4.37 13.89
CA VAL A 27 -2.71 3.05 14.19
C VAL A 27 -1.75 2.23 15.04
N ARG A 28 -2.19 1.90 16.24
CA ARG A 28 -1.41 1.07 17.15
C ARG A 28 -1.39 -0.39 16.69
N GLY A 29 -0.22 -1.02 16.76
CA GLY A 29 -0.11 -2.43 16.44
C GLY A 29 0.43 -2.67 15.03
N SER A 30 0.45 -1.62 14.23
CA SER A 30 0.95 -1.69 12.86
C SER A 30 2.41 -2.11 12.83
N ARG A 31 3.17 -1.68 13.84
CA ARG A 31 4.59 -1.97 13.92
C ARG A 31 4.88 -3.46 13.84
N GLU A 32 4.15 -4.24 14.64
CA GLU A 32 4.34 -5.69 14.69
C GLU A 32 3.98 -6.33 13.37
N LEU A 33 2.83 -5.94 12.82
CA LEU A 33 2.31 -6.54 11.61
C LEU A 33 3.25 -6.31 10.42
N VAL A 34 3.82 -5.11 10.35
CA VAL A 34 4.73 -4.78 9.27
C VAL A 34 6.04 -5.55 9.41
N ALA A 35 6.50 -5.72 10.64
CA ALA A 35 7.68 -6.53 10.91
C ALA A 35 7.44 -7.99 10.53
N LYS A 36 6.20 -8.42 10.71
CA LYS A 36 5.77 -9.77 10.33
C LYS A 36 5.72 -9.91 8.81
N SER A 37 5.69 -8.78 8.13
CA SER A 37 5.66 -8.77 6.67
C SER A 37 7.06 -8.84 6.10
N ARG A 38 7.22 -9.62 5.04
CA ARG A 38 8.48 -9.76 4.33
C ARG A 38 8.74 -8.53 3.47
N GLY A 39 7.67 -8.03 2.88
CA GLY A 39 7.75 -6.83 2.07
C GLY A 39 6.52 -5.98 2.22
N VAL A 40 6.68 -4.67 2.11
CA VAL A 40 5.57 -3.76 2.27
C VAL A 40 5.47 -2.78 1.10
N LEU A 41 4.29 -2.67 0.53
CA LEU A 41 4.04 -1.72 -0.54
C LEU A 41 3.05 -0.65 -0.07
N VAL A 42 3.43 0.60 -0.20
CA VAL A 42 2.57 1.70 0.24
C VAL A 42 2.13 2.57 -0.94
N PHE A 43 0.83 2.84 -1.02
CA PHE A 43 0.29 3.76 -2.03
C PHE A 43 -0.12 5.07 -1.37
N PRO A 44 0.75 6.09 -1.42
CA PRO A 44 0.54 7.36 -0.74
C PRO A 44 -0.20 8.42 -1.57
N ASP A 45 -0.02 8.40 -2.88
CA ASP A 45 -0.52 9.47 -3.74
C ASP A 45 -1.92 9.13 -4.26
N VAL A 46 -2.84 8.97 -3.33
CA VAL A 46 -4.21 8.67 -3.66
C VAL A 46 -4.90 9.89 -4.28
N ILE A 47 -5.95 9.64 -5.05
CA ILE A 47 -6.72 10.66 -5.73
C ILE A 47 -7.21 11.72 -4.73
N GLN A 48 -6.81 12.96 -4.95
CA GLN A 48 -7.21 14.06 -4.10
C GLN A 48 -7.80 15.19 -4.95
N ALA A 49 -8.96 15.69 -4.54
CA ALA A 49 -9.64 16.73 -5.28
C ALA A 49 -9.18 18.10 -4.80
N GLY A 50 -7.98 18.48 -5.21
CA GLY A 50 -7.42 19.75 -4.83
C GLY A 50 -5.98 19.87 -5.27
N LEU A 51 -5.13 19.04 -4.71
CA LEU A 51 -3.73 19.00 -5.11
C LEU A 51 -3.58 18.23 -6.40
N ILE A 52 -3.05 18.90 -7.42
CA ILE A 52 -2.86 18.27 -8.71
C ILE A 52 -1.50 17.59 -8.75
N ILE A 53 -1.51 16.27 -8.82
CA ILE A 53 -0.29 15.50 -8.87
C ILE A 53 0.16 15.34 -10.33
N GLY A 54 1.38 15.78 -10.62
CA GLY A 54 1.88 15.76 -11.97
C GLY A 54 2.11 14.35 -12.51
N GLY A 55 1.08 13.78 -13.09
CA GLY A 55 1.20 12.46 -13.68
C GLY A 55 0.07 11.55 -13.26
N GLN A 56 0.29 10.25 -13.37
CA GLN A 56 -0.71 9.26 -12.98
C GLN A 56 -0.70 9.08 -11.47
N THR A 57 -1.88 9.08 -10.87
CA THR A 57 -2.01 8.91 -9.43
C THR A 57 -2.00 7.44 -9.06
N GLY A 58 -1.17 7.09 -8.08
CA GLY A 58 -1.12 5.73 -7.60
C GLY A 58 0.22 5.09 -7.87
N ASN A 59 1.28 5.61 -7.25
CA ASN A 59 2.60 5.01 -7.39
C ASN A 59 3.23 4.76 -6.02
N GLY A 60 3.71 3.55 -5.83
CA GLY A 60 4.31 3.19 -4.56
C GLY A 60 5.60 2.45 -4.74
N ALA A 61 6.24 2.12 -3.64
CA ALA A 61 7.51 1.41 -3.68
C ALA A 61 7.46 0.19 -2.78
N LEU A 62 8.07 -0.89 -3.21
CA LEU A 62 8.12 -2.11 -2.41
C LEU A 62 9.37 -2.10 -1.55
N ARG A 63 9.18 -2.06 -0.25
CA ARG A 63 10.29 -2.03 0.69
C ARG A 63 10.51 -3.42 1.26
N VAL A 64 11.68 -3.99 0.98
CA VAL A 64 12.02 -5.30 1.50
C VAL A 64 13.33 -5.23 2.27
N GLY A 65 13.27 -5.52 3.56
CA GLY A 65 14.46 -5.46 4.40
C GLY A 65 15.08 -4.07 4.42
N GLY A 66 14.24 -3.05 4.35
CA GLY A 66 14.74 -1.68 4.38
C GLY A 66 15.21 -1.18 3.02
N ALA A 67 15.26 -2.08 2.04
CA ALA A 67 15.73 -1.71 0.71
C ALA A 67 14.60 -1.86 -0.31
N THR A 68 14.38 -0.81 -1.08
CA THR A 68 13.38 -0.83 -2.12
C THR A 68 13.84 -1.73 -3.27
N VAL A 69 12.98 -2.65 -3.68
CA VAL A 69 13.35 -3.60 -4.73
C VAL A 69 12.70 -3.22 -6.07
N GLY A 70 11.68 -2.39 -6.01
CA GLY A 70 11.01 -1.96 -7.24
C GLY A 70 9.88 -0.99 -6.97
N TYR A 71 9.33 -0.43 -8.04
CA TYR A 71 8.26 0.56 -7.91
C TYR A 71 7.03 0.09 -8.67
N TYR A 72 5.86 0.48 -8.20
CA TYR A 72 4.60 -0.05 -8.74
C TYR A 72 3.58 1.06 -8.93
N ASN A 73 2.60 0.81 -9.81
CA ASN A 73 1.54 1.76 -10.10
C ASN A 73 0.20 1.03 -10.24
N THR A 74 -0.88 1.68 -9.84
CA THR A 74 -2.21 1.10 -10.00
C THR A 74 -2.83 1.58 -11.31
N SER A 75 -2.99 0.67 -12.26
CA SER A 75 -3.54 1.00 -13.55
C SER A 75 -5.06 1.21 -13.45
N SER A 76 -5.70 0.39 -12.63
CA SER A 76 -7.13 0.52 -12.40
C SER A 76 -7.37 1.06 -10.99
N LEU A 77 -7.76 2.32 -10.91
CA LEU A 77 -8.05 2.96 -9.63
C LEU A 77 -9.46 2.62 -9.21
N SER A 78 -9.61 2.18 -7.97
CA SER A 78 -10.91 1.84 -7.43
C SER A 78 -11.83 3.07 -7.46
N VAL A 79 -13.04 2.88 -7.97
CA VAL A 79 -13.98 3.98 -8.14
C VAL A 79 -14.37 4.61 -6.81
N GLY A 80 -14.28 3.83 -5.73
CA GLY A 80 -14.55 4.36 -4.41
C GLY A 80 -13.59 5.48 -4.01
N LEU A 81 -12.35 5.39 -4.47
CA LEU A 81 -11.34 6.40 -4.16
C LEU A 81 -11.31 7.47 -5.25
N GLN A 82 -11.66 7.06 -6.46
CA GLN A 82 -11.63 7.96 -7.62
C GLN A 82 -12.82 8.92 -7.58
N ALA A 83 -13.95 8.46 -7.07
CA ALA A 83 -15.16 9.28 -7.00
C ALA A 83 -15.08 10.30 -5.86
N GLY A 84 -15.14 11.57 -6.20
CA GLY A 84 -15.14 12.62 -5.19
C GLY A 84 -13.76 12.92 -4.65
N ALA A 85 -13.65 13.03 -3.33
CA ALA A 85 -12.39 13.34 -2.69
C ALA A 85 -12.19 12.43 -1.48
N GLN A 86 -12.56 11.17 -1.64
CA GLN A 86 -12.42 10.20 -0.57
C GLN A 86 -11.01 9.61 -0.58
N SER A 87 -10.04 10.45 -0.27
CA SER A 87 -8.64 10.07 -0.31
C SER A 87 -8.32 9.09 0.82
N LYS A 88 -7.84 7.91 0.44
CA LYS A 88 -7.50 6.86 1.39
C LYS A 88 -6.13 6.31 1.04
N ALA A 89 -5.39 5.85 2.04
CA ALA A 89 -4.06 5.32 1.82
C ALA A 89 -4.06 3.82 2.03
N ILE A 90 -3.36 3.10 1.19
CA ILE A 90 -3.43 1.65 1.20
C ILE A 90 -2.05 1.04 1.35
N VAL A 91 -1.95 0.09 2.27
CA VAL A 91 -0.70 -0.61 2.52
C VAL A 91 -0.89 -2.11 2.31
N PHE A 92 -0.04 -2.69 1.48
CA PHE A 92 -0.11 -4.12 1.20
C PHE A 92 1.04 -4.84 1.89
N LEU A 93 0.72 -5.73 2.82
CA LEU A 93 1.71 -6.47 3.56
C LEU A 93 1.75 -7.92 3.10
N PHE A 94 2.94 -8.39 2.76
CA PHE A 94 3.12 -9.78 2.36
C PHE A 94 3.83 -10.55 3.46
N MET A 95 3.08 -11.37 4.20
CA MET A 95 3.65 -12.11 5.33
C MET A 95 4.39 -13.37 4.88
N THR A 96 4.22 -13.73 3.62
CA THR A 96 4.85 -14.93 3.09
C THR A 96 5.80 -14.59 1.94
N GLN A 97 6.91 -15.31 1.87
CA GLN A 97 7.88 -15.08 0.81
C GLN A 97 7.30 -15.46 -0.55
N ASP A 98 6.52 -16.53 -0.57
CA ASP A 98 5.83 -16.96 -1.79
C ASP A 98 4.97 -15.83 -2.34
N ALA A 99 4.37 -15.04 -1.46
CA ALA A 99 3.57 -13.91 -1.88
C ALA A 99 4.44 -12.80 -2.45
N LEU A 100 5.64 -12.64 -1.89
CA LEU A 100 6.55 -11.58 -2.32
C LEU A 100 7.11 -11.90 -3.69
N ASP A 101 7.58 -13.13 -3.86
CA ASP A 101 8.17 -13.58 -5.12
C ASP A 101 7.13 -13.58 -6.22
N LYS A 102 5.95 -14.09 -5.92
CA LYS A 102 4.86 -14.14 -6.89
C LYS A 102 4.50 -12.72 -7.34
N PHE A 103 4.42 -11.80 -6.39
CA PHE A 103 4.06 -10.42 -6.67
C PHE A 103 5.12 -9.76 -7.56
N ARG A 104 6.38 -9.94 -7.21
CA ARG A 104 7.48 -9.30 -7.91
C ARG A 104 7.67 -9.88 -9.32
N ASN A 105 7.23 -11.11 -9.51
CA ASN A 105 7.41 -11.78 -10.79
C ASN A 105 6.16 -11.66 -11.66
N SER A 106 5.07 -11.15 -11.10
CA SER A 106 3.84 -11.02 -11.85
C SER A 106 3.74 -9.66 -12.54
N ASP A 107 3.47 -9.68 -13.84
CA ASP A 107 3.24 -8.45 -14.58
C ASP A 107 1.75 -8.13 -14.59
N GLY A 108 1.27 -7.62 -13.49
CA GLY A 108 -0.14 -7.33 -13.36
C GLY A 108 -0.77 -8.12 -12.23
N TRP A 109 -0.80 -7.52 -11.06
CA TRP A 109 -1.31 -8.18 -9.87
C TRP A 109 -2.60 -7.50 -9.42
N ALA A 110 -3.67 -8.28 -9.28
CA ALA A 110 -4.95 -7.73 -8.86
C ALA A 110 -5.37 -8.30 -7.51
N ALA A 111 -5.93 -7.43 -6.67
CA ALA A 111 -6.32 -7.82 -5.32
C ALA A 111 -7.57 -8.69 -5.35
N GLY A 112 -7.47 -9.87 -4.75
CA GLY A 112 -8.59 -10.78 -4.71
C GLY A 112 -8.63 -11.68 -5.93
N ALA A 113 -7.91 -11.29 -6.97
CA ALA A 113 -7.87 -12.06 -8.20
C ALA A 113 -6.68 -13.00 -8.23
N ASP A 114 -5.48 -12.49 -7.94
CA ASP A 114 -4.29 -13.32 -7.95
C ASP A 114 -3.99 -13.86 -6.56
N ALA A 115 -3.98 -12.97 -5.57
CA ALA A 115 -3.71 -13.36 -4.20
C ALA A 115 -4.94 -13.17 -3.33
N SER A 116 -5.07 -14.01 -2.31
CA SER A 116 -6.09 -13.84 -1.30
C SER A 116 -5.66 -12.72 -0.37
N VAL A 117 -6.58 -11.85 0.00
CA VAL A 117 -6.22 -10.64 0.75
C VAL A 117 -7.18 -10.42 1.91
N ALA A 118 -6.63 -10.06 3.06
CA ALA A 118 -7.42 -9.81 4.24
C ALA A 118 -7.39 -8.34 4.59
N LEU A 119 -8.56 -7.78 4.86
CA LEU A 119 -8.66 -6.40 5.29
C LEU A 119 -8.49 -6.35 6.80
N VAL A 120 -7.36 -5.83 7.26
CA VAL A 120 -7.03 -5.87 8.67
C VAL A 120 -7.97 -5.00 9.49
N LYS A 121 -8.57 -5.59 10.52
CA LYS A 121 -9.49 -4.88 11.38
C LYS A 121 -8.84 -4.64 12.74
N MET A 122 -8.86 -3.39 13.19
CA MET A 122 -8.32 -3.06 14.51
C MET A 122 -9.32 -3.50 15.57
N GLY A 123 -8.81 -3.87 16.74
CA GLY A 123 -9.65 -4.34 17.81
C GLY A 123 -10.39 -3.22 18.53
N ALA A 124 -11.13 -3.57 19.56
CA ALA A 124 -11.96 -2.62 20.29
C ALA A 124 -11.13 -1.54 20.97
N ASN A 125 -9.87 -1.82 21.22
CA ASN A 125 -8.98 -0.86 21.87
C ASN A 125 -8.26 0.00 20.83
N GLY A 126 -8.70 -0.08 19.58
CA GLY A 126 -8.14 0.76 18.53
C GLY A 126 -6.74 0.33 18.13
N ALA A 127 -6.43 -0.93 18.33
CA ALA A 127 -5.12 -1.46 17.96
C ALA A 127 -5.29 -2.68 17.08
N ILE A 128 -4.40 -2.84 16.11
CA ILE A 128 -4.47 -3.96 15.20
C ILE A 128 -4.28 -5.28 15.92
N ASP A 129 -5.26 -6.15 15.79
CA ASP A 129 -5.17 -7.49 16.33
C ASP A 129 -4.47 -8.38 15.31
N THR A 130 -3.22 -8.71 15.57
CA THR A 130 -2.41 -9.46 14.63
C THR A 130 -2.67 -10.96 14.73
N THR A 131 -3.44 -11.36 15.74
CA THR A 131 -3.73 -12.76 15.96
C THR A 131 -4.84 -13.25 15.02
N THR A 132 -5.74 -12.34 14.66
CA THR A 132 -6.83 -12.67 13.76
C THR A 132 -6.37 -12.65 12.30
N ALA A 133 -5.27 -11.95 12.05
CA ALA A 133 -4.66 -11.90 10.73
C ALA A 133 -4.16 -13.29 10.34
N THR A 134 -4.56 -13.76 9.17
CA THR A 134 -4.25 -15.12 8.75
C THR A 134 -3.81 -15.18 7.29
N ALA A 135 -4.48 -14.39 6.44
CA ALA A 135 -4.20 -14.39 5.00
C ALA A 135 -2.76 -13.98 4.72
N PRO A 136 -2.17 -14.51 3.62
CA PRO A 136 -0.76 -14.25 3.28
C PRO A 136 -0.53 -12.82 2.85
N VAL A 137 -1.59 -12.15 2.44
CA VAL A 137 -1.53 -10.73 2.12
C VAL A 137 -2.46 -9.97 3.05
N GLU A 138 -1.89 -9.05 3.80
CA GLU A 138 -2.64 -8.32 4.81
C GLU A 138 -2.73 -6.87 4.43
N VAL A 139 -3.94 -6.35 4.35
CA VAL A 139 -4.17 -5.02 3.82
C VAL A 139 -4.58 -4.03 4.91
N ILE A 140 -3.78 -2.99 5.07
CA ILE A 140 -4.07 -1.91 6.00
C ILE A 140 -4.52 -0.68 5.23
N VAL A 141 -5.75 -0.26 5.46
CA VAL A 141 -6.27 0.94 4.82
C VAL A 141 -6.39 2.09 5.83
N LEU A 142 -5.60 3.13 5.61
CA LEU A 142 -5.61 4.28 6.49
C LEU A 142 -6.39 5.42 5.85
N THR A 143 -7.47 5.83 6.49
CA THR A 143 -8.27 6.94 6.00
C THR A 143 -8.03 8.17 6.85
N ASN A 144 -8.65 9.28 6.50
CA ASN A 144 -8.53 10.50 7.30
C ASN A 144 -9.07 10.27 8.71
N ALA A 145 -10.05 9.39 8.83
CA ALA A 145 -10.65 9.06 10.12
C ALA A 145 -9.88 7.94 10.83
N GLY A 146 -8.86 7.41 10.15
CA GLY A 146 -8.05 6.36 10.73
C GLY A 146 -8.27 5.03 10.06
N LEU A 147 -8.10 3.94 10.81
CA LEU A 147 -8.27 2.60 10.28
C LEU A 147 -9.75 2.34 10.02
N MET A 148 -10.10 2.20 8.75
CA MET A 148 -11.47 1.92 8.37
C MET A 148 -11.62 0.46 7.95
N GLY A 149 -12.41 -0.29 8.68
CA GLY A 149 -12.56 -1.70 8.39
C GLY A 149 -13.72 -1.98 7.46
N ASP A 150 -13.88 -1.12 6.47
CA ASP A 150 -14.96 -1.23 5.51
C ASP A 150 -14.55 -0.61 4.18
N VAL A 151 -13.41 -1.07 3.67
CA VAL A 151 -12.89 -0.60 2.39
C VAL A 151 -12.73 -1.76 1.43
N SER A 152 -13.26 -1.63 0.23
CA SER A 152 -13.19 -2.67 -0.76
C SER A 152 -12.07 -2.39 -1.76
N ILE A 153 -11.05 -3.24 -1.78
CA ILE A 153 -9.94 -3.05 -2.70
C ILE A 153 -10.06 -3.97 -3.92
N SER A 154 -11.20 -4.62 -4.05
CA SER A 154 -11.45 -5.49 -5.19
C SER A 154 -11.42 -4.68 -6.48
N GLY A 155 -10.65 -5.15 -7.45
CA GLY A 155 -10.55 -4.45 -8.71
C GLY A 155 -9.28 -3.64 -8.84
N THR A 156 -8.50 -3.59 -7.77
CA THR A 156 -7.23 -2.87 -7.78
C THR A 156 -6.17 -3.72 -8.48
N LYS A 157 -5.60 -3.17 -9.56
CA LYS A 157 -4.60 -3.88 -10.34
C LYS A 157 -3.30 -3.07 -10.39
N VAL A 158 -2.21 -3.69 -9.98
CA VAL A 158 -0.92 -3.02 -9.90
C VAL A 158 0.03 -3.54 -10.98
N THR A 159 0.72 -2.61 -11.63
CA THR A 159 1.70 -2.94 -12.65
C THR A 159 3.06 -2.35 -12.27
N LYS A 160 4.14 -2.93 -12.79
CA LYS A 160 5.49 -2.50 -12.44
C LYS A 160 5.93 -1.31 -13.29
N LEU A 161 6.60 -0.37 -12.65
CA LEU A 161 7.18 0.78 -13.36
C LEU A 161 8.67 0.58 -13.52
N LYS A 162 9.19 0.84 -14.70
CA LYS A 162 10.62 0.78 -14.93
C LYS A 162 11.23 2.17 -14.85
N ILE A 163 11.61 2.58 -13.64
CA ILE A 163 12.22 3.88 -13.43
C ILE A 163 13.56 3.73 -12.73
N GLY A 1 18.85 11.48 -19.80
CA GLY A 1 19.10 10.24 -19.03
C GLY A 1 17.96 9.90 -18.10
N SER A 2 18.27 9.37 -16.93
CA SER A 2 17.24 8.98 -15.97
C SER A 2 17.03 10.08 -14.93
N ALA A 3 17.14 11.33 -15.36
CA ALA A 3 17.02 12.46 -14.45
C ALA A 3 15.60 12.59 -13.92
N THR A 4 14.62 12.47 -14.80
CA THR A 4 13.22 12.51 -14.40
C THR A 4 12.90 11.29 -13.55
N ASN A 5 13.44 10.15 -13.96
CA ASN A 5 13.22 8.89 -13.25
C ASN A 5 13.80 8.93 -11.85
N ALA A 6 14.93 9.60 -11.69
CA ALA A 6 15.59 9.70 -10.39
C ALA A 6 14.79 10.57 -9.45
N SER A 7 14.31 11.71 -9.95
CA SER A 7 13.53 12.63 -9.15
C SER A 7 12.23 11.98 -8.69
N LYS A 8 11.61 11.19 -9.56
CA LYS A 8 10.36 10.50 -9.23
C LYS A 8 10.62 9.43 -8.18
N ARG A 9 11.70 8.67 -8.34
CA ARG A 9 12.08 7.66 -7.38
C ARG A 9 12.21 8.24 -5.97
N GLN A 10 12.89 9.37 -5.87
CA GLN A 10 13.12 9.99 -4.57
C GLN A 10 11.80 10.48 -3.99
N ALA A 11 10.93 11.00 -4.84
CA ALA A 11 9.64 11.51 -4.41
C ALA A 11 8.78 10.38 -3.85
N ILE A 12 8.76 9.26 -4.55
CA ILE A 12 7.93 8.12 -4.14
C ILE A 12 8.46 7.48 -2.87
N ASP A 13 9.76 7.19 -2.85
CA ASP A 13 10.37 6.41 -1.78
C ASP A 13 10.33 7.19 -0.47
N ALA A 14 10.57 8.49 -0.54
CA ALA A 14 10.54 9.35 0.63
C ALA A 14 9.11 9.48 1.16
N SER A 15 8.16 9.58 0.24
CA SER A 15 6.76 9.68 0.60
C SER A 15 6.28 8.40 1.30
N VAL A 16 6.86 7.26 0.92
CA VAL A 16 6.56 5.99 1.57
C VAL A 16 6.96 6.04 3.03
N ASP A 17 8.19 6.47 3.29
CA ASP A 17 8.71 6.60 4.65
C ASP A 17 7.83 7.52 5.50
N ALA A 18 7.48 8.68 4.93
CA ALA A 18 6.64 9.66 5.62
C ALA A 18 5.27 9.08 5.93
N THR A 19 4.69 8.38 4.95
CA THR A 19 3.38 7.78 5.10
C THR A 19 3.39 6.68 6.16
N LEU A 20 4.44 5.88 6.19
CA LEU A 20 4.56 4.79 7.15
C LEU A 20 4.65 5.35 8.57
N SER A 21 5.30 6.49 8.71
CA SER A 21 5.43 7.16 10.00
C SER A 21 4.06 7.63 10.48
N ARG A 22 3.22 8.10 9.56
CA ARG A 22 1.88 8.57 9.91
C ARG A 22 1.00 7.39 10.29
N LEU A 23 1.22 6.25 9.64
CA LEU A 23 0.49 5.03 9.95
C LEU A 23 0.76 4.60 11.39
N TYR A 24 2.01 4.75 11.81
CA TYR A 24 2.38 4.38 13.18
C TYR A 24 1.76 5.36 14.19
N SER A 25 1.64 6.60 13.78
CA SER A 25 1.08 7.64 14.63
C SER A 25 -0.44 7.46 14.78
N THR A 26 -1.09 7.00 13.71
CA THR A 26 -2.53 6.89 13.70
C THR A 26 -3.02 5.50 14.12
N VAL A 27 -2.34 4.46 13.65
CA VAL A 27 -2.82 3.09 13.86
C VAL A 27 -1.85 2.31 14.74
N ARG A 28 -2.24 2.08 15.98
CA ARG A 28 -1.42 1.34 16.93
C ARG A 28 -1.39 -0.15 16.60
N GLY A 29 -0.23 -0.77 16.76
CA GLY A 29 -0.11 -2.20 16.54
C GLY A 29 0.36 -2.54 15.14
N SER A 30 0.33 -1.55 14.26
CA SER A 30 0.74 -1.74 12.87
C SER A 30 2.20 -2.15 12.77
N ARG A 31 3.03 -1.61 13.67
CA ARG A 31 4.46 -1.86 13.65
C ARG A 31 4.78 -3.35 13.71
N GLU A 32 4.08 -4.06 14.59
CA GLU A 32 4.31 -5.48 14.77
C GLU A 32 3.91 -6.25 13.52
N LEU A 33 2.77 -5.89 12.95
CA LEU A 33 2.28 -6.57 11.75
C LEU A 33 3.24 -6.31 10.58
N VAL A 34 3.80 -5.11 10.53
CA VAL A 34 4.80 -4.77 9.52
C VAL A 34 6.06 -5.61 9.71
N ALA A 35 6.44 -5.81 10.97
CA ALA A 35 7.58 -6.66 11.30
C ALA A 35 7.31 -8.11 10.90
N LYS A 36 6.04 -8.51 10.99
CA LYS A 36 5.60 -9.83 10.55
C LYS A 36 5.63 -9.93 9.03
N SER A 37 5.59 -8.80 8.37
CA SER A 37 5.58 -8.76 6.91
C SER A 37 6.99 -8.85 6.36
N ARG A 38 7.14 -9.63 5.28
CA ARG A 38 8.41 -9.81 4.61
C ARG A 38 8.62 -8.67 3.63
N GLY A 39 7.53 -8.21 3.05
CA GLY A 39 7.57 -7.09 2.14
C GLY A 39 6.36 -6.21 2.30
N VAL A 40 6.52 -4.92 2.06
CA VAL A 40 5.42 -3.99 2.24
C VAL A 40 5.37 -2.99 1.08
N LEU A 41 4.21 -2.88 0.47
CA LEU A 41 3.98 -1.92 -0.59
C LEU A 41 3.05 -0.82 -0.10
N VAL A 42 3.51 0.41 -0.13
CA VAL A 42 2.71 1.53 0.34
C VAL A 42 2.33 2.44 -0.82
N PHE A 43 1.05 2.73 -0.95
CA PHE A 43 0.55 3.70 -1.92
C PHE A 43 0.24 5.03 -1.22
N PRO A 44 1.19 5.98 -1.25
CA PRO A 44 1.07 7.26 -0.59
C PRO A 44 0.64 8.37 -1.54
N ASP A 45 -0.59 8.31 -2.03
CA ASP A 45 -1.09 9.31 -2.95
C ASP A 45 -2.06 10.26 -2.28
N VAL A 46 -1.66 11.52 -2.18
CA VAL A 46 -2.50 12.54 -1.59
C VAL A 46 -3.27 13.28 -2.67
N ILE A 47 -4.59 13.11 -2.68
CA ILE A 47 -5.43 13.77 -3.67
C ILE A 47 -5.60 15.24 -3.30
N GLN A 48 -5.68 15.52 -2.01
CA GLN A 48 -5.81 16.89 -1.53
C GLN A 48 -4.44 17.53 -1.37
N ALA A 49 -3.70 17.63 -2.46
CA ALA A 49 -2.37 18.21 -2.45
C ALA A 49 -2.29 19.37 -3.42
N GLY A 50 -3.43 19.89 -3.82
CA GLY A 50 -3.47 21.01 -4.73
C GLY A 50 -3.45 20.57 -6.19
N LEU A 51 -2.67 19.53 -6.47
CA LEU A 51 -2.60 18.98 -7.81
C LEU A 51 -3.78 18.08 -8.08
N ILE A 52 -4.43 18.31 -9.22
CA ILE A 52 -5.54 17.46 -9.64
C ILE A 52 -5.00 16.18 -10.25
N ILE A 53 -5.69 15.07 -10.01
CA ILE A 53 -5.23 13.79 -10.53
C ILE A 53 -5.80 13.53 -11.92
N GLY A 54 -4.94 13.67 -12.92
CA GLY A 54 -5.36 13.48 -14.29
C GLY A 54 -4.39 12.60 -15.07
N GLY A 55 -4.47 11.30 -14.84
CA GLY A 55 -3.58 10.38 -15.51
C GLY A 55 -2.90 9.45 -14.53
N GLN A 56 -1.65 9.74 -14.21
CA GLN A 56 -0.88 8.89 -13.32
C GLN A 56 -1.14 9.24 -11.86
N THR A 57 -1.74 8.31 -11.15
CA THR A 57 -1.99 8.46 -9.73
C THR A 57 -2.01 7.09 -9.07
N GLY A 58 -1.65 7.05 -7.80
CA GLY A 58 -1.59 5.79 -7.09
C GLY A 58 -0.29 5.07 -7.36
N ASN A 59 0.81 5.67 -6.93
CA ASN A 59 2.13 5.07 -7.13
C ASN A 59 2.86 4.91 -5.79
N GLY A 60 3.55 3.78 -5.64
CA GLY A 60 4.23 3.50 -4.39
C GLY A 60 5.46 2.66 -4.58
N ALA A 61 6.04 2.20 -3.48
CA ALA A 61 7.29 1.47 -3.53
C ALA A 61 7.20 0.18 -2.72
N LEU A 62 7.83 -0.88 -3.23
CA LEU A 62 7.89 -2.14 -2.52
C LEU A 62 9.16 -2.20 -1.67
N ARG A 63 8.98 -2.28 -0.37
CA ARG A 63 10.10 -2.34 0.56
C ARG A 63 10.32 -3.77 1.03
N VAL A 64 11.51 -4.28 0.80
CA VAL A 64 11.90 -5.60 1.29
C VAL A 64 13.18 -5.48 2.10
N GLY A 65 13.08 -5.76 3.39
CA GLY A 65 14.24 -5.66 4.27
C GLY A 65 14.79 -4.24 4.34
N GLY A 66 13.94 -3.25 4.14
CA GLY A 66 14.37 -1.87 4.16
C GLY A 66 14.90 -1.40 2.81
N ALA A 67 14.97 -2.31 1.84
CA ALA A 67 15.46 -1.97 0.52
C ALA A 67 14.34 -2.03 -0.50
N THR A 68 14.16 -0.96 -1.24
CA THR A 68 13.14 -0.90 -2.28
C THR A 68 13.59 -1.70 -3.50
N VAL A 69 12.83 -2.71 -3.86
CA VAL A 69 13.21 -3.59 -4.96
C VAL A 69 12.43 -3.24 -6.23
N GLY A 70 11.37 -2.47 -6.09
CA GLY A 70 10.58 -2.08 -7.24
C GLY A 70 9.53 -1.05 -6.91
N TYR A 71 9.00 -0.41 -7.94
CA TYR A 71 7.99 0.63 -7.77
C TYR A 71 6.75 0.26 -8.57
N TYR A 72 5.58 0.63 -8.07
CA TYR A 72 4.32 0.15 -8.65
C TYR A 72 3.30 1.28 -8.80
N ASN A 73 2.38 1.10 -9.74
CA ASN A 73 1.32 2.07 -10.01
C ASN A 73 0.01 1.34 -10.23
N THR A 74 -1.10 1.96 -9.87
CA THR A 74 -2.39 1.34 -10.10
C THR A 74 -3.01 1.90 -11.38
N SER A 75 -3.13 1.05 -12.39
CA SER A 75 -3.71 1.46 -13.66
C SER A 75 -5.22 1.63 -13.49
N SER A 76 -5.76 0.99 -12.47
CA SER A 76 -7.17 1.10 -12.16
C SER A 76 -7.40 0.85 -10.67
N LEU A 77 -7.55 1.91 -9.91
CA LEU A 77 -7.92 1.81 -8.51
C LEU A 77 -9.42 1.55 -8.43
N SER A 78 -9.86 0.91 -7.35
CA SER A 78 -11.29 0.66 -7.16
C SER A 78 -12.05 1.98 -7.10
N VAL A 79 -13.14 2.08 -7.87
CA VAL A 79 -13.78 3.36 -8.13
C VAL A 79 -14.15 4.10 -6.84
N GLY A 80 -14.73 3.37 -5.91
CA GLY A 80 -15.17 3.97 -4.65
C GLY A 80 -14.03 4.56 -3.84
N LEU A 81 -12.82 4.08 -4.08
CA LEU A 81 -11.66 4.57 -3.36
C LEU A 81 -11.00 5.72 -4.11
N GLN A 82 -11.22 5.77 -5.42
CA GLN A 82 -10.61 6.78 -6.26
C GLN A 82 -11.51 8.00 -6.39
N ALA A 83 -12.82 7.77 -6.38
CA ALA A 83 -13.80 8.84 -6.56
C ALA A 83 -13.79 9.79 -5.36
N GLY A 84 -13.76 11.08 -5.65
CA GLY A 84 -13.75 12.07 -4.59
C GLY A 84 -12.38 12.64 -4.34
N ALA A 85 -12.21 13.28 -3.20
CA ALA A 85 -10.92 13.85 -2.83
C ALA A 85 -10.46 13.28 -1.50
N GLN A 86 -10.59 11.97 -1.35
CA GLN A 86 -10.22 11.30 -0.12
C GLN A 86 -8.79 10.82 -0.19
N SER A 87 -7.86 11.64 0.28
CA SER A 87 -6.45 11.25 0.32
C SER A 87 -6.28 10.05 1.24
N LYS A 88 -5.76 8.96 0.70
CA LYS A 88 -5.66 7.73 1.45
C LYS A 88 -4.34 7.03 1.17
N ALA A 89 -3.93 6.18 2.11
CA ALA A 89 -2.75 5.37 1.93
C ALA A 89 -3.14 3.91 1.97
N ILE A 90 -2.65 3.14 1.00
CA ILE A 90 -3.00 1.74 0.91
C ILE A 90 -1.74 0.90 1.10
N VAL A 91 -1.76 0.06 2.12
CA VAL A 91 -0.59 -0.74 2.45
C VAL A 91 -0.86 -2.22 2.23
N PHE A 92 0.01 -2.86 1.46
CA PHE A 92 -0.09 -4.28 1.20
C PHE A 92 1.05 -5.02 1.90
N LEU A 93 0.69 -5.92 2.80
CA LEU A 93 1.68 -6.65 3.58
C LEU A 93 1.76 -8.10 3.10
N PHE A 94 2.97 -8.54 2.79
CA PHE A 94 3.20 -9.92 2.38
C PHE A 94 3.90 -10.68 3.51
N MET A 95 3.16 -11.52 4.21
CA MET A 95 3.70 -12.22 5.39
C MET A 95 4.56 -13.41 5.00
N THR A 96 4.47 -13.82 3.74
CA THR A 96 5.20 -14.98 3.27
C THR A 96 6.16 -14.58 2.16
N GLN A 97 7.33 -15.21 2.15
CA GLN A 97 8.34 -14.91 1.15
C GLN A 97 7.91 -15.46 -0.21
N ASP A 98 7.15 -16.54 -0.17
CA ASP A 98 6.53 -17.09 -1.37
C ASP A 98 5.65 -16.05 -2.06
N ALA A 99 4.89 -15.30 -1.25
CA ALA A 99 4.01 -14.26 -1.78
C ALA A 99 4.83 -13.10 -2.34
N LEU A 100 5.97 -12.83 -1.71
CA LEU A 100 6.86 -11.76 -2.16
C LEU A 100 7.52 -12.16 -3.48
N ASP A 101 7.99 -13.40 -3.53
CA ASP A 101 8.62 -13.95 -4.73
C ASP A 101 7.63 -13.93 -5.89
N LYS A 102 6.41 -14.36 -5.61
CA LYS A 102 5.35 -14.40 -6.60
C LYS A 102 5.05 -13.00 -7.13
N PHE A 103 4.87 -12.07 -6.21
CA PHE A 103 4.50 -10.70 -6.57
C PHE A 103 5.63 -10.03 -7.35
N ARG A 104 6.86 -10.28 -6.94
CA ARG A 104 8.04 -9.68 -7.57
C ARG A 104 8.21 -10.16 -9.01
N ASN A 105 7.90 -11.44 -9.24
CA ASN A 105 8.06 -12.02 -10.57
C ASN A 105 6.88 -11.69 -11.46
N SER A 106 5.82 -11.17 -10.86
CA SER A 106 4.59 -10.89 -11.58
C SER A 106 4.57 -9.49 -12.17
N ASP A 107 3.79 -9.34 -13.23
CA ASP A 107 3.54 -8.04 -13.84
C ASP A 107 2.07 -7.93 -14.20
N GLY A 108 1.37 -7.02 -13.55
CA GLY A 108 -0.07 -6.94 -13.71
C GLY A 108 -0.78 -7.80 -12.67
N TRP A 109 -0.94 -7.25 -11.49
CA TRP A 109 -1.44 -7.98 -10.34
C TRP A 109 -2.75 -7.38 -9.85
N ALA A 110 -3.77 -8.21 -9.67
CA ALA A 110 -5.07 -7.72 -9.21
C ALA A 110 -5.39 -8.25 -7.82
N ALA A 111 -5.88 -7.36 -6.96
CA ALA A 111 -6.17 -7.71 -5.58
C ALA A 111 -7.33 -8.68 -5.49
N GLY A 112 -7.12 -9.81 -4.82
CA GLY A 112 -8.18 -10.78 -4.64
C GLY A 112 -8.24 -11.78 -5.77
N ALA A 113 -7.78 -11.36 -6.94
CA ALA A 113 -7.82 -12.21 -8.13
C ALA A 113 -6.65 -13.19 -8.14
N ASP A 114 -5.44 -12.66 -8.06
CA ASP A 114 -4.25 -13.52 -8.11
C ASP A 114 -3.88 -14.02 -6.73
N ALA A 115 -3.82 -13.10 -5.77
CA ALA A 115 -3.50 -13.44 -4.39
C ALA A 115 -4.70 -13.24 -3.49
N SER A 116 -4.86 -14.13 -2.51
CA SER A 116 -5.85 -13.96 -1.48
C SER A 116 -5.46 -12.79 -0.59
N VAL A 117 -6.42 -11.93 -0.27
CA VAL A 117 -6.11 -10.71 0.46
C VAL A 117 -7.17 -10.47 1.54
N ALA A 118 -6.73 -10.02 2.69
CA ALA A 118 -7.63 -9.75 3.80
C ALA A 118 -7.44 -8.33 4.30
N LEU A 119 -8.53 -7.69 4.64
CA LEU A 119 -8.48 -6.34 5.19
C LEU A 119 -8.31 -6.42 6.69
N VAL A 120 -7.25 -5.83 7.20
CA VAL A 120 -6.92 -5.92 8.61
C VAL A 120 -7.84 -5.01 9.43
N LYS A 121 -8.38 -5.56 10.50
CA LYS A 121 -9.29 -4.83 11.36
C LYS A 121 -8.62 -4.53 12.71
N MET A 122 -8.82 -3.32 13.20
CA MET A 122 -8.27 -2.95 14.51
C MET A 122 -9.29 -3.25 15.59
N GLY A 123 -8.80 -3.55 16.78
CA GLY A 123 -9.68 -3.89 17.89
C GLY A 123 -10.36 -2.67 18.49
N ALA A 124 -11.14 -2.89 19.54
CA ALA A 124 -11.92 -1.83 20.15
C ALA A 124 -11.03 -0.80 20.84
N ASN A 125 -9.78 -1.18 21.09
CA ASN A 125 -8.81 -0.28 21.72
C ASN A 125 -8.08 0.56 20.68
N GLY A 126 -8.50 0.44 19.42
CA GLY A 126 -7.90 1.24 18.37
C GLY A 126 -6.51 0.76 17.98
N ALA A 127 -6.26 -0.52 18.22
CA ALA A 127 -4.99 -1.13 17.85
C ALA A 127 -5.23 -2.40 17.06
N ILE A 128 -4.34 -2.68 16.11
CA ILE A 128 -4.47 -3.85 15.26
C ILE A 128 -4.29 -5.14 16.05
N ASP A 129 -5.29 -5.99 15.99
CA ASP A 129 -5.22 -7.30 16.60
C ASP A 129 -4.44 -8.25 15.70
N THR A 130 -3.17 -8.46 16.03
CA THR A 130 -2.29 -9.24 15.19
C THR A 130 -2.59 -10.74 15.31
N THR A 131 -3.45 -11.09 16.24
CA THR A 131 -3.90 -12.47 16.39
C THR A 131 -4.92 -12.80 15.31
N THR A 132 -5.58 -11.77 14.79
CA THR A 132 -6.59 -11.93 13.74
C THR A 132 -5.93 -12.05 12.37
N ALA A 133 -4.62 -11.84 12.32
CA ALA A 133 -3.86 -11.99 11.09
C ALA A 133 -4.07 -13.39 10.50
N THR A 134 -4.45 -13.47 9.24
CA THR A 134 -4.82 -14.75 8.64
C THR A 134 -4.24 -14.92 7.24
N ALA A 135 -4.62 -14.04 6.32
CA ALA A 135 -4.25 -14.16 4.91
C ALA A 135 -2.75 -13.93 4.70
N PRO A 136 -2.18 -14.50 3.61
CA PRO A 136 -0.77 -14.31 3.28
C PRO A 136 -0.50 -12.88 2.83
N VAL A 137 -1.54 -12.23 2.32
CA VAL A 137 -1.48 -10.83 1.96
C VAL A 137 -2.49 -10.05 2.81
N GLU A 138 -2.00 -9.07 3.55
CA GLU A 138 -2.83 -8.33 4.48
C GLU A 138 -2.87 -6.87 4.10
N VAL A 139 -4.07 -6.30 4.03
CA VAL A 139 -4.25 -4.95 3.55
C VAL A 139 -4.62 -3.98 4.67
N ILE A 140 -3.79 -2.97 4.84
CA ILE A 140 -4.06 -1.90 5.79
C ILE A 140 -4.40 -0.62 5.03
N VAL A 141 -5.60 -0.10 5.21
CA VAL A 141 -5.99 1.15 4.59
C VAL A 141 -6.08 2.28 5.62
N LEU A 142 -5.29 3.32 5.39
CA LEU A 142 -5.31 4.49 6.27
C LEU A 142 -6.14 5.60 5.64
N THR A 143 -7.26 5.90 6.26
CA THR A 143 -8.16 6.92 5.75
C THR A 143 -8.21 8.12 6.68
N ASN A 144 -8.97 9.14 6.31
CA ASN A 144 -9.18 10.29 7.19
C ASN A 144 -9.86 9.86 8.50
N ALA A 145 -10.57 8.73 8.44
CA ALA A 145 -11.24 8.18 9.61
C ALA A 145 -10.37 7.11 10.27
N GLY A 146 -9.09 7.10 9.92
CA GLY A 146 -8.17 6.14 10.50
C GLY A 146 -8.21 4.81 9.80
N LEU A 147 -8.19 3.74 10.57
CA LEU A 147 -8.24 2.40 10.03
C LEU A 147 -9.68 2.06 9.64
N MET A 148 -9.91 1.92 8.35
CA MET A 148 -11.22 1.54 7.86
C MET A 148 -11.25 0.03 7.62
N GLY A 149 -12.10 -0.66 8.36
CA GLY A 149 -12.10 -2.12 8.30
C GLY A 149 -13.28 -2.68 7.54
N ASP A 150 -13.94 -1.83 6.76
CA ASP A 150 -15.12 -2.24 6.01
C ASP A 150 -15.10 -1.63 4.61
N VAL A 151 -14.06 -1.93 3.87
CA VAL A 151 -13.92 -1.46 2.50
C VAL A 151 -13.30 -2.54 1.63
N SER A 152 -13.77 -2.67 0.40
CA SER A 152 -13.25 -3.67 -0.51
C SER A 152 -12.31 -3.04 -1.54
N ILE A 153 -11.19 -3.71 -1.78
CA ILE A 153 -10.22 -3.24 -2.77
C ILE A 153 -10.38 -4.02 -4.07
N SER A 154 -11.54 -4.64 -4.25
CA SER A 154 -11.84 -5.36 -5.47
C SER A 154 -11.82 -4.41 -6.66
N GLY A 155 -11.07 -4.78 -7.69
CA GLY A 155 -10.96 -3.92 -8.85
C GLY A 155 -9.65 -3.15 -8.88
N THR A 156 -8.87 -3.25 -7.81
CA THR A 156 -7.57 -2.60 -7.77
C THR A 156 -6.52 -3.44 -8.51
N LYS A 157 -5.92 -2.85 -9.53
CA LYS A 157 -4.94 -3.53 -10.36
C LYS A 157 -3.63 -2.74 -10.40
N VAL A 158 -2.52 -3.43 -10.12
CA VAL A 158 -1.21 -2.78 -10.03
C VAL A 158 -0.30 -3.22 -11.17
N THR A 159 0.38 -2.25 -11.77
CA THR A 159 1.35 -2.50 -12.82
C THR A 159 2.75 -2.06 -12.39
N LYS A 160 3.76 -2.65 -13.01
CA LYS A 160 5.15 -2.39 -12.65
C LYS A 160 5.67 -1.14 -13.36
N LEU A 161 6.24 -0.21 -12.58
CA LEU A 161 6.83 1.00 -13.15
C LEU A 161 8.28 0.75 -13.51
N LYS A 162 8.67 1.21 -14.69
CA LYS A 162 10.05 1.03 -15.13
C LYS A 162 10.87 2.29 -14.87
N ILE A 163 11.12 2.56 -13.60
CA ILE A 163 11.96 3.69 -13.20
C ILE A 163 13.20 3.19 -12.48
N GLY A 1 5.42 11.12 -18.14
CA GLY A 1 5.39 9.88 -17.33
C GLY A 1 6.70 9.63 -16.60
N SER A 2 7.78 9.55 -17.37
CA SER A 2 9.11 9.32 -16.80
C SER A 2 9.53 10.50 -15.93
N ALA A 3 9.70 11.67 -16.55
CA ALA A 3 10.05 12.89 -15.84
C ALA A 3 11.31 12.72 -14.99
N THR A 4 12.36 12.19 -15.62
CA THR A 4 13.64 11.95 -14.94
C THR A 4 13.51 10.84 -13.89
N ASN A 5 14.12 9.69 -14.18
CA ASN A 5 14.00 8.51 -13.34
C ASN A 5 14.51 8.77 -11.91
N ALA A 6 15.53 9.61 -11.80
CA ALA A 6 16.12 9.91 -10.50
C ALA A 6 15.18 10.79 -9.67
N SER A 7 14.68 11.86 -10.27
CA SER A 7 13.80 12.79 -9.58
C SER A 7 12.49 12.13 -9.19
N LYS A 8 12.03 11.21 -10.03
CA LYS A 8 10.81 10.48 -9.78
C LYS A 8 10.99 9.52 -8.59
N ARG A 9 12.14 8.85 -8.59
CA ARG A 9 12.49 7.92 -7.52
C ARG A 9 12.49 8.62 -6.17
N GLN A 10 12.99 9.84 -6.14
CA GLN A 10 13.10 10.60 -4.90
C GLN A 10 11.71 10.99 -4.40
N ALA A 11 10.84 11.38 -5.33
CA ALA A 11 9.50 11.82 -4.99
C ALA A 11 8.65 10.68 -4.44
N ILE A 12 8.78 9.51 -5.06
CA ILE A 12 8.05 8.34 -4.64
C ILE A 12 8.50 7.87 -3.26
N ASP A 13 9.80 7.76 -3.08
CA ASP A 13 10.37 7.25 -1.84
C ASP A 13 10.00 8.16 -0.66
N ALA A 14 10.02 9.46 -0.90
CA ALA A 14 9.71 10.43 0.14
C ALA A 14 8.25 10.35 0.56
N SER A 15 7.38 10.13 -0.43
CA SER A 15 5.96 10.02 -0.17
C SER A 15 5.65 8.72 0.57
N VAL A 16 6.40 7.67 0.28
CA VAL A 16 6.21 6.39 0.94
C VAL A 16 6.61 6.49 2.40
N ASP A 17 7.81 7.01 2.64
CA ASP A 17 8.32 7.16 4.00
C ASP A 17 7.40 8.03 4.85
N ALA A 18 6.97 9.15 4.28
CA ALA A 18 6.07 10.06 4.98
C ALA A 18 4.75 9.40 5.32
N THR A 19 4.21 8.65 4.37
CA THR A 19 2.94 7.98 4.53
C THR A 19 3.03 6.88 5.59
N LEU A 20 4.10 6.11 5.56
CA LEU A 20 4.28 5.00 6.49
C LEU A 20 4.51 5.53 7.91
N SER A 21 5.21 6.65 8.01
CA SER A 21 5.48 7.28 9.29
C SER A 21 4.17 7.66 9.98
N ARG A 22 3.19 8.11 9.19
CA ARG A 22 1.89 8.48 9.71
C ARG A 22 1.11 7.26 10.15
N LEU A 23 1.29 6.14 9.45
CA LEU A 23 0.59 4.91 9.77
C LEU A 23 0.96 4.42 11.16
N TYR A 24 2.26 4.45 11.46
CA TYR A 24 2.75 4.01 12.76
C TYR A 24 2.22 4.91 13.88
N SER A 25 2.06 6.19 13.57
CA SER A 25 1.60 7.16 14.54
C SER A 25 0.09 7.05 14.77
N THR A 26 -0.63 6.64 13.74
CA THR A 26 -2.08 6.59 13.81
C THR A 26 -2.58 5.20 14.24
N VAL A 27 -1.91 4.16 13.79
CA VAL A 27 -2.39 2.80 14.00
C VAL A 27 -1.44 2.01 14.91
N ARG A 28 -1.92 1.73 16.10
CA ARG A 28 -1.18 0.92 17.06
C ARG A 28 -1.18 -0.55 16.65
N GLY A 29 -0.05 -1.22 16.83
CA GLY A 29 0.04 -2.63 16.51
C GLY A 29 0.47 -2.86 15.08
N SER A 30 0.46 -1.80 14.29
CA SER A 30 0.84 -1.88 12.88
C SER A 30 2.26 -2.38 12.72
N ARG A 31 3.17 -1.88 13.57
CA ARG A 31 4.58 -2.18 13.43
C ARG A 31 4.86 -3.68 13.58
N GLU A 32 4.22 -4.30 14.55
CA GLU A 32 4.43 -5.73 14.79
C GLU A 32 3.91 -6.54 13.60
N LEU A 33 2.78 -6.12 13.05
CA LEU A 33 2.21 -6.79 11.89
C LEU A 33 3.14 -6.64 10.68
N VAL A 34 3.69 -5.44 10.52
CA VAL A 34 4.62 -5.16 9.44
C VAL A 34 5.91 -5.97 9.63
N ALA A 35 6.30 -6.18 10.88
CA ALA A 35 7.43 -7.03 11.20
C ALA A 35 7.19 -8.47 10.72
N LYS A 36 5.94 -8.90 10.77
CA LYS A 36 5.56 -10.20 10.24
C LYS A 36 5.59 -10.20 8.72
N SER A 37 5.48 -9.01 8.15
CA SER A 37 5.52 -8.85 6.71
C SER A 37 6.95 -8.95 6.19
N ARG A 38 7.13 -9.76 5.16
CA ARG A 38 8.43 -9.92 4.53
C ARG A 38 8.68 -8.75 3.60
N GLY A 39 7.60 -8.24 3.03
CA GLY A 39 7.67 -7.07 2.20
C GLY A 39 6.44 -6.21 2.36
N VAL A 40 6.61 -4.91 2.20
CA VAL A 40 5.51 -3.98 2.39
C VAL A 40 5.43 -3.00 1.21
N LEU A 41 4.23 -2.89 0.65
CA LEU A 41 3.97 -1.94 -0.43
C LEU A 41 3.05 -0.84 0.05
N VAL A 42 3.52 0.40 0.02
CA VAL A 42 2.74 1.52 0.51
C VAL A 42 2.26 2.38 -0.65
N PHE A 43 0.95 2.63 -0.67
CA PHE A 43 0.34 3.51 -1.67
C PHE A 43 -0.22 4.77 -1.03
N PRO A 44 0.44 5.90 -1.23
CA PRO A 44 -0.06 7.21 -0.81
C PRO A 44 -0.98 7.82 -1.87
N ASP A 45 -2.19 7.28 -2.00
CA ASP A 45 -3.13 7.77 -3.01
C ASP A 45 -3.54 9.20 -2.70
N VAL A 46 -3.39 10.06 -3.70
CA VAL A 46 -3.76 11.45 -3.56
C VAL A 46 -4.91 11.82 -4.51
N ILE A 47 -6.02 12.22 -3.93
CA ILE A 47 -7.15 12.72 -4.70
C ILE A 47 -7.49 14.13 -4.21
N GLN A 48 -6.46 14.94 -4.04
CA GLN A 48 -6.62 16.29 -3.52
C GLN A 48 -5.79 17.28 -4.31
N ALA A 49 -5.10 16.80 -5.31
CA ALA A 49 -4.27 17.67 -6.14
C ALA A 49 -5.14 18.39 -7.16
N GLY A 50 -5.26 19.70 -6.98
CA GLY A 50 -6.09 20.52 -7.86
C GLY A 50 -5.69 20.38 -9.32
N LEU A 51 -4.40 20.25 -9.57
CA LEU A 51 -3.91 20.02 -10.91
C LEU A 51 -3.90 18.53 -11.19
N ILE A 52 -4.62 18.12 -12.24
CA ILE A 52 -4.67 16.71 -12.61
C ILE A 52 -3.29 16.20 -12.99
N ILE A 53 -2.92 15.07 -12.42
CA ILE A 53 -1.59 14.53 -12.63
C ILE A 53 -1.51 13.79 -13.96
N GLY A 54 -0.73 14.33 -14.89
CA GLY A 54 -0.53 13.66 -16.16
C GLY A 54 0.47 12.52 -16.04
N GLY A 55 0.15 11.56 -15.19
CA GLY A 55 1.03 10.45 -14.94
C GLY A 55 0.58 9.63 -13.74
N GLN A 56 1.52 9.20 -12.93
CA GLN A 56 1.22 8.36 -11.77
C GLN A 56 0.56 9.20 -10.67
N THR A 57 -0.70 8.90 -10.40
CA THR A 57 -1.43 9.58 -9.34
C THR A 57 -1.50 8.69 -8.10
N GLY A 58 -1.01 7.46 -8.24
CA GLY A 58 -1.00 6.52 -7.14
C GLY A 58 0.25 5.67 -7.18
N ASN A 59 1.40 6.30 -7.03
CA ASN A 59 2.68 5.60 -7.10
C ASN A 59 3.11 5.12 -5.71
N GLY A 60 3.80 3.98 -5.67
CA GLY A 60 4.24 3.43 -4.41
C GLY A 60 5.54 2.65 -4.57
N ALA A 61 6.07 2.15 -3.47
CA ALA A 61 7.33 1.44 -3.49
C ALA A 61 7.27 0.19 -2.63
N LEU A 62 7.88 -0.89 -3.11
CA LEU A 62 7.95 -2.13 -2.35
C LEU A 62 9.23 -2.18 -1.54
N ARG A 63 9.08 -2.21 -0.23
CA ARG A 63 10.21 -2.23 0.67
C ARG A 63 10.43 -3.64 1.21
N VAL A 64 11.55 -4.25 0.86
CA VAL A 64 11.91 -5.56 1.37
C VAL A 64 13.21 -5.49 2.17
N GLY A 65 13.12 -5.80 3.47
CA GLY A 65 14.28 -5.75 4.34
C GLY A 65 14.95 -4.39 4.36
N GLY A 66 14.13 -3.34 4.34
CA GLY A 66 14.65 -1.98 4.36
C GLY A 66 15.25 -1.55 3.02
N ALA A 67 15.06 -2.37 1.99
CA ALA A 67 15.58 -2.05 0.67
C ALA A 67 14.44 -2.04 -0.35
N THR A 68 14.38 -1.00 -1.16
CA THR A 68 13.37 -0.93 -2.20
C THR A 68 13.77 -1.81 -3.37
N VAL A 69 12.92 -2.77 -3.73
CA VAL A 69 13.24 -3.70 -4.80
C VAL A 69 12.50 -3.33 -6.09
N GLY A 70 11.50 -2.47 -5.98
CA GLY A 70 10.77 -2.05 -7.15
C GLY A 70 9.76 -0.95 -6.84
N TYR A 71 9.27 -0.31 -7.88
CA TYR A 71 8.30 0.76 -7.74
C TYR A 71 7.04 0.42 -8.54
N TYR A 72 5.89 0.86 -8.05
CA TYR A 72 4.61 0.40 -8.60
C TYR A 72 3.62 1.56 -8.75
N ASN A 73 2.62 1.35 -9.60
CA ASN A 73 1.55 2.32 -9.81
C ASN A 73 0.22 1.58 -9.95
N THR A 74 -0.86 2.20 -9.50
CA THR A 74 -2.18 1.59 -9.58
C THR A 74 -2.90 2.03 -10.84
N SER A 75 -3.12 1.10 -11.77
CA SER A 75 -3.74 1.42 -13.03
C SER A 75 -5.26 1.49 -12.91
N SER A 76 -5.87 0.40 -12.47
CA SER A 76 -7.30 0.33 -12.29
C SER A 76 -7.68 0.51 -10.83
N LEU A 77 -7.47 1.72 -10.31
CA LEU A 77 -7.85 2.05 -8.95
C LEU A 77 -9.37 2.02 -8.81
N SER A 78 -9.86 1.25 -7.85
CA SER A 78 -11.29 1.12 -7.61
C SER A 78 -11.90 2.50 -7.37
N VAL A 79 -13.01 2.77 -8.07
CA VAL A 79 -13.62 4.10 -8.09
C VAL A 79 -14.15 4.49 -6.72
N GLY A 80 -14.55 3.50 -5.93
CA GLY A 80 -15.00 3.77 -4.58
C GLY A 80 -13.94 4.45 -3.74
N LEU A 81 -12.67 4.13 -4.01
CA LEU A 81 -11.56 4.72 -3.27
C LEU A 81 -11.05 5.97 -4.01
N GLN A 82 -11.48 6.13 -5.24
CA GLN A 82 -11.05 7.23 -6.10
C GLN A 82 -11.99 8.42 -5.97
N ALA A 83 -13.26 8.14 -5.72
CA ALA A 83 -14.28 9.18 -5.65
C ALA A 83 -14.12 10.04 -4.40
N GLY A 84 -14.32 11.35 -4.56
CA GLY A 84 -14.23 12.25 -3.43
C GLY A 84 -12.94 13.04 -3.43
N ALA A 85 -12.42 13.29 -2.24
CA ALA A 85 -11.18 14.03 -2.08
C ALA A 85 -10.47 13.58 -0.81
N GLN A 86 -10.54 12.28 -0.53
CA GLN A 86 -9.94 11.73 0.67
C GLN A 86 -8.63 11.02 0.33
N SER A 87 -7.50 11.67 0.61
CA SER A 87 -6.19 11.04 0.45
C SER A 87 -6.01 9.94 1.49
N LYS A 88 -5.74 8.73 1.04
CA LYS A 88 -5.66 7.57 1.91
C LYS A 88 -4.29 6.92 1.81
N ALA A 89 -4.00 6.02 2.74
CA ALA A 89 -2.84 5.18 2.64
C ALA A 89 -3.26 3.73 2.52
N ILE A 90 -2.82 3.07 1.46
CA ILE A 90 -3.16 1.68 1.24
C ILE A 90 -1.90 0.84 1.34
N VAL A 91 -1.88 -0.07 2.29
CA VAL A 91 -0.68 -0.85 2.55
C VAL A 91 -0.94 -2.34 2.30
N PHE A 92 -0.09 -2.93 1.47
CA PHE A 92 -0.16 -4.35 1.18
C PHE A 92 0.98 -5.08 1.87
N LEU A 93 0.63 -5.91 2.84
CA LEU A 93 1.62 -6.66 3.60
C LEU A 93 1.68 -8.10 3.14
N PHE A 94 2.87 -8.57 2.82
CA PHE A 94 3.07 -9.95 2.43
C PHE A 94 3.77 -10.71 3.55
N MET A 95 3.02 -11.50 4.30
CA MET A 95 3.58 -12.18 5.48
C MET A 95 4.34 -13.44 5.11
N THR A 96 4.21 -13.88 3.86
CA THR A 96 4.88 -15.07 3.41
C THR A 96 5.84 -14.75 2.27
N GLN A 97 6.98 -15.43 2.25
CA GLN A 97 8.00 -15.23 1.24
C GLN A 97 7.47 -15.67 -0.13
N ASP A 98 6.69 -16.75 -0.13
CA ASP A 98 6.02 -17.22 -1.34
C ASP A 98 5.18 -16.14 -2.00
N ALA A 99 4.50 -15.35 -1.18
CA ALA A 99 3.66 -14.27 -1.70
C ALA A 99 4.51 -13.14 -2.26
N LEU A 100 5.68 -12.93 -1.67
CA LEU A 100 6.57 -11.87 -2.11
C LEU A 100 7.18 -12.23 -3.46
N ASP A 101 7.62 -13.47 -3.60
CA ASP A 101 8.24 -13.93 -4.84
C ASP A 101 7.24 -13.95 -5.99
N LYS A 102 6.01 -14.35 -5.68
CA LYS A 102 4.95 -14.38 -6.68
C LYS A 102 4.63 -12.98 -7.16
N PHE A 103 4.59 -12.04 -6.22
CA PHE A 103 4.29 -10.65 -6.53
C PHE A 103 5.43 -10.01 -7.32
N ARG A 104 6.65 -10.21 -6.83
CA ARG A 104 7.85 -9.60 -7.41
C ARG A 104 8.08 -10.06 -8.84
N ASN A 105 7.69 -11.30 -9.15
CA ASN A 105 7.90 -11.85 -10.48
C ASN A 105 6.71 -11.56 -11.39
N SER A 106 5.70 -10.91 -10.85
CA SER A 106 4.50 -10.60 -11.62
C SER A 106 4.63 -9.23 -12.27
N ASP A 107 4.10 -9.10 -13.48
CA ASP A 107 4.06 -7.81 -14.16
C ASP A 107 2.61 -7.38 -14.33
N GLY A 108 1.96 -7.12 -13.21
CA GLY A 108 0.54 -6.83 -13.22
C GLY A 108 -0.21 -7.68 -12.23
N TRP A 109 -0.48 -7.13 -11.06
CA TRP A 109 -1.06 -7.88 -9.96
C TRP A 109 -2.38 -7.26 -9.50
N ALA A 110 -3.41 -8.08 -9.38
CA ALA A 110 -4.74 -7.59 -8.98
C ALA A 110 -5.14 -8.15 -7.63
N ALA A 111 -5.75 -7.30 -6.81
CA ALA A 111 -6.16 -7.67 -5.47
C ALA A 111 -7.41 -8.53 -5.50
N GLY A 112 -7.34 -9.71 -4.89
CA GLY A 112 -8.48 -10.59 -4.84
C GLY A 112 -8.50 -11.55 -6.01
N ALA A 113 -7.83 -11.17 -7.10
CA ALA A 113 -7.79 -11.99 -8.29
C ALA A 113 -6.75 -13.09 -8.16
N ASP A 114 -5.49 -12.71 -7.98
CA ASP A 114 -4.41 -13.68 -7.88
C ASP A 114 -4.23 -14.14 -6.44
N ALA A 115 -4.18 -13.20 -5.52
CA ALA A 115 -3.98 -13.53 -4.11
C ALA A 115 -5.23 -13.25 -3.29
N SER A 116 -5.53 -14.15 -2.38
CA SER A 116 -6.61 -13.94 -1.43
C SER A 116 -6.16 -12.95 -0.36
N VAL A 117 -6.71 -11.75 -0.39
CA VAL A 117 -6.27 -10.70 0.53
C VAL A 117 -7.30 -10.46 1.64
N ALA A 118 -6.79 -10.10 2.81
CA ALA A 118 -7.63 -9.88 3.97
C ALA A 118 -7.51 -8.44 4.43
N LEU A 119 -8.63 -7.85 4.79
CA LEU A 119 -8.66 -6.49 5.30
C LEU A 119 -8.42 -6.51 6.80
N VAL A 120 -7.36 -5.86 7.24
CA VAL A 120 -6.99 -5.88 8.65
C VAL A 120 -7.86 -4.92 9.46
N LYS A 121 -8.36 -5.41 10.58
CA LYS A 121 -9.21 -4.62 11.45
C LYS A 121 -8.52 -4.41 12.80
N MET A 122 -8.67 -3.20 13.35
CA MET A 122 -8.16 -2.92 14.68
C MET A 122 -9.10 -3.52 15.72
N GLY A 123 -8.52 -3.97 16.82
CA GLY A 123 -9.31 -4.57 17.87
C GLY A 123 -9.99 -3.53 18.74
N ALA A 124 -10.71 -4.00 19.76
CA ALA A 124 -11.50 -3.11 20.61
C ALA A 124 -10.61 -2.19 21.44
N ASN A 125 -9.34 -2.54 21.57
CA ASN A 125 -8.40 -1.74 22.34
C ASN A 125 -7.78 -0.63 21.47
N GLY A 126 -8.24 -0.55 20.22
CA GLY A 126 -7.75 0.49 19.32
C GLY A 126 -6.40 0.14 18.72
N ALA A 127 -6.06 -1.12 18.76
CA ALA A 127 -4.80 -1.60 18.20
C ALA A 127 -5.04 -2.82 17.34
N ILE A 128 -4.24 -2.99 16.30
CA ILE A 128 -4.36 -4.14 15.42
C ILE A 128 -4.03 -5.42 16.18
N ASP A 129 -4.96 -6.35 16.16
CA ASP A 129 -4.73 -7.66 16.75
C ASP A 129 -3.98 -8.52 15.75
N THR A 130 -2.69 -8.68 15.98
CA THR A 130 -1.82 -9.37 15.03
C THR A 130 -2.16 -10.85 14.92
N THR A 131 -2.86 -11.38 15.91
CA THR A 131 -3.26 -12.77 15.89
C THR A 131 -4.48 -12.99 14.98
N THR A 132 -5.07 -11.89 14.54
CA THR A 132 -6.24 -11.95 13.64
C THR A 132 -5.80 -12.17 12.19
N ALA A 133 -4.49 -12.12 11.96
CA ALA A 133 -3.93 -12.33 10.63
C ALA A 133 -4.27 -13.73 10.12
N THR A 134 -4.70 -13.82 8.87
CA THR A 134 -5.12 -15.08 8.29
C THR A 134 -4.55 -15.28 6.89
N ALA A 135 -4.85 -14.34 6.00
CA ALA A 135 -4.42 -14.40 4.61
C ALA A 135 -2.94 -14.09 4.49
N PRO A 136 -2.28 -14.63 3.44
CA PRO A 136 -0.85 -14.40 3.20
C PRO A 136 -0.59 -12.95 2.80
N VAL A 137 -1.63 -12.28 2.35
CA VAL A 137 -1.57 -10.87 2.02
C VAL A 137 -2.55 -10.11 2.90
N GLU A 138 -2.02 -9.14 3.63
CA GLU A 138 -2.80 -8.39 4.60
C GLU A 138 -2.91 -6.94 4.15
N VAL A 139 -4.13 -6.43 4.11
CA VAL A 139 -4.36 -5.08 3.61
C VAL A 139 -4.76 -4.12 4.73
N ILE A 140 -3.95 -3.10 4.91
CA ILE A 140 -4.24 -2.04 5.86
C ILE A 140 -4.69 -0.79 5.12
N VAL A 141 -5.93 -0.39 5.35
CA VAL A 141 -6.45 0.83 4.73
C VAL A 141 -6.57 1.96 5.76
N LEU A 142 -5.74 2.97 5.59
CA LEU A 142 -5.74 4.10 6.50
C LEU A 142 -6.50 5.27 5.89
N THR A 143 -7.62 5.61 6.50
CA THR A 143 -8.42 6.74 6.07
C THR A 143 -8.22 7.90 7.05
N ASN A 144 -8.86 9.03 6.80
CA ASN A 144 -8.70 10.19 7.69
C ASN A 144 -9.15 9.87 9.11
N ALA A 145 -10.11 8.95 9.25
CA ALA A 145 -10.62 8.56 10.56
C ALA A 145 -9.90 7.32 11.08
N GLY A 146 -8.85 6.90 10.40
CA GLY A 146 -8.12 5.72 10.82
C GLY A 146 -8.41 4.52 9.96
N LEU A 147 -8.40 3.34 10.56
CA LEU A 147 -8.67 2.11 9.83
C LEU A 147 -10.16 1.96 9.58
N MET A 148 -10.51 1.75 8.32
CA MET A 148 -11.90 1.58 7.93
C MET A 148 -12.13 0.13 7.52
N GLY A 149 -13.00 -0.56 8.24
CA GLY A 149 -13.17 -1.99 8.04
C GLY A 149 -14.18 -2.35 6.97
N ASP A 150 -14.58 -1.36 6.18
CA ASP A 150 -15.55 -1.59 5.11
C ASP A 150 -15.03 -1.05 3.78
N VAL A 151 -13.75 -1.27 3.54
CA VAL A 151 -13.14 -0.86 2.28
C VAL A 151 -12.96 -2.06 1.38
N SER A 152 -13.34 -1.92 0.12
CA SER A 152 -13.20 -2.99 -0.85
C SER A 152 -12.18 -2.60 -1.91
N ILE A 153 -11.06 -3.32 -1.94
CA ILE A 153 -10.02 -3.05 -2.93
C ILE A 153 -10.16 -3.97 -4.13
N SER A 154 -11.32 -4.62 -4.25
CA SER A 154 -11.57 -5.52 -5.36
C SER A 154 -11.50 -4.74 -6.68
N GLY A 155 -10.71 -5.23 -7.61
CA GLY A 155 -10.56 -4.56 -8.89
C GLY A 155 -9.29 -3.73 -8.98
N THR A 156 -8.65 -3.49 -7.85
CA THR A 156 -7.41 -2.72 -7.83
C THR A 156 -6.27 -3.54 -8.42
N LYS A 157 -5.66 -3.02 -9.48
CA LYS A 157 -4.56 -3.69 -10.13
C LYS A 157 -3.31 -2.82 -10.10
N VAL A 158 -2.18 -3.42 -9.75
CA VAL A 158 -0.93 -2.70 -9.63
C VAL A 158 0.02 -3.09 -10.76
N THR A 159 0.65 -2.09 -11.34
CA THR A 159 1.60 -2.28 -12.42
C THR A 159 3.00 -1.82 -12.00
N LYS A 160 4.02 -2.37 -12.65
CA LYS A 160 5.39 -2.07 -12.29
C LYS A 160 5.90 -0.84 -13.06
N LEU A 161 6.66 -0.01 -12.38
CA LEU A 161 7.31 1.13 -13.00
C LEU A 161 8.80 0.86 -13.15
N LYS A 162 9.30 0.91 -14.37
CA LYS A 162 10.70 0.65 -14.62
C LYS A 162 11.52 1.93 -14.48
N ILE A 163 12.00 2.19 -13.28
CA ILE A 163 12.83 3.36 -13.03
C ILE A 163 14.13 2.95 -12.33
N GLY A 1 21.43 11.94 -16.71
CA GLY A 1 20.63 10.71 -16.85
C GLY A 1 19.14 11.00 -16.89
N SER A 2 18.34 10.01 -16.58
CA SER A 2 16.89 10.18 -16.55
C SER A 2 16.48 10.99 -15.30
N ALA A 3 16.44 12.31 -15.46
CA ALA A 3 16.17 13.21 -14.36
C ALA A 3 14.79 12.98 -13.75
N THR A 4 13.79 12.82 -14.60
CA THR A 4 12.42 12.61 -14.14
C THR A 4 12.29 11.28 -13.41
N ASN A 5 13.02 10.28 -13.87
CA ASN A 5 13.00 8.97 -13.23
C ASN A 5 13.72 9.03 -11.88
N ALA A 6 14.75 9.87 -11.79
CA ALA A 6 15.50 10.02 -10.56
C ALA A 6 14.70 10.83 -9.53
N SER A 7 14.16 11.96 -9.97
CA SER A 7 13.37 12.82 -9.09
C SER A 7 12.13 12.10 -8.57
N LYS A 8 11.53 11.28 -9.43
CA LYS A 8 10.33 10.53 -9.06
C LYS A 8 10.67 9.47 -8.01
N ARG A 9 11.79 8.79 -8.20
CA ARG A 9 12.27 7.80 -7.25
C ARG A 9 12.39 8.42 -5.86
N GLN A 10 12.97 9.60 -5.80
CA GLN A 10 13.16 10.30 -4.54
C GLN A 10 11.82 10.72 -3.95
N ALA A 11 10.92 11.15 -4.82
CA ALA A 11 9.59 11.59 -4.40
C ALA A 11 8.78 10.43 -3.83
N ILE A 12 8.82 9.29 -4.50
CA ILE A 12 8.04 8.13 -4.09
C ILE A 12 8.51 7.57 -2.76
N ASP A 13 9.82 7.34 -2.63
CA ASP A 13 10.38 6.75 -1.42
C ASP A 13 10.14 7.64 -0.21
N ALA A 14 10.21 8.95 -0.42
CA ALA A 14 9.97 9.92 0.63
C ALA A 14 8.50 9.89 1.06
N SER A 15 7.62 9.77 0.07
CA SER A 15 6.19 9.72 0.33
C SER A 15 5.82 8.44 1.08
N VAL A 16 6.55 7.36 0.80
CA VAL A 16 6.32 6.10 1.48
C VAL A 16 6.71 6.20 2.95
N ASP A 17 7.91 6.72 3.21
CA ASP A 17 8.41 6.90 4.57
C ASP A 17 7.46 7.77 5.39
N ALA A 18 7.02 8.88 4.81
CA ALA A 18 6.12 9.79 5.49
C ALA A 18 4.77 9.13 5.79
N THR A 19 4.26 8.40 4.80
CA THR A 19 2.97 7.74 4.93
C THR A 19 3.02 6.61 5.96
N LEU A 20 4.14 5.88 5.98
CA LEU A 20 4.30 4.75 6.90
C LEU A 20 4.41 5.27 8.33
N SER A 21 5.06 6.41 8.49
CA SER A 21 5.21 7.04 9.79
C SER A 21 3.86 7.49 10.33
N ARG A 22 3.00 7.99 9.45
CA ARG A 22 1.66 8.43 9.85
C ARG A 22 0.82 7.22 10.27
N LEU A 23 1.06 6.10 9.62
CA LEU A 23 0.39 4.86 9.97
C LEU A 23 0.73 4.45 11.40
N TYR A 24 1.99 4.61 11.76
CA TYR A 24 2.46 4.23 13.09
C TYR A 24 1.94 5.19 14.16
N SER A 25 1.77 6.45 13.78
CA SER A 25 1.27 7.45 14.71
C SER A 25 -0.24 7.30 14.92
N THR A 26 -0.95 6.91 13.86
CA THR A 26 -2.39 6.84 13.92
C THR A 26 -2.89 5.46 14.35
N VAL A 27 -2.22 4.41 13.89
CA VAL A 27 -2.65 3.05 14.16
C VAL A 27 -1.60 2.31 15.00
N ARG A 28 -1.95 1.95 16.22
CA ARG A 28 -1.06 1.21 17.09
C ARG A 28 -0.96 -0.26 16.64
N GLY A 29 0.25 -0.81 16.73
CA GLY A 29 0.44 -2.22 16.42
C GLY A 29 0.85 -2.47 14.98
N SER A 30 0.66 -1.47 14.14
CA SER A 30 0.99 -1.56 12.73
C SER A 30 2.49 -1.82 12.53
N ARG A 31 3.30 -1.19 13.38
CA ARG A 31 4.76 -1.29 13.29
C ARG A 31 5.20 -2.74 13.37
N GLU A 32 4.60 -3.48 14.30
CA GLU A 32 4.95 -4.88 14.51
C GLU A 32 4.55 -5.73 13.31
N LEU A 33 3.34 -5.52 12.83
CA LEU A 33 2.80 -6.29 11.72
C LEU A 33 3.61 -6.04 10.45
N VAL A 34 4.02 -4.79 10.25
CA VAL A 34 4.82 -4.42 9.09
C VAL A 34 6.21 -5.04 9.17
N ALA A 35 6.77 -5.09 10.37
CA ALA A 35 8.06 -5.74 10.57
C ALA A 35 7.97 -7.25 10.39
N LYS A 36 6.84 -7.82 10.78
CA LYS A 36 6.63 -9.26 10.70
C LYS A 36 6.44 -9.74 9.27
N SER A 37 6.01 -8.85 8.39
CA SER A 37 5.80 -9.22 7.00
C SER A 37 7.11 -9.17 6.22
N ARG A 38 7.16 -9.88 5.09
CA ARG A 38 8.37 -9.97 4.29
C ARG A 38 8.61 -8.70 3.51
N GLY A 39 7.55 -8.22 2.87
CA GLY A 39 7.64 -7.02 2.07
C GLY A 39 6.45 -6.13 2.29
N VAL A 40 6.64 -4.82 2.16
CA VAL A 40 5.57 -3.87 2.37
C VAL A 40 5.49 -2.87 1.21
N LEU A 41 4.31 -2.76 0.63
CA LEU A 41 4.06 -1.80 -0.44
C LEU A 41 3.07 -0.76 0.04
N VAL A 42 3.47 0.51 0.00
CA VAL A 42 2.60 1.58 0.45
C VAL A 42 2.16 2.45 -0.73
N PHE A 43 0.85 2.67 -0.84
CA PHE A 43 0.30 3.56 -1.86
C PHE A 43 -0.20 4.85 -1.23
N PRO A 44 0.60 5.92 -1.29
CA PRO A 44 0.20 7.24 -0.83
C PRO A 44 -0.45 8.08 -1.93
N ASP A 45 -1.69 7.74 -2.28
CA ASP A 45 -2.39 8.46 -3.34
C ASP A 45 -3.18 9.62 -2.76
N VAL A 46 -2.78 10.83 -3.12
CA VAL A 46 -3.45 12.02 -2.65
C VAL A 46 -4.60 12.40 -3.58
N ILE A 47 -5.81 12.39 -3.03
CA ILE A 47 -6.99 12.73 -3.80
C ILE A 47 -7.41 14.15 -3.47
N GLN A 48 -6.51 15.08 -3.70
CA GLN A 48 -6.73 16.48 -3.39
C GLN A 48 -7.07 17.25 -4.65
N ALA A 49 -8.31 17.68 -4.76
CA ALA A 49 -8.77 18.45 -5.92
C ALA A 49 -8.16 19.84 -5.91
N GLY A 50 -7.09 20.00 -6.66
CA GLY A 50 -6.39 21.27 -6.70
C GLY A 50 -4.92 21.08 -6.96
N LEU A 51 -4.31 20.17 -6.22
CA LEU A 51 -2.90 19.85 -6.43
C LEU A 51 -2.73 19.09 -7.74
N ILE A 52 -1.67 19.39 -8.46
CA ILE A 52 -1.43 18.79 -9.76
C ILE A 52 -0.39 17.69 -9.68
N ILE A 53 -0.82 16.46 -9.92
CA ILE A 53 0.08 15.31 -9.96
C ILE A 53 0.51 15.05 -11.40
N GLY A 54 1.75 15.38 -11.71
CA GLY A 54 2.24 15.27 -13.07
C GLY A 54 2.76 13.88 -13.39
N GLY A 55 1.93 13.07 -14.03
CA GLY A 55 2.36 11.75 -14.44
C GLY A 55 1.38 10.67 -14.02
N GLN A 56 1.82 9.78 -13.15
CA GLN A 56 1.01 8.66 -12.70
C GLN A 56 0.32 9.01 -11.40
N THR A 57 -0.90 8.52 -11.23
CA THR A 57 -1.65 8.74 -10.01
C THR A 57 -1.81 7.43 -9.25
N GLY A 58 -1.40 7.43 -7.99
CA GLY A 58 -1.45 6.22 -7.21
C GLY A 58 -0.21 5.36 -7.40
N ASN A 59 0.93 5.86 -6.94
CA ASN A 59 2.20 5.17 -7.08
C ASN A 59 2.84 4.92 -5.73
N GLY A 60 3.54 3.80 -5.59
CA GLY A 60 4.19 3.47 -4.34
C GLY A 60 5.48 2.70 -4.56
N ALA A 61 6.09 2.26 -3.48
CA ALA A 61 7.35 1.55 -3.55
C ALA A 61 7.34 0.31 -2.67
N LEU A 62 8.00 -0.75 -3.14
CA LEU A 62 8.10 -1.98 -2.39
C LEU A 62 9.35 -1.97 -1.53
N ARG A 63 9.16 -2.02 -0.23
CA ARG A 63 10.26 -2.03 0.72
C ARG A 63 10.50 -3.46 1.21
N VAL A 64 11.72 -3.94 1.02
CA VAL A 64 12.08 -5.27 1.50
C VAL A 64 13.39 -5.20 2.29
N GLY A 65 13.32 -5.52 3.58
CA GLY A 65 14.51 -5.49 4.42
C GLY A 65 15.11 -4.11 4.56
N GLY A 66 14.30 -3.08 4.35
CA GLY A 66 14.77 -1.72 4.47
C GLY A 66 15.26 -1.15 3.14
N ALA A 67 15.24 -1.96 2.10
CA ALA A 67 15.68 -1.51 0.78
C ALA A 67 14.56 -1.57 -0.23
N THR A 68 14.43 -0.52 -1.03
CA THR A 68 13.42 -0.47 -2.07
C THR A 68 13.86 -1.32 -3.26
N VAL A 69 13.10 -2.35 -3.57
CA VAL A 69 13.48 -3.29 -4.62
C VAL A 69 12.72 -3.02 -5.91
N GLY A 70 11.67 -2.21 -5.82
CA GLY A 70 10.91 -1.89 -7.02
C GLY A 70 9.82 -0.88 -6.73
N TYR A 71 9.29 -0.27 -7.78
CA TYR A 71 8.25 0.74 -7.64
C TYR A 71 7.04 0.33 -8.46
N TYR A 72 5.85 0.67 -7.98
CA TYR A 72 4.62 0.15 -8.56
C TYR A 72 3.54 1.23 -8.65
N ASN A 73 2.65 1.06 -9.62
CA ASN A 73 1.56 2.00 -9.87
C ASN A 73 0.25 1.26 -10.03
N THR A 74 -0.86 1.90 -9.68
CA THR A 74 -2.15 1.27 -9.83
C THR A 74 -2.76 1.62 -11.18
N SER A 75 -2.88 0.61 -12.05
CA SER A 75 -3.40 0.81 -13.39
C SER A 75 -4.93 0.90 -13.38
N SER A 76 -5.53 0.35 -12.33
CA SER A 76 -6.97 0.36 -12.16
C SER A 76 -7.34 0.27 -10.68
N LEU A 77 -7.77 1.39 -10.13
CA LEU A 77 -8.20 1.45 -8.74
C LEU A 77 -9.71 1.57 -8.67
N SER A 78 -10.31 0.97 -7.65
CA SER A 78 -11.75 1.08 -7.45
C SER A 78 -12.13 2.54 -7.24
N VAL A 79 -13.15 2.99 -7.97
CA VAL A 79 -13.54 4.40 -7.97
C VAL A 79 -14.05 4.84 -6.61
N GLY A 80 -14.63 3.90 -5.87
CA GLY A 80 -15.08 4.18 -4.52
C GLY A 80 -13.96 4.63 -3.61
N LEU A 81 -12.75 4.15 -3.90
CA LEU A 81 -11.58 4.52 -3.11
C LEU A 81 -10.96 5.80 -3.65
N GLN A 82 -11.06 5.98 -4.96
CA GLN A 82 -10.47 7.13 -5.65
C GLN A 82 -11.41 8.35 -5.58
N ALA A 83 -12.58 8.15 -4.99
CA ALA A 83 -13.52 9.25 -4.80
C ALA A 83 -12.89 10.34 -3.95
N GLY A 84 -13.25 11.59 -4.22
CA GLY A 84 -12.67 12.72 -3.52
C GLY A 84 -13.20 12.87 -2.11
N ALA A 85 -12.98 11.84 -1.31
CA ALA A 85 -13.37 11.85 0.08
C ALA A 85 -12.31 11.16 0.91
N GLN A 86 -11.39 11.98 1.45
CA GLN A 86 -10.26 11.50 2.24
C GLN A 86 -9.22 10.81 1.37
N SER A 87 -8.03 11.40 1.29
CA SER A 87 -6.89 10.78 0.63
C SER A 87 -6.51 9.51 1.38
N LYS A 88 -6.42 8.41 0.67
CA LYS A 88 -6.26 7.12 1.31
C LYS A 88 -4.91 6.51 1.02
N ALA A 89 -4.35 5.85 2.02
CA ALA A 89 -3.12 5.12 1.85
C ALA A 89 -3.41 3.64 1.99
N ILE A 90 -2.88 2.86 1.08
CA ILE A 90 -3.15 1.43 1.07
C ILE A 90 -1.86 0.68 1.27
N VAL A 91 -1.78 -0.08 2.34
CA VAL A 91 -0.58 -0.83 2.67
C VAL A 91 -0.79 -2.31 2.43
N PHE A 92 0.04 -2.88 1.58
CA PHE A 92 -0.02 -4.29 1.27
C PHE A 92 1.11 -5.02 1.98
N LEU A 93 0.76 -5.87 2.91
CA LEU A 93 1.74 -6.65 3.65
C LEU A 93 1.74 -8.08 3.17
N PHE A 94 2.92 -8.58 2.83
CA PHE A 94 3.06 -9.98 2.44
C PHE A 94 3.77 -10.74 3.56
N MET A 95 3.02 -11.46 4.38
CA MET A 95 3.63 -12.19 5.50
C MET A 95 4.21 -13.52 5.02
N THR A 96 3.95 -13.87 3.78
CA THR A 96 4.47 -15.10 3.21
C THR A 96 5.36 -14.79 2.01
N GLN A 97 6.43 -15.55 1.85
CA GLN A 97 7.36 -15.34 0.75
C GLN A 97 6.73 -15.76 -0.56
N ASP A 98 5.86 -16.77 -0.50
CA ASP A 98 5.11 -17.21 -1.66
C ASP A 98 4.33 -16.06 -2.28
N ALA A 99 3.76 -15.22 -1.42
CA ALA A 99 3.00 -14.06 -1.88
C ALA A 99 3.93 -13.01 -2.47
N LEU A 100 5.17 -12.93 -1.96
CA LEU A 100 6.14 -11.96 -2.45
C LEU A 100 6.63 -12.38 -3.84
N ASP A 101 6.95 -13.66 -3.98
CA ASP A 101 7.41 -14.20 -5.26
C ASP A 101 6.34 -14.08 -6.33
N LYS A 102 5.11 -14.42 -5.96
CA LYS A 102 3.98 -14.31 -6.88
C LYS A 102 3.81 -12.88 -7.37
N PHE A 103 3.95 -11.93 -6.46
CA PHE A 103 3.83 -10.52 -6.79
C PHE A 103 4.98 -10.08 -7.69
N ARG A 104 6.18 -10.48 -7.34
CA ARG A 104 7.38 -10.07 -8.05
C ARG A 104 7.40 -10.61 -9.48
N ASN A 105 6.95 -11.85 -9.64
CA ASN A 105 7.02 -12.51 -10.94
C ASN A 105 5.85 -12.14 -11.84
N SER A 106 4.82 -11.53 -11.27
CA SER A 106 3.63 -11.19 -12.04
C SER A 106 3.74 -9.79 -12.64
N ASP A 107 3.65 -9.71 -13.96
CA ASP A 107 3.55 -8.43 -14.64
C ASP A 107 2.08 -8.01 -14.73
N GLY A 108 1.60 -7.45 -13.63
CA GLY A 108 0.19 -7.13 -13.53
C GLY A 108 -0.46 -7.95 -12.44
N TRP A 109 -0.52 -7.38 -11.25
CA TRP A 109 -1.03 -8.08 -10.08
C TRP A 109 -2.36 -7.47 -9.64
N ALA A 110 -3.39 -8.30 -9.51
CA ALA A 110 -4.70 -7.81 -9.12
C ALA A 110 -5.10 -8.32 -7.75
N ALA A 111 -5.70 -7.45 -6.94
CA ALA A 111 -6.08 -7.79 -5.59
C ALA A 111 -7.38 -8.60 -5.60
N GLY A 112 -7.34 -9.77 -4.98
CA GLY A 112 -8.52 -10.62 -4.96
C GLY A 112 -8.52 -11.59 -6.12
N ALA A 113 -7.67 -11.33 -7.09
CA ALA A 113 -7.54 -12.20 -8.26
C ALA A 113 -6.35 -13.14 -8.10
N ASP A 114 -5.14 -12.59 -8.16
CA ASP A 114 -3.94 -13.42 -8.01
C ASP A 114 -3.80 -13.90 -6.57
N ALA A 115 -3.89 -12.96 -5.64
CA ALA A 115 -3.83 -13.31 -4.22
C ALA A 115 -5.16 -13.04 -3.53
N SER A 116 -5.55 -13.93 -2.65
CA SER A 116 -6.71 -13.71 -1.81
C SER A 116 -6.31 -12.86 -0.62
N VAL A 117 -6.79 -11.62 -0.59
CA VAL A 117 -6.30 -10.64 0.38
C VAL A 117 -7.34 -10.37 1.47
N ALA A 118 -6.84 -10.06 2.66
CA ALA A 118 -7.68 -9.83 3.82
C ALA A 118 -7.49 -8.41 4.34
N LEU A 119 -8.57 -7.78 4.74
CA LEU A 119 -8.52 -6.45 5.31
C LEU A 119 -8.34 -6.57 6.81
N VAL A 120 -7.33 -5.89 7.35
CA VAL A 120 -7.03 -6.00 8.76
C VAL A 120 -7.83 -4.98 9.58
N LYS A 121 -8.51 -5.48 10.61
CA LYS A 121 -9.31 -4.63 11.47
C LYS A 121 -8.61 -4.43 12.81
N MET A 122 -8.50 -3.18 13.24
CA MET A 122 -7.88 -2.86 14.52
C MET A 122 -8.87 -3.13 15.66
N GLY A 123 -8.34 -3.44 16.83
CA GLY A 123 -9.17 -3.72 17.97
C GLY A 123 -9.83 -2.46 18.53
N ALA A 124 -10.67 -2.62 19.55
CA ALA A 124 -11.42 -1.51 20.12
C ALA A 124 -10.52 -0.43 20.72
N ASN A 125 -9.30 -0.82 21.07
CA ASN A 125 -8.34 0.12 21.66
C ASN A 125 -7.58 0.89 20.57
N GLY A 126 -7.90 0.59 19.32
CA GLY A 126 -7.28 1.29 18.20
C GLY A 126 -5.96 0.66 17.79
N ALA A 127 -5.71 -0.56 18.26
CA ALA A 127 -4.48 -1.25 17.94
C ALA A 127 -4.75 -2.51 17.12
N ILE A 128 -3.93 -2.74 16.12
CA ILE A 128 -4.08 -3.91 15.28
C ILE A 128 -3.76 -5.19 16.04
N ASP A 129 -4.73 -6.08 16.08
CA ASP A 129 -4.50 -7.40 16.65
C ASP A 129 -3.68 -8.23 15.66
N THR A 130 -2.43 -8.48 16.02
CA THR A 130 -1.51 -9.16 15.12
C THR A 130 -1.70 -10.68 15.18
N THR A 131 -2.30 -11.15 16.26
CA THR A 131 -2.49 -12.58 16.47
C THR A 131 -3.55 -13.18 15.54
N THR A 132 -4.47 -12.36 15.08
CA THR A 132 -5.55 -12.82 14.21
C THR A 132 -5.17 -12.77 12.73
N ALA A 133 -3.95 -12.33 12.44
CA ALA A 133 -3.48 -12.28 11.07
C ALA A 133 -3.03 -13.66 10.61
N THR A 134 -3.64 -14.16 9.55
CA THR A 134 -3.29 -15.48 9.02
C THR A 134 -3.50 -15.54 7.51
N ALA A 135 -3.59 -14.37 6.88
CA ALA A 135 -3.73 -14.29 5.44
C ALA A 135 -2.36 -14.32 4.78
N PRO A 136 -2.27 -14.69 3.50
CA PRO A 136 -0.99 -14.61 2.78
C PRO A 136 -0.63 -13.18 2.45
N VAL A 137 -1.67 -12.35 2.30
CA VAL A 137 -1.53 -10.93 2.06
C VAL A 137 -2.47 -10.16 2.98
N GLU A 138 -1.92 -9.22 3.73
CA GLU A 138 -2.69 -8.46 4.69
C GLU A 138 -2.81 -7.01 4.23
N VAL A 139 -4.03 -6.51 4.16
CA VAL A 139 -4.26 -5.17 3.64
C VAL A 139 -4.69 -4.20 4.73
N ILE A 140 -3.91 -3.15 4.90
CA ILE A 140 -4.21 -2.09 5.85
C ILE A 140 -4.53 -0.79 5.11
N VAL A 141 -5.74 -0.28 5.30
CA VAL A 141 -6.15 0.96 4.64
C VAL A 141 -6.22 2.12 5.64
N LEU A 142 -5.41 3.13 5.40
CA LEU A 142 -5.33 4.26 6.31
C LEU A 142 -5.98 5.51 5.71
N THR A 143 -6.89 6.09 6.48
CA THR A 143 -7.45 7.40 6.14
C THR A 143 -6.96 8.42 7.17
N ASN A 144 -7.32 9.70 7.02
CA ASN A 144 -6.92 10.69 8.05
C ASN A 144 -7.57 10.34 9.39
N ALA A 145 -8.74 9.72 9.32
CA ALA A 145 -9.47 9.31 10.51
C ALA A 145 -8.89 8.02 11.09
N GLY A 146 -8.00 7.37 10.33
CA GLY A 146 -7.38 6.16 10.80
C GLY A 146 -7.73 4.95 9.97
N LEU A 147 -7.65 3.78 10.59
CA LEU A 147 -7.97 2.52 9.94
C LEU A 147 -9.47 2.46 9.68
N MET A 148 -9.86 2.43 8.41
CA MET A 148 -11.25 2.30 8.07
C MET A 148 -11.57 0.84 7.76
N GLY A 149 -12.46 0.25 8.55
CA GLY A 149 -12.74 -1.17 8.41
C GLY A 149 -13.94 -1.43 7.53
N ASP A 150 -13.93 -0.82 6.35
CA ASP A 150 -15.01 -1.00 5.38
C ASP A 150 -14.54 -0.54 4.01
N VAL A 151 -13.50 -1.20 3.50
CA VAL A 151 -12.93 -0.85 2.21
C VAL A 151 -12.72 -2.11 1.37
N SER A 152 -13.18 -2.06 0.13
CA SER A 152 -13.00 -3.16 -0.79
C SER A 152 -12.02 -2.79 -1.89
N ILE A 153 -11.00 -3.59 -2.10
CA ILE A 153 -9.97 -3.30 -3.09
C ILE A 153 -10.06 -4.26 -4.28
N SER A 154 -11.20 -4.93 -4.42
CA SER A 154 -11.41 -5.85 -5.52
C SER A 154 -11.36 -5.10 -6.86
N GLY A 155 -10.54 -5.58 -7.76
CA GLY A 155 -10.41 -4.91 -9.05
C GLY A 155 -9.18 -4.02 -9.12
N THR A 156 -8.50 -3.85 -7.99
CA THR A 156 -7.28 -3.06 -7.95
C THR A 156 -6.14 -3.82 -8.62
N LYS A 157 -5.56 -3.23 -9.66
CA LYS A 157 -4.46 -3.84 -10.38
C LYS A 157 -3.21 -2.97 -10.30
N VAL A 158 -2.09 -3.58 -9.98
CA VAL A 158 -0.84 -2.88 -9.86
C VAL A 158 0.12 -3.29 -10.97
N THR A 159 0.73 -2.31 -11.60
CA THR A 159 1.71 -2.53 -12.65
C THR A 159 3.09 -2.11 -12.18
N LYS A 160 4.13 -2.68 -12.77
CA LYS A 160 5.49 -2.41 -12.36
C LYS A 160 6.06 -1.22 -13.13
N LEU A 161 6.59 -0.24 -12.41
CA LEU A 161 7.18 0.92 -13.04
C LEU A 161 8.66 0.70 -13.27
N LYS A 162 9.13 1.07 -14.47
CA LYS A 162 10.54 0.99 -14.78
C LYS A 162 11.20 2.35 -14.57
N ILE A 163 11.36 2.74 -13.32
CA ILE A 163 11.99 4.02 -13.01
C ILE A 163 13.34 3.80 -12.34
N GLY A 1 16.08 10.47 -18.52
CA GLY A 1 17.32 9.73 -18.21
C GLY A 1 17.43 9.41 -16.73
N SER A 2 18.63 9.05 -16.30
CA SER A 2 18.86 8.61 -14.93
C SER A 2 18.61 9.73 -13.93
N ALA A 3 18.83 10.97 -14.35
CA ALA A 3 18.65 12.12 -13.48
C ALA A 3 17.18 12.34 -13.15
N THR A 4 16.31 12.21 -14.16
CA THR A 4 14.88 12.35 -13.96
C THR A 4 14.31 11.14 -13.23
N ASN A 5 14.91 9.98 -13.47
CA ASN A 5 14.51 8.78 -12.76
C ASN A 5 14.90 8.86 -11.29
N ALA A 6 15.94 9.63 -11.00
CA ALA A 6 16.40 9.81 -9.63
C ALA A 6 15.43 10.68 -8.84
N SER A 7 14.95 11.74 -9.49
CA SER A 7 14.02 12.66 -8.84
C SER A 7 12.65 12.02 -8.65
N LYS A 8 12.25 11.18 -9.60
CA LYS A 8 10.98 10.47 -9.52
C LYS A 8 11.06 9.43 -8.41
N ARG A 9 12.19 8.75 -8.36
CA ARG A 9 12.46 7.75 -7.34
C ARG A 9 12.38 8.36 -5.95
N GLN A 10 13.03 9.50 -5.77
CA GLN A 10 13.06 10.17 -4.47
C GLN A 10 11.67 10.68 -4.09
N ALA A 11 10.91 11.12 -5.09
CA ALA A 11 9.57 11.63 -4.84
C ALA A 11 8.68 10.53 -4.28
N ILE A 12 8.78 9.35 -4.88
CA ILE A 12 8.01 8.20 -4.43
C ILE A 12 8.47 7.74 -3.04
N ASP A 13 9.79 7.66 -2.85
CA ASP A 13 10.36 7.19 -1.59
C ASP A 13 9.95 8.07 -0.42
N ALA A 14 9.97 9.38 -0.65
CA ALA A 14 9.64 10.35 0.40
C ALA A 14 8.18 10.23 0.80
N SER A 15 7.32 10.06 -0.19
CA SER A 15 5.89 9.93 0.05
C SER A 15 5.59 8.64 0.81
N VAL A 16 6.35 7.58 0.53
CA VAL A 16 6.19 6.31 1.21
C VAL A 16 6.62 6.43 2.68
N ASP A 17 7.81 6.97 2.87
CA ASP A 17 8.37 7.13 4.21
C ASP A 17 7.46 7.96 5.11
N ALA A 18 7.00 9.09 4.58
CA ALA A 18 6.11 9.98 5.31
C ALA A 18 4.80 9.29 5.67
N THR A 19 4.24 8.58 4.69
CA THR A 19 2.97 7.90 4.87
C THR A 19 3.08 6.78 5.91
N LEU A 20 4.19 6.06 5.91
CA LEU A 20 4.38 4.95 6.81
C LEU A 20 4.51 5.46 8.25
N SER A 21 5.16 6.61 8.39
CA SER A 21 5.32 7.25 9.69
C SER A 21 3.98 7.65 10.28
N ARG A 22 3.05 8.09 9.43
CA ARG A 22 1.71 8.47 9.88
C ARG A 22 0.93 7.24 10.31
N LEU A 23 1.16 6.11 9.63
CA LEU A 23 0.49 4.86 9.96
C LEU A 23 0.85 4.41 11.36
N TYR A 24 2.13 4.49 11.69
CA TYR A 24 2.61 4.02 12.99
C TYR A 24 2.16 4.93 14.12
N SER A 25 2.10 6.22 13.85
CA SER A 25 1.73 7.19 14.85
C SER A 25 0.22 7.20 15.08
N THR A 26 -0.54 6.91 14.03
CA THR A 26 -1.99 6.92 14.10
C THR A 26 -2.54 5.57 14.55
N VAL A 27 -1.92 4.50 14.07
CA VAL A 27 -2.43 3.15 14.34
C VAL A 27 -1.45 2.36 15.20
N ARG A 28 -1.90 2.02 16.40
CA ARG A 28 -1.10 1.23 17.31
C ARG A 28 -1.04 -0.24 16.87
N GLY A 29 0.14 -0.83 16.97
CA GLY A 29 0.30 -2.24 16.63
C GLY A 29 0.58 -2.48 15.17
N SER A 30 0.41 -1.44 14.36
CA SER A 30 0.62 -1.55 12.93
C SER A 30 2.08 -1.84 12.61
N ARG A 31 2.98 -1.24 13.38
CA ARG A 31 4.41 -1.37 13.12
C ARG A 31 4.86 -2.82 13.30
N GLU A 32 4.33 -3.48 14.31
CA GLU A 32 4.67 -4.88 14.58
C GLU A 32 4.26 -5.76 13.41
N LEU A 33 3.02 -5.58 12.96
CA LEU A 33 2.46 -6.38 11.89
C LEU A 33 3.24 -6.16 10.59
N VAL A 34 3.51 -4.89 10.29
CA VAL A 34 4.24 -4.54 9.07
C VAL A 34 5.67 -5.05 9.11
N ALA A 35 6.30 -4.94 10.27
CA ALA A 35 7.67 -5.39 10.45
C ALA A 35 7.79 -6.89 10.23
N LYS A 36 6.75 -7.63 10.62
CA LYS A 36 6.74 -9.07 10.47
C LYS A 36 6.46 -9.50 9.03
N SER A 37 6.04 -8.56 8.21
CA SER A 37 5.83 -8.84 6.80
C SER A 37 7.17 -9.05 6.10
N ARG A 38 7.15 -9.80 4.99
CA ARG A 38 8.35 -10.05 4.20
C ARG A 38 8.61 -8.88 3.28
N GLY A 39 7.53 -8.22 2.88
CA GLY A 39 7.63 -7.03 2.07
C GLY A 39 6.41 -6.16 2.25
N VAL A 40 6.60 -4.86 2.22
CA VAL A 40 5.51 -3.92 2.43
C VAL A 40 5.43 -2.91 1.29
N LEU A 41 4.24 -2.81 0.70
CA LEU A 41 4.00 -1.84 -0.36
C LEU A 41 3.00 -0.79 0.11
N VAL A 42 3.40 0.47 0.06
CA VAL A 42 2.53 1.55 0.52
C VAL A 42 2.09 2.42 -0.65
N PHE A 43 0.78 2.65 -0.73
CA PHE A 43 0.21 3.55 -1.74
C PHE A 43 -0.32 4.82 -1.10
N PRO A 44 0.48 5.91 -1.13
CA PRO A 44 0.04 7.23 -0.66
C PRO A 44 -0.67 8.01 -1.76
N ASP A 45 -1.97 7.79 -1.88
CA ASP A 45 -2.77 8.48 -2.87
C ASP A 45 -3.32 9.77 -2.28
N VAL A 46 -2.70 10.88 -2.62
CA VAL A 46 -3.06 12.17 -2.06
C VAL A 46 -3.99 12.92 -3.00
N ILE A 47 -5.22 13.13 -2.55
CA ILE A 47 -6.18 13.93 -3.31
C ILE A 47 -6.43 15.23 -2.56
N GLN A 48 -5.96 16.33 -3.13
CA GLN A 48 -6.10 17.63 -2.51
C GLN A 48 -7.52 18.16 -2.69
N ALA A 49 -8.12 18.60 -1.60
CA ALA A 49 -9.45 19.17 -1.65
C ALA A 49 -9.39 20.66 -1.95
N GLY A 50 -9.82 21.04 -3.14
CA GLY A 50 -9.79 22.44 -3.53
C GLY A 50 -8.65 22.74 -4.46
N LEU A 51 -7.50 22.13 -4.18
CA LEU A 51 -6.33 22.29 -5.02
C LEU A 51 -6.26 21.17 -6.05
N ILE A 52 -6.26 21.52 -7.33
CA ILE A 52 -6.27 20.53 -8.39
C ILE A 52 -4.97 19.73 -8.43
N ILE A 53 -5.09 18.44 -8.69
CA ILE A 53 -3.93 17.56 -8.70
C ILE A 53 -3.11 17.76 -9.98
N GLY A 54 -1.97 18.41 -9.84
CA GLY A 54 -1.09 18.61 -10.98
C GLY A 54 0.00 17.57 -11.02
N GLY A 55 -0.38 16.32 -11.25
CA GLY A 55 0.59 15.25 -11.30
C GLY A 55 -0.09 13.89 -11.33
N GLN A 56 0.70 12.84 -11.22
CA GLN A 56 0.17 11.48 -11.24
C GLN A 56 -0.16 11.03 -9.82
N THR A 57 -1.04 10.05 -9.71
CA THR A 57 -1.47 9.55 -8.42
C THR A 57 -1.28 8.04 -8.32
N GLY A 58 -1.31 7.52 -7.11
CA GLY A 58 -1.17 6.09 -6.91
C GLY A 58 0.24 5.59 -7.16
N ASN A 59 1.21 6.27 -6.55
CA ASN A 59 2.61 5.86 -6.68
C ASN A 59 3.09 5.22 -5.38
N GLY A 60 3.69 4.05 -5.46
CA GLY A 60 4.14 3.37 -4.27
C GLY A 60 5.45 2.65 -4.47
N ALA A 61 6.02 2.15 -3.38
CA ALA A 61 7.29 1.47 -3.44
C ALA A 61 7.28 0.22 -2.56
N LEU A 62 7.92 -0.84 -3.02
CA LEU A 62 8.01 -2.08 -2.26
C LEU A 62 9.26 -2.08 -1.41
N ARG A 63 9.08 -2.10 -0.09
CA ARG A 63 10.20 -2.07 0.82
C ARG A 63 10.43 -3.47 1.40
N VAL A 64 11.54 -4.08 1.03
CA VAL A 64 11.87 -5.42 1.49
C VAL A 64 13.20 -5.43 2.24
N GLY A 65 13.14 -5.76 3.53
CA GLY A 65 14.36 -5.84 4.33
C GLY A 65 15.06 -4.50 4.47
N GLY A 66 14.29 -3.41 4.46
CA GLY A 66 14.86 -2.08 4.58
C GLY A 66 15.39 -1.55 3.26
N ALA A 67 15.18 -2.29 2.18
CA ALA A 67 15.63 -1.86 0.87
C ALA A 67 14.50 -1.93 -0.13
N THR A 68 14.29 -0.85 -0.86
CA THR A 68 13.28 -0.82 -1.90
C THR A 68 13.75 -1.67 -3.08
N VAL A 69 12.92 -2.61 -3.50
CA VAL A 69 13.30 -3.51 -4.57
C VAL A 69 12.64 -3.12 -5.89
N GLY A 70 11.58 -2.32 -5.80
CA GLY A 70 10.89 -1.88 -7.00
C GLY A 70 9.81 -0.88 -6.68
N TYR A 71 9.28 -0.23 -7.71
CA TYR A 71 8.26 0.79 -7.53
C TYR A 71 7.03 0.42 -8.35
N TYR A 72 5.86 0.74 -7.84
CA TYR A 72 4.61 0.26 -8.40
C TYR A 72 3.57 1.37 -8.53
N ASN A 73 2.59 1.14 -9.39
CA ASN A 73 1.52 2.10 -9.62
C ASN A 73 0.19 1.38 -9.82
N THR A 74 -0.90 1.96 -9.35
CA THR A 74 -2.21 1.36 -9.51
C THR A 74 -2.88 1.86 -10.79
N SER A 75 -3.06 0.96 -11.74
CA SER A 75 -3.62 1.31 -13.04
C SER A 75 -5.14 1.46 -12.97
N SER A 76 -5.73 0.92 -11.92
CA SER A 76 -7.18 0.98 -11.76
C SER A 76 -7.56 1.20 -10.31
N LEU A 77 -8.16 2.34 -10.03
CA LEU A 77 -8.68 2.64 -8.71
C LEU A 77 -10.20 2.53 -8.74
N SER A 78 -10.73 1.55 -8.00
CA SER A 78 -12.17 1.34 -7.95
C SER A 78 -12.87 2.54 -7.34
N VAL A 79 -14.13 2.78 -7.73
CA VAL A 79 -14.85 3.99 -7.34
C VAL A 79 -14.82 4.20 -5.83
N GLY A 80 -15.08 3.14 -5.08
CA GLY A 80 -15.13 3.24 -3.63
C GLY A 80 -13.79 3.64 -3.02
N LEU A 81 -12.72 3.40 -3.76
CA LEU A 81 -11.38 3.72 -3.28
C LEU A 81 -10.97 5.11 -3.74
N GLN A 82 -11.25 5.43 -5.00
CA GLN A 82 -10.82 6.70 -5.58
C GLN A 82 -11.66 7.86 -5.04
N ALA A 83 -12.94 7.59 -4.78
CA ALA A 83 -13.86 8.62 -4.28
C ALA A 83 -13.37 9.20 -2.96
N GLY A 84 -13.67 10.48 -2.74
CA GLY A 84 -13.25 11.13 -1.51
C GLY A 84 -12.00 11.95 -1.71
N ALA A 85 -12.13 13.27 -1.58
CA ALA A 85 -11.00 14.18 -1.71
C ALA A 85 -10.15 14.16 -0.45
N GLN A 86 -9.61 13.00 -0.16
CA GLN A 86 -8.83 12.76 1.05
C GLN A 86 -7.49 12.14 0.69
N SER A 87 -6.46 12.53 1.43
CA SER A 87 -5.18 11.85 1.31
C SER A 87 -5.27 10.51 2.05
N LYS A 88 -5.05 9.43 1.33
CA LYS A 88 -5.29 8.11 1.88
C LYS A 88 -4.20 7.13 1.47
N ALA A 89 -3.99 6.11 2.28
CA ALA A 89 -2.94 5.15 2.03
C ALA A 89 -3.48 3.73 2.02
N ILE A 90 -2.96 2.93 1.10
CA ILE A 90 -3.31 1.53 1.03
C ILE A 90 -2.04 0.71 1.15
N VAL A 91 -1.96 -0.12 2.19
CA VAL A 91 -0.77 -0.89 2.47
C VAL A 91 -1.00 -2.36 2.19
N PHE A 92 -0.13 -2.94 1.37
CA PHE A 92 -0.21 -4.36 1.05
C PHE A 92 0.92 -5.10 1.75
N LEU A 93 0.56 -5.95 2.70
CA LEU A 93 1.54 -6.71 3.46
C LEU A 93 1.65 -8.14 2.95
N PHE A 94 2.87 -8.55 2.61
CA PHE A 94 3.11 -9.90 2.18
C PHE A 94 3.77 -10.68 3.32
N MET A 95 3.00 -11.55 3.96
CA MET A 95 3.46 -12.25 5.16
C MET A 95 4.28 -13.49 4.83
N THR A 96 4.15 -13.98 3.61
CA THR A 96 4.87 -15.16 3.20
C THR A 96 5.76 -14.85 2.00
N GLN A 97 6.90 -15.52 1.92
CA GLN A 97 7.85 -15.28 0.83
C GLN A 97 7.28 -15.85 -0.48
N ASP A 98 6.42 -16.85 -0.35
CA ASP A 98 5.69 -17.38 -1.51
C ASP A 98 4.91 -16.26 -2.19
N ALA A 99 4.27 -15.42 -1.39
CA ALA A 99 3.48 -14.31 -1.91
C ALA A 99 4.39 -13.22 -2.48
N LEU A 100 5.56 -13.02 -1.88
CA LEU A 100 6.49 -11.98 -2.33
C LEU A 100 7.08 -12.39 -3.68
N ASP A 101 7.54 -13.64 -3.74
CA ASP A 101 8.17 -14.17 -4.95
C ASP A 101 7.19 -14.20 -6.11
N LYS A 102 5.98 -14.65 -5.82
CA LYS A 102 4.92 -14.69 -6.82
C LYS A 102 4.61 -13.30 -7.35
N PHE A 103 4.50 -12.34 -6.43
CA PHE A 103 4.20 -10.95 -6.77
C PHE A 103 5.29 -10.38 -7.67
N ARG A 104 6.53 -10.74 -7.35
CA ARG A 104 7.70 -10.30 -8.11
C ARG A 104 7.64 -10.79 -9.55
N ASN A 105 7.19 -12.03 -9.75
CA ASN A 105 7.21 -12.62 -11.08
C ASN A 105 5.95 -12.29 -11.86
N SER A 106 4.91 -11.85 -11.17
CA SER A 106 3.64 -11.56 -11.83
C SER A 106 3.63 -10.18 -12.45
N ASP A 107 3.13 -10.08 -13.67
CA ASP A 107 2.99 -8.80 -14.34
C ASP A 107 1.52 -8.45 -14.44
N GLY A 108 1.12 -7.40 -13.73
CA GLY A 108 -0.27 -7.05 -13.65
C GLY A 108 -0.97 -7.80 -12.54
N TRP A 109 -0.79 -7.33 -11.32
CA TRP A 109 -1.28 -8.02 -10.15
C TRP A 109 -2.59 -7.39 -9.68
N ALA A 110 -3.64 -8.19 -9.57
CA ALA A 110 -4.93 -7.69 -9.14
C ALA A 110 -5.34 -8.29 -7.79
N ALA A 111 -5.90 -7.44 -6.93
CA ALA A 111 -6.26 -7.85 -5.59
C ALA A 111 -7.44 -8.82 -5.62
N GLY A 112 -7.26 -9.99 -5.00
CA GLY A 112 -8.32 -10.96 -4.93
C GLY A 112 -8.34 -11.88 -6.13
N ALA A 113 -7.75 -11.43 -7.22
CA ALA A 113 -7.73 -12.20 -8.46
C ALA A 113 -6.53 -13.13 -8.51
N ASP A 114 -5.39 -12.67 -8.00
CA ASP A 114 -4.18 -13.47 -8.00
C ASP A 114 -3.88 -14.01 -6.61
N ALA A 115 -3.92 -13.14 -5.61
CA ALA A 115 -3.67 -13.54 -4.24
C ALA A 115 -4.93 -13.42 -3.38
N SER A 116 -5.12 -14.35 -2.47
CA SER A 116 -6.21 -14.27 -1.51
C SER A 116 -5.87 -13.22 -0.45
N VAL A 117 -6.46 -12.04 -0.59
CA VAL A 117 -6.14 -10.93 0.30
C VAL A 117 -7.26 -10.68 1.32
N ALA A 118 -6.84 -10.20 2.49
CA ALA A 118 -7.75 -9.93 3.59
C ALA A 118 -7.54 -8.52 4.11
N LEU A 119 -8.62 -7.85 4.47
CA LEU A 119 -8.54 -6.50 5.00
C LEU A 119 -8.37 -6.55 6.51
N VAL A 120 -7.34 -5.86 7.01
CA VAL A 120 -7.05 -5.88 8.44
C VAL A 120 -7.79 -4.75 9.15
N LYS A 121 -8.37 -5.07 10.30
CA LYS A 121 -9.09 -4.09 11.10
C LYS A 121 -8.52 -4.06 12.50
N MET A 122 -8.30 -2.86 13.03
CA MET A 122 -7.78 -2.70 14.38
C MET A 122 -8.81 -3.16 15.40
N GLY A 123 -8.32 -3.67 16.53
CA GLY A 123 -9.19 -4.21 17.54
C GLY A 123 -9.83 -3.13 18.39
N ALA A 124 -10.75 -3.53 19.26
CA ALA A 124 -11.48 -2.58 20.10
C ALA A 124 -10.54 -1.91 21.11
N ASN A 125 -9.35 -2.47 21.28
CA ASN A 125 -8.34 -1.88 22.15
C ASN A 125 -7.68 -0.68 21.46
N GLY A 126 -7.99 -0.48 20.18
CA GLY A 126 -7.43 0.63 19.44
C GLY A 126 -6.11 0.28 18.79
N ALA A 127 -5.78 -1.00 18.80
CA ALA A 127 -4.54 -1.48 18.21
C ALA A 127 -4.81 -2.68 17.33
N ILE A 128 -3.94 -2.90 16.35
CA ILE A 128 -4.08 -4.05 15.48
C ILE A 128 -3.68 -5.33 16.19
N ASP A 129 -4.61 -6.27 16.23
CA ASP A 129 -4.35 -7.56 16.83
C ASP A 129 -3.55 -8.42 15.85
N THR A 130 -2.26 -8.54 16.11
CA THR A 130 -1.34 -9.23 15.20
C THR A 130 -1.65 -10.73 15.10
N THR A 131 -2.26 -11.28 16.15
CA THR A 131 -2.62 -12.68 16.16
C THR A 131 -3.86 -12.95 15.29
N THR A 132 -4.47 -11.90 14.77
CA THR A 132 -5.60 -12.03 13.86
C THR A 132 -5.10 -12.16 12.41
N ALA A 133 -3.80 -11.99 12.22
CA ALA A 133 -3.19 -12.15 10.90
C ALA A 133 -3.36 -13.59 10.42
N THR A 134 -3.86 -13.75 9.20
CA THR A 134 -4.17 -15.08 8.68
C THR A 134 -3.78 -15.23 7.21
N ALA A 135 -4.26 -14.31 6.39
CA ALA A 135 -4.03 -14.37 4.94
C ALA A 135 -2.54 -14.17 4.63
N PRO A 136 -2.07 -14.69 3.49
CA PRO A 136 -0.67 -14.50 3.07
C PRO A 136 -0.42 -13.07 2.61
N VAL A 137 -1.50 -12.41 2.20
CA VAL A 137 -1.46 -11.00 1.86
C VAL A 137 -2.53 -10.28 2.65
N GLU A 138 -2.13 -9.29 3.42
CA GLU A 138 -3.05 -8.62 4.32
C GLU A 138 -2.99 -7.12 4.09
N VAL A 139 -4.16 -6.51 3.99
CA VAL A 139 -4.28 -5.15 3.51
C VAL A 139 -4.72 -4.19 4.61
N ILE A 140 -3.94 -3.14 4.79
CA ILE A 140 -4.25 -2.09 5.75
C ILE A 140 -4.60 -0.80 5.01
N VAL A 141 -5.83 -0.34 5.15
CA VAL A 141 -6.23 0.91 4.52
C VAL A 141 -6.32 2.04 5.55
N LEU A 142 -5.46 3.03 5.40
CA LEU A 142 -5.41 4.13 6.34
C LEU A 142 -6.09 5.36 5.77
N THR A 143 -7.13 5.79 6.44
CA THR A 143 -7.80 7.03 6.11
C THR A 143 -7.39 8.10 7.13
N ASN A 144 -7.85 9.33 6.97
CA ASN A 144 -7.51 10.37 7.93
C ASN A 144 -8.09 10.03 9.31
N ALA A 145 -9.21 9.31 9.32
CA ALA A 145 -9.87 8.93 10.56
C ALA A 145 -9.36 7.57 11.06
N GLY A 146 -8.23 7.12 10.53
CA GLY A 146 -7.65 5.88 10.97
C GLY A 146 -7.94 4.74 10.00
N LEU A 147 -7.94 3.52 10.51
CA LEU A 147 -8.21 2.36 9.67
C LEU A 147 -9.70 2.19 9.45
N MET A 148 -10.08 2.00 8.20
CA MET A 148 -11.47 1.82 7.86
C MET A 148 -11.72 0.38 7.41
N GLY A 149 -12.53 -0.35 8.15
CA GLY A 149 -12.72 -1.76 7.88
C GLY A 149 -13.93 -2.03 7.02
N ASP A 150 -14.27 -1.06 6.17
CA ASP A 150 -15.42 -1.17 5.30
C ASP A 150 -15.04 -0.79 3.87
N VAL A 151 -13.85 -1.22 3.46
CA VAL A 151 -13.35 -0.93 2.13
C VAL A 151 -13.05 -2.24 1.39
N SER A 152 -13.51 -2.34 0.15
CA SER A 152 -13.24 -3.50 -0.67
C SER A 152 -12.29 -3.12 -1.80
N ILE A 153 -11.09 -3.70 -1.78
CA ILE A 153 -10.06 -3.36 -2.76
C ILE A 153 -10.21 -4.18 -4.05
N SER A 154 -11.35 -4.80 -4.23
CA SER A 154 -11.63 -5.54 -5.46
C SER A 154 -11.59 -4.60 -6.66
N GLY A 155 -10.84 -4.97 -7.69
CA GLY A 155 -10.71 -4.14 -8.87
C GLY A 155 -9.41 -3.36 -8.89
N THR A 156 -8.65 -3.41 -7.81
CA THR A 156 -7.37 -2.72 -7.75
C THR A 156 -6.29 -3.52 -8.48
N LYS A 157 -5.69 -2.90 -9.48
CA LYS A 157 -4.63 -3.53 -10.26
C LYS A 157 -3.34 -2.74 -10.15
N VAL A 158 -2.23 -3.43 -9.90
CA VAL A 158 -0.93 -2.78 -9.78
C VAL A 158 0.00 -3.21 -10.90
N THR A 159 0.68 -2.24 -11.49
CA THR A 159 1.63 -2.50 -12.55
C THR A 159 3.03 -2.03 -12.11
N LYS A 160 4.06 -2.62 -12.73
CA LYS A 160 5.44 -2.34 -12.34
C LYS A 160 5.97 -1.11 -13.09
N LEU A 161 6.51 -0.16 -12.34
CA LEU A 161 7.18 0.97 -12.93
C LEU A 161 8.64 0.63 -13.15
N LYS A 162 9.13 0.80 -14.37
CA LYS A 162 10.48 0.40 -14.69
C LYS A 162 11.46 1.55 -14.48
N ILE A 163 11.67 1.90 -13.22
CA ILE A 163 12.65 2.91 -12.84
C ILE A 163 13.64 2.30 -11.86
#